data_4MOK
#
_entry.id   4MOK
#
_cell.length_a   99.875
_cell.length_b   102.295
_cell.length_c   136.957
_cell.angle_alpha   90.00
_cell.angle_beta   90.78
_cell.angle_gamma   90.00
#
_symmetry.space_group_name_H-M   'P 1 21 1'
#
loop_
_entity.id
_entity.type
_entity.pdbx_description
1 polymer 'Pyranose 2-oxidase'
2 non-polymer 'FLAVIN-ADENINE DINUCLEOTIDE'
3 non-polymer 'DODECAETHYLENE GLYCOL'
4 non-polymer '2-(N-MORPHOLINO)-ETHANESULFONIC ACID'
5 water water
#
_entity_poly.entity_id   1
_entity_poly.type   'polypeptide(L)'
_entity_poly.pdbx_seq_one_letter_code
;MATSSSDPFFNFAKSSFRSAAAQKASASSLPPLPGPDKKVPGMDIKYDVVIVGSGPIGCTYARELVGAGYKVAMFDIGEI
DSGLKIGAHKKNTVEYQKNIDKFVNVIQGQLMSVSVPVNTLVVDTLSPTSWQASTFFVRNGSNPEQDPLRNLSGQAVTRV
VGGMSTAWTCATPRFDREQRPLLVKDDADADDAEWDRLYTKAESYFQTGTDQFKESIRHNLVLNKLTEEYKGQRDFQQIP
LAATRRSPTFVEWSSANTVFDLQNRPNTDAPEERFNLFPAVACERVVRNALNSEIESLHIHDLISGDRFEIKADVYVLTA
GAVHNTQLLVNSGFGQLGRPNPANPPELLPSLGSYITEQSLVFCQTVMSTELIDSVKSDMTIRGTPGELTYSVTYTPGAS
TNKHPDWWNEKVKNHMMQHQEDPLPIPFEDPEPQVTTLFQPSHPWHTQIHRDAFSYGAVQQSIDSRLIVDWRFFGRTEPK
EENKLWFSDKITDAYNMPQPTFDFRFPAGRTSKEAEDMMTDMCVMSAKIGGFLPGSLPQFMEPGLVLHLGGTHRMGFDEK
EDNCCVNTDSRVFGFKNLFLGGCGNIPTAYGANPTLTAMSLAIKSCEYIKQNFTPSPFTSEAAAALEHHHHHH
;
_entity_poly.pdbx_strand_id   A,B,C,D
#
loop_
_chem_comp.id
_chem_comp.type
_chem_comp.name
_chem_comp.formula
12P non-polymer 'DODECAETHYLENE GLYCOL' 'C24 H50 O13'
FAD non-polymer 'FLAVIN-ADENINE DINUCLEOTIDE' 'C27 H33 N9 O15 P2'
MES non-polymer '2-(N-MORPHOLINO)-ETHANESULFONIC ACID' 'C6 H13 N O4 S'
#
# COMPACT_ATOMS: atom_id res chain seq x y z
N MET A 43 4.75 -33.86 39.29
CA MET A 43 4.28 -34.90 38.32
C MET A 43 4.39 -36.36 38.78
N ASP A 44 3.25 -37.07 38.80
CA ASP A 44 3.23 -38.54 39.01
C ASP A 44 3.67 -39.31 37.77
N ILE A 45 3.96 -40.58 37.96
CA ILE A 45 4.09 -41.43 36.80
C ILE A 45 2.66 -41.79 36.28
N LYS A 46 1.64 -41.84 37.18
CA LYS A 46 0.32 -42.54 36.89
C LYS A 46 -0.99 -41.74 37.10
N TYR A 47 -1.78 -41.57 36.05
CA TYR A 47 -3.10 -40.92 36.12
C TYR A 47 -4.27 -41.89 35.65
N ASP A 48 -5.52 -41.58 35.97
CA ASP A 48 -6.64 -42.29 35.37
C ASP A 48 -6.79 -41.82 33.93
N VAL A 49 -6.71 -40.51 33.73
CA VAL A 49 -6.92 -39.92 32.39
C VAL A 49 -5.87 -38.88 32.09
N VAL A 50 -5.34 -38.86 30.88
CA VAL A 50 -4.49 -37.77 30.55
C VAL A 50 -5.13 -37.09 29.35
N ILE A 51 -5.12 -35.74 29.34
CA ILE A 51 -5.62 -34.98 28.27
C ILE A 51 -4.53 -34.11 27.66
N VAL A 52 -4.36 -34.15 26.33
CA VAL A 52 -3.43 -33.29 25.66
C VAL A 52 -4.21 -32.13 25.08
N GLY A 53 -3.88 -30.91 25.54
CA GLY A 53 -4.55 -29.71 25.10
C GLY A 53 -5.53 -29.19 26.14
N SER A 54 -5.41 -27.89 26.41
CA SER A 54 -6.25 -27.20 27.37
C SER A 54 -7.21 -26.20 26.75
N GLY A 55 -7.56 -26.44 25.49
CA GLY A 55 -8.61 -25.68 24.81
C GLY A 55 -9.95 -26.08 25.31
N PRO A 56 -11.00 -25.48 24.76
CA PRO A 56 -12.33 -25.74 25.28
C PRO A 56 -12.77 -27.18 25.13
N ILE A 57 -12.18 -27.90 24.15
CA ILE A 57 -12.55 -29.33 24.01
C ILE A 57 -11.84 -30.17 25.06
N GLY A 58 -10.57 -29.89 25.31
CA GLY A 58 -9.92 -30.56 26.41
C GLY A 58 -10.54 -30.25 27.74
N CYS A 59 -10.92 -28.99 27.92
CA CYS A 59 -11.66 -28.66 29.14
C CYS A 59 -13.03 -29.35 29.26
N THR A 60 -13.62 -29.79 28.16
CA THR A 60 -14.92 -30.49 28.23
C THR A 60 -14.69 -31.90 28.87
N TYR A 61 -13.63 -32.58 28.38
CA TYR A 61 -13.22 -33.85 28.96
C TYR A 61 -12.82 -33.62 30.41
N ALA A 62 -12.08 -32.54 30.72
CA ALA A 62 -11.69 -32.33 32.12
C ALA A 62 -12.94 -32.16 32.92
N ARG A 63 -13.82 -31.28 32.46
CA ARG A 63 -15.00 -31.01 33.28
C ARG A 63 -15.84 -32.25 33.58
N GLU A 64 -16.04 -33.06 32.55
CA GLU A 64 -16.85 -34.29 32.73
C GLU A 64 -16.11 -35.26 33.60
N LEU A 65 -14.82 -35.47 33.33
CA LEU A 65 -14.07 -36.57 33.97
C LEU A 65 -13.58 -36.23 35.39
N VAL A 66 -13.12 -35.01 35.57
CA VAL A 66 -12.85 -34.55 36.92
C VAL A 66 -14.08 -34.64 37.83
N GLY A 67 -15.23 -34.19 37.34
CA GLY A 67 -16.47 -34.23 38.08
C GLY A 67 -16.90 -35.63 38.42
N ALA A 68 -16.60 -36.60 37.56
CA ALA A 68 -16.98 -37.98 37.79
C ALA A 68 -15.95 -38.70 38.68
N GLY A 69 -14.90 -38.00 39.11
CA GLY A 69 -13.99 -38.48 40.15
C GLY A 69 -12.73 -39.17 39.64
N TYR A 70 -12.42 -39.01 38.35
CA TYR A 70 -11.20 -39.55 37.80
C TYR A 70 -9.98 -38.66 38.16
N LYS A 71 -8.82 -39.30 38.29
CA LYS A 71 -7.55 -38.62 38.49
C LYS A 71 -7.06 -38.18 37.13
N VAL A 72 -7.11 -36.90 36.91
CA VAL A 72 -6.84 -36.32 35.56
C VAL A 72 -5.60 -35.41 35.51
N ALA A 73 -4.78 -35.56 34.43
CA ALA A 73 -3.70 -34.68 34.18
C ALA A 73 -3.95 -34.12 32.81
N MET A 74 -3.56 -32.86 32.62
CA MET A 74 -3.74 -32.23 31.32
C MET A 74 -2.48 -31.52 31.03
N PHE A 75 -2.00 -31.64 29.78
CA PHE A 75 -0.72 -31.08 29.37
C PHE A 75 -1.02 -30.07 28.30
N ASP A 76 -0.36 -28.90 28.32
CA ASP A 76 -0.48 -28.04 27.19
C ASP A 76 0.93 -27.49 26.87
N ILE A 77 1.25 -27.40 25.61
CA ILE A 77 2.52 -26.97 25.16
C ILE A 77 2.70 -25.48 25.42
N GLY A 78 1.60 -24.75 25.52
CA GLY A 78 1.67 -23.32 25.77
C GLY A 78 1.55 -23.01 27.25
N GLU A 79 1.46 -21.74 27.58
CA GLU A 79 1.56 -21.30 28.98
C GLU A 79 0.35 -20.50 29.41
N ILE A 80 0.22 -20.33 30.72
CA ILE A 80 -0.82 -19.53 31.32
C ILE A 80 -0.63 -18.06 30.94
N ASP A 81 -1.68 -17.48 30.37
CA ASP A 81 -1.67 -16.20 29.62
C ASP A 81 -2.92 -15.26 29.69
N SER A 82 -3.87 -15.51 30.59
CA SER A 82 -5.15 -14.79 30.59
C SER A 82 -5.45 -14.20 32.01
N GLY A 83 -4.41 -13.93 32.80
CA GLY A 83 -4.61 -13.43 34.13
C GLY A 83 -4.85 -14.57 35.11
N LEU A 84 -5.47 -14.27 36.24
CA LEU A 84 -5.62 -15.22 37.29
C LEU A 84 -6.68 -16.26 36.96
N LYS A 85 -7.54 -15.98 36.00
CA LYS A 85 -8.51 -16.92 35.57
C LYS A 85 -7.85 -17.72 34.43
N ILE A 86 -7.47 -18.96 34.72
CA ILE A 86 -6.60 -19.74 33.88
C ILE A 86 -7.39 -20.12 32.62
N GLY A 87 -6.86 -19.78 31.47
CA GLY A 87 -7.51 -20.19 30.23
C GLY A 87 -8.68 -19.33 29.82
N ALA A 88 -8.83 -18.17 30.45
CA ALA A 88 -9.95 -17.25 30.24
C ALA A 88 -9.78 -16.44 28.94
N HIS A 89 -10.85 -15.75 28.54
CA HIS A 89 -10.83 -14.97 27.27
C HIS A 89 -10.08 -13.73 27.48
N LYS A 90 -9.06 -13.51 26.67
CA LYS A 90 -8.24 -12.32 26.78
C LYS A 90 -8.93 -10.98 26.49
N LYS A 91 -10.11 -11.03 25.89
CA LYS A 91 -10.90 -9.84 25.54
C LYS A 91 -11.67 -9.35 26.80
N ASN A 92 -11.62 -10.11 27.88
CA ASN A 92 -12.32 -9.74 29.11
C ASN A 92 -11.55 -8.81 29.96
N THR A 93 -10.99 -7.80 29.34
CA THR A 93 -10.44 -6.74 30.10
C THR A 93 -11.26 -5.46 29.81
N VAL A 94 -11.38 -4.61 30.82
CA VAL A 94 -12.04 -3.35 30.63
C VAL A 94 -11.39 -2.57 29.49
N GLU A 95 -10.07 -2.61 29.42
CA GLU A 95 -9.37 -1.87 28.37
C GLU A 95 -9.63 -2.35 26.97
N TYR A 96 -9.71 -3.66 26.81
CA TYR A 96 -9.96 -4.20 25.46
C TYR A 96 -11.37 -3.91 25.10
N GLN A 97 -12.30 -4.01 26.06
CA GLN A 97 -13.67 -3.68 25.64
C GLN A 97 -13.90 -2.16 25.34
N LYS A 98 -13.03 -1.30 25.82
CA LYS A 98 -13.02 0.09 25.43
C LYS A 98 -12.28 0.38 24.17
N ASN A 99 -11.48 -0.57 23.65
CA ASN A 99 -10.54 -0.30 22.55
C ASN A 99 -10.55 -1.59 21.70
N ILE A 100 -11.72 -1.97 21.23
CA ILE A 100 -11.92 -3.31 20.70
C ILE A 100 -11.12 -3.59 19.41
N ASP A 101 -10.86 -2.54 18.64
CA ASP A 101 -9.97 -2.61 17.49
C ASP A 101 -8.56 -3.13 17.81
N LYS A 102 -8.11 -2.87 19.06
CA LYS A 102 -6.77 -3.32 19.49
C LYS A 102 -6.69 -4.79 19.68
N PHE A 103 -7.84 -5.41 19.94
CA PHE A 103 -7.79 -6.86 20.23
C PHE A 103 -7.36 -7.64 19.00
N VAL A 104 -7.53 -7.09 17.77
CA VAL A 104 -7.05 -7.80 16.57
C VAL A 104 -5.57 -8.15 16.75
N ASN A 105 -4.84 -7.28 17.42
CA ASN A 105 -3.37 -7.46 17.52
C ASN A 105 -3.09 -8.58 18.45
N VAL A 106 -3.89 -8.73 19.51
CA VAL A 106 -3.74 -9.87 20.37
C VAL A 106 -3.93 -11.16 19.58
N ILE A 107 -4.98 -11.21 18.76
CA ILE A 107 -5.26 -12.46 18.03
C ILE A 107 -4.05 -12.73 17.12
N GLN A 108 -3.62 -11.70 16.40
CA GLN A 108 -2.55 -11.89 15.42
C GLN A 108 -1.28 -12.37 16.11
N GLY A 109 -1.03 -11.82 17.29
CA GLY A 109 0.13 -12.22 18.06
C GLY A 109 0.19 -13.67 18.51
N GLN A 110 -0.92 -14.36 18.54
CA GLN A 110 -0.88 -15.74 19.02
C GLN A 110 -1.25 -16.69 17.92
N LEU A 111 -1.43 -16.21 16.71
CA LEU A 111 -1.78 -17.16 15.65
C LEU A 111 -0.53 -17.43 14.87
N MET A 112 -0.03 -18.64 14.97
CA MET A 112 1.23 -19.03 14.26
C MET A 112 0.85 -19.86 13.00
N SER A 113 1.19 -19.37 11.80
CA SER A 113 0.78 -20.01 10.59
C SER A 113 1.24 -21.45 10.51
N VAL A 114 0.43 -22.30 9.92
CA VAL A 114 0.69 -23.73 9.95
C VAL A 114 1.69 -24.15 8.91
N SER A 115 1.54 -23.63 7.66
CA SER A 115 2.44 -24.02 6.63
C SER A 115 2.64 -22.84 5.70
N VAL A 116 3.85 -22.32 5.71
CA VAL A 116 4.22 -21.13 4.97
C VAL A 116 5.13 -21.63 3.82
N PRO A 117 4.69 -21.45 2.59
CA PRO A 117 5.51 -21.94 1.52
C PRO A 117 6.77 -21.10 1.39
N VAL A 118 7.76 -21.61 0.69
CA VAL A 118 9.02 -20.88 0.52
C VAL A 118 8.73 -19.59 -0.24
N ASN A 119 9.38 -18.52 0.15
CA ASN A 119 9.08 -17.20 -0.31
C ASN A 119 9.86 -16.92 -1.57
N THR A 120 9.20 -16.42 -2.61
CA THR A 120 9.79 -16.15 -3.87
C THR A 120 9.66 -14.68 -4.30
N LEU A 121 9.46 -13.81 -3.33
CA LEU A 121 9.39 -12.40 -3.59
C LEU A 121 10.76 -11.90 -4.05
N VAL A 122 10.73 -11.09 -5.11
CA VAL A 122 11.96 -10.59 -5.69
C VAL A 122 12.32 -9.27 -5.02
N VAL A 123 13.45 -9.24 -4.37
CA VAL A 123 14.00 -8.00 -3.85
C VAL A 123 15.27 -7.78 -4.61
N ASP A 124 15.25 -6.76 -5.45
CA ASP A 124 16.37 -6.51 -6.37
C ASP A 124 16.88 -5.07 -6.23
N THR A 125 16.64 -4.45 -5.09
CA THR A 125 17.14 -3.13 -4.82
C THR A 125 17.98 -3.16 -3.49
N LEU A 126 18.56 -4.32 -3.13
CA LEU A 126 19.59 -4.39 -2.10
C LEU A 126 20.82 -3.64 -2.59
N SER A 127 21.57 -3.15 -1.61
CA SER A 127 22.85 -2.53 -1.96
C SER A 127 23.73 -3.65 -2.57
N PRO A 128 24.50 -3.32 -3.58
CA PRO A 128 25.49 -4.32 -4.03
C PRO A 128 26.45 -4.87 -2.99
N THR A 129 26.68 -4.20 -1.86
CA THR A 129 27.49 -4.78 -0.74
C THR A 129 26.79 -5.79 0.13
N SER A 130 25.46 -5.84 0.13
CA SER A 130 24.77 -6.76 1.00
C SER A 130 24.79 -8.17 0.53
N TRP A 131 24.88 -9.10 1.47
CA TRP A 131 24.79 -10.47 1.14
C TRP A 131 23.44 -10.79 0.50
N GLN A 132 23.51 -11.51 -0.60
CA GLN A 132 22.35 -11.76 -1.45
C GLN A 132 22.38 -13.19 -1.88
N ALA A 133 21.23 -13.79 -1.76
CA ALA A 133 20.97 -15.15 -2.17
C ALA A 133 21.03 -15.30 -3.67
N SER A 134 21.44 -16.47 -4.12
CA SER A 134 21.31 -16.84 -5.55
C SER A 134 20.03 -17.58 -5.81
N THR A 135 19.43 -18.12 -4.77
CA THR A 135 18.21 -18.86 -4.90
C THR A 135 17.18 -18.45 -3.80
N PHE A 136 15.95 -18.90 -3.99
CA PHE A 136 14.94 -18.75 -3.01
C PHE A 136 15.03 -19.92 -2.05
N PHE A 137 15.99 -19.83 -1.13
CA PHE A 137 16.29 -21.01 -0.29
C PHE A 137 15.36 -21.09 0.90
N VAL A 138 15.36 -22.22 1.60
CA VAL A 138 14.47 -22.45 2.71
C VAL A 138 14.97 -21.58 3.87
N ARG A 139 14.10 -20.70 4.35
CA ARG A 139 14.44 -19.48 5.10
C ARG A 139 13.30 -19.29 6.13
N ASN A 140 13.65 -18.75 7.29
CA ASN A 140 12.67 -18.09 8.15
C ASN A 140 11.49 -19.03 8.52
N GLY A 141 11.73 -20.34 8.60
CA GLY A 141 10.71 -21.26 9.09
C GLY A 141 9.84 -21.83 7.98
N SER A 142 10.10 -21.46 6.73
CA SER A 142 9.24 -21.88 5.66
C SER A 142 9.26 -23.39 5.35
N ASN A 143 8.21 -23.86 4.70
CA ASN A 143 7.96 -25.28 4.45
C ASN A 143 8.17 -25.62 2.96
N PRO A 144 9.34 -26.22 2.62
CA PRO A 144 9.59 -26.53 1.21
C PRO A 144 8.73 -27.63 0.65
N GLU A 145 7.98 -28.31 1.49
CA GLU A 145 7.01 -29.29 1.02
C GLU A 145 5.77 -28.66 0.42
N GLN A 146 5.49 -27.40 0.78
CA GLN A 146 4.14 -26.83 0.58
C GLN A 146 4.02 -26.25 -0.81
N ASP A 147 3.07 -26.78 -1.57
CA ASP A 147 2.69 -26.11 -2.85
C ASP A 147 1.98 -24.81 -2.48
N PRO A 148 2.51 -23.61 -2.85
CA PRO A 148 1.79 -22.39 -2.44
C PRO A 148 0.39 -22.26 -3.00
N LEU A 149 0.13 -22.96 -4.10
CA LEU A 149 -1.17 -22.91 -4.76
C LEU A 149 -2.19 -23.95 -4.29
N ARG A 150 -1.80 -24.81 -3.35
CA ARG A 150 -2.74 -25.80 -2.82
C ARG A 150 -2.62 -25.80 -1.31
N ASN A 151 -2.65 -24.61 -0.76
CA ASN A 151 -2.43 -24.35 0.67
C ASN A 151 -3.71 -23.91 1.37
N LEU A 152 -3.72 -23.99 2.72
CA LEU A 152 -4.63 -23.15 3.51
C LEU A 152 -3.67 -22.14 4.13
N SER A 153 -3.31 -21.13 3.40
CA SER A 153 -2.26 -20.31 3.88
C SER A 153 -2.71 -19.59 5.14
N GLY A 154 -4.00 -19.40 5.29
CA GLY A 154 -4.46 -18.65 6.48
C GLY A 154 -4.57 -19.52 7.69
N GLN A 155 -4.47 -20.83 7.51
CA GLN A 155 -4.53 -21.71 8.74
C GLN A 155 -3.41 -21.37 9.76
N ALA A 156 -3.73 -21.39 11.07
CA ALA A 156 -2.76 -21.02 12.04
C ALA A 156 -3.21 -21.70 13.32
N VAL A 157 -2.30 -21.80 14.26
CA VAL A 157 -2.57 -22.48 15.53
C VAL A 157 -2.15 -21.56 16.63
N THR A 158 -2.66 -21.83 17.81
CA THR A 158 -2.37 -21.04 18.98
C THR A 158 -1.88 -21.95 20.11
N ARG A 159 -0.73 -21.60 20.73
CA ARG A 159 -0.17 -22.42 21.84
C ARG A 159 -0.19 -21.61 23.08
N VAL A 160 -1.28 -21.67 23.79
CA VAL A 160 -1.47 -20.90 25.06
C VAL A 160 -2.48 -21.71 25.85
N VAL A 161 -2.44 -21.67 27.18
CA VAL A 161 -3.44 -22.41 27.91
C VAL A 161 -4.83 -21.82 27.63
N GLY A 162 -5.85 -22.69 27.40
CA GLY A 162 -7.15 -22.27 26.88
C GLY A 162 -7.23 -22.27 25.33
N GLY A 163 -6.10 -22.52 24.68
CA GLY A 163 -6.08 -22.58 23.21
C GLY A 163 -6.66 -21.37 22.53
N MET A 164 -7.31 -21.60 21.40
CA MET A 164 -7.97 -20.51 20.66
C MET A 164 -9.15 -19.88 21.37
N SER A 165 -9.65 -20.46 22.48
CA SER A 165 -10.76 -19.90 23.20
C SER A 165 -10.32 -18.72 24.07
N THR A 166 -9.02 -18.41 24.13
CA THR A 166 -8.56 -17.19 24.71
C THR A 166 -8.80 -15.98 23.84
N ALA A 167 -9.14 -16.24 22.58
CA ALA A 167 -9.24 -15.18 21.54
C ALA A 167 -10.50 -15.26 20.70
N TRP A 168 -11.29 -16.32 20.77
CA TRP A 168 -12.35 -16.54 19.80
C TRP A 168 -13.52 -15.58 19.87
N THR A 169 -14.45 -15.68 18.91
CA THR A 169 -15.56 -14.75 18.83
C THR A 169 -16.82 -15.33 19.43
N CYS A 170 -16.73 -16.51 20.08
CA CYS A 170 -17.80 -17.10 20.91
C CYS A 170 -19.10 -17.47 20.24
N ALA A 171 -19.17 -17.47 18.90
CA ALA A 171 -20.40 -17.82 18.20
C ALA A 171 -20.61 -19.33 18.36
N THR A 172 -21.71 -19.73 18.96
CA THR A 172 -21.99 -21.12 19.18
C THR A 172 -23.35 -21.59 18.69
N PRO A 173 -23.55 -21.64 17.36
CA PRO A 173 -24.79 -22.19 16.82
C PRO A 173 -24.82 -23.70 16.80
N ARG A 174 -26.02 -24.26 16.84
CA ARG A 174 -26.18 -25.66 16.56
C ARG A 174 -26.14 -25.89 15.09
N PHE A 175 -25.69 -27.08 14.73
CA PHE A 175 -25.84 -27.55 13.33
C PHE A 175 -27.23 -28.13 13.11
N ASP A 176 -27.81 -27.85 11.95
CA ASP A 176 -29.07 -28.51 11.58
C ASP A 176 -28.67 -29.86 10.98
N ARG A 177 -29.63 -30.74 10.75
CA ARG A 177 -29.34 -32.08 10.32
C ARG A 177 -28.46 -32.08 9.11
N GLU A 178 -28.69 -31.17 8.19
CA GLU A 178 -27.97 -31.22 6.97
C GLU A 178 -26.44 -31.11 7.18
N GLN A 179 -26.03 -30.43 8.25
CA GLN A 179 -24.58 -30.12 8.47
C GLN A 179 -23.89 -31.09 9.43
N ARG A 180 -24.68 -31.96 10.01
CA ARG A 180 -24.34 -32.63 11.27
C ARG A 180 -24.15 -34.17 11.06
N PRO A 181 -23.14 -34.79 11.69
CA PRO A 181 -23.02 -36.21 11.48
C PRO A 181 -24.06 -36.92 12.29
N LEU A 182 -24.35 -38.14 11.88
CA LEU A 182 -25.34 -38.98 12.54
C LEU A 182 -24.68 -39.54 13.76
N LEU A 183 -25.38 -39.49 14.90
CA LEU A 183 -25.01 -40.26 16.07
C LEU A 183 -25.85 -41.56 16.15
N VAL A 184 -27.06 -41.54 15.65
CA VAL A 184 -27.90 -42.77 15.56
C VAL A 184 -28.34 -42.97 14.09
N LYS A 185 -27.99 -44.10 13.47
CA LYS A 185 -28.45 -44.37 12.08
C LYS A 185 -29.90 -44.88 12.07
N ASP A 186 -30.62 -44.51 11.00
CA ASP A 186 -31.99 -45.01 10.77
C ASP A 186 -33.02 -44.65 11.83
N ASP A 187 -32.78 -43.63 12.63
CA ASP A 187 -33.81 -43.22 13.55
C ASP A 187 -33.60 -41.77 13.84
N ALA A 188 -34.15 -40.95 12.96
CA ALA A 188 -33.83 -39.55 12.92
C ALA A 188 -34.35 -38.90 14.19
N ASP A 189 -35.39 -39.45 14.82
CA ASP A 189 -35.90 -38.85 16.05
C ASP A 189 -35.02 -39.15 17.25
N ALA A 190 -34.46 -40.36 17.29
CA ALA A 190 -33.47 -40.72 18.30
C ALA A 190 -32.21 -39.84 18.05
N ASP A 191 -31.84 -39.65 16.78
CA ASP A 191 -30.65 -38.86 16.47
C ASP A 191 -30.88 -37.42 16.93
N ASP A 192 -32.04 -36.86 16.60
CA ASP A 192 -32.37 -35.49 17.02
C ASP A 192 -32.37 -35.35 18.54
N ALA A 193 -32.93 -36.35 19.24
CA ALA A 193 -33.00 -36.33 20.69
C ALA A 193 -31.60 -36.38 21.31
N GLU A 194 -30.75 -37.22 20.77
CA GLU A 194 -29.40 -37.28 21.28
C GLU A 194 -28.63 -35.96 21.02
N TRP A 195 -28.70 -35.40 19.81
CA TRP A 195 -28.06 -34.09 19.57
C TRP A 195 -28.61 -32.99 20.41
N ASP A 196 -29.94 -32.94 20.57
CA ASP A 196 -30.52 -31.91 21.45
C ASP A 196 -30.01 -32.01 22.89
N ARG A 197 -29.94 -33.22 23.43
CA ARG A 197 -29.48 -33.38 24.81
C ARG A 197 -28.00 -32.88 24.84
N LEU A 198 -27.21 -33.27 23.87
CA LEU A 198 -25.77 -32.98 23.97
C LEU A 198 -25.53 -31.53 23.75
N TYR A 199 -26.21 -30.93 22.77
CA TYR A 199 -26.06 -29.46 22.54
C TYR A 199 -26.55 -28.64 23.74
N THR A 200 -27.60 -29.10 24.39
CA THR A 200 -28.12 -28.34 25.50
C THR A 200 -27.06 -28.27 26.57
N LYS A 201 -26.47 -29.44 26.80
CA LYS A 201 -25.38 -29.54 27.80
C LYS A 201 -24.22 -28.68 27.40
N ALA A 202 -23.81 -28.79 26.14
CA ALA A 202 -22.72 -27.95 25.59
C ALA A 202 -22.99 -26.47 25.82
N GLU A 203 -24.21 -26.05 25.53
CA GLU A 203 -24.59 -24.71 25.68
C GLU A 203 -24.51 -24.33 27.16
N SER A 204 -24.82 -25.22 28.12
CA SER A 204 -24.69 -24.81 29.54
C SER A 204 -23.23 -24.62 29.89
N TYR A 205 -22.35 -25.43 29.29
CA TYR A 205 -20.93 -25.33 29.67
C TYR A 205 -20.31 -24.03 29.14
N PHE A 206 -20.66 -23.69 27.92
CA PHE A 206 -20.23 -22.44 27.35
C PHE A 206 -21.03 -21.20 27.80
N GLN A 207 -22.11 -21.36 28.52
CA GLN A 207 -23.05 -20.27 28.86
C GLN A 207 -23.55 -19.53 27.59
N THR A 208 -23.93 -20.31 26.60
CA THR A 208 -24.46 -19.81 25.38
C THR A 208 -25.84 -19.14 25.61
N GLY A 209 -26.09 -17.99 24.97
CA GLY A 209 -27.40 -17.33 25.08
C GLY A 209 -27.62 -16.48 23.85
N THR A 210 -28.85 -15.97 23.71
CA THR A 210 -29.18 -15.14 22.58
C THR A 210 -29.80 -13.80 22.99
N ASP A 211 -29.54 -13.38 24.24
CA ASP A 211 -30.11 -12.18 24.82
C ASP A 211 -29.11 -11.03 25.15
N GLN A 212 -27.81 -11.26 24.99
CA GLN A 212 -26.82 -10.36 25.54
C GLN A 212 -26.77 -9.05 24.81
N PHE A 213 -27.21 -9.02 23.54
CA PHE A 213 -27.19 -7.78 22.77
C PHE A 213 -28.58 -7.20 22.50
N LYS A 214 -29.56 -7.61 23.29
CA LYS A 214 -30.95 -7.27 22.93
C LYS A 214 -31.28 -5.81 23.04
N GLU A 215 -30.54 -5.05 23.86
CA GLU A 215 -30.85 -3.62 23.93
C GLU A 215 -29.90 -2.73 23.14
N SER A 216 -29.20 -3.29 22.16
CA SER A 216 -28.36 -2.46 21.31
C SER A 216 -29.20 -1.87 20.20
N ILE A 217 -29.08 -0.57 20.01
CA ILE A 217 -29.87 0.08 18.98
C ILE A 217 -29.36 -0.48 17.62
N ARG A 218 -28.03 -0.52 17.41
CA ARG A 218 -27.48 -0.99 16.09
C ARG A 218 -27.90 -2.41 15.84
N HIS A 219 -27.81 -3.25 16.85
CA HIS A 219 -28.23 -4.64 16.69
C HIS A 219 -29.69 -4.72 16.21
N ASN A 220 -30.58 -4.03 16.88
CA ASN A 220 -31.98 -4.05 16.52
C ASN A 220 -32.28 -3.33 15.22
N LEU A 221 -31.55 -2.27 14.94
CA LEU A 221 -31.73 -1.59 13.71
C LEU A 221 -31.55 -2.57 12.52
N VAL A 222 -30.44 -3.31 12.52
CA VAL A 222 -30.10 -4.27 11.43
C VAL A 222 -31.08 -5.48 11.51
N LEU A 223 -31.28 -5.99 12.70
CA LEU A 223 -32.14 -7.16 12.84
C LEU A 223 -33.52 -6.88 12.28
N ASN A 224 -34.19 -5.79 12.72
CA ASN A 224 -35.54 -5.54 12.32
C ASN A 224 -35.57 -5.25 10.82
N LYS A 225 -34.56 -4.60 10.30
CA LYS A 225 -34.58 -4.27 8.85
C LYS A 225 -34.51 -5.59 8.01
N LEU A 226 -33.63 -6.49 8.36
CA LEU A 226 -33.42 -7.72 7.65
C LEU A 226 -34.68 -8.58 7.89
N THR A 227 -35.19 -8.56 9.11
CA THR A 227 -36.45 -9.31 9.34
C THR A 227 -37.59 -8.86 8.42
N GLU A 228 -37.81 -7.56 8.31
CA GLU A 228 -38.88 -7.01 7.46
C GLU A 228 -38.59 -7.28 5.98
N GLU A 229 -37.35 -7.07 5.55
CA GLU A 229 -37.02 -7.21 4.14
C GLU A 229 -37.15 -8.65 3.66
N TYR A 230 -36.89 -9.63 4.50
CA TYR A 230 -36.94 -11.00 4.03
C TYR A 230 -38.27 -11.68 4.31
N LYS A 231 -39.20 -10.97 4.88
CA LYS A 231 -40.16 -11.58 5.74
C LYS A 231 -40.76 -12.79 5.12
N GLY A 232 -40.73 -13.86 5.83
CA GLY A 232 -41.29 -15.07 5.26
C GLY A 232 -40.34 -15.79 4.32
N GLN A 233 -39.10 -15.35 4.25
CA GLN A 233 -38.15 -16.06 3.46
C GLN A 233 -36.95 -16.54 4.30
N ARG A 234 -36.58 -15.76 5.30
CA ARG A 234 -35.43 -16.04 6.12
C ARG A 234 -35.71 -15.45 7.47
N ASP A 235 -35.35 -16.20 8.50
CA ASP A 235 -35.52 -15.72 9.86
C ASP A 235 -34.18 -15.27 10.36
N PHE A 236 -34.21 -14.26 11.21
CA PHE A 236 -33.01 -13.68 11.76
C PHE A 236 -33.13 -13.67 13.28
N GLN A 237 -32.01 -13.82 13.97
CA GLN A 237 -31.98 -13.83 15.43
C GLN A 237 -30.62 -13.31 15.83
N GLN A 238 -30.41 -13.18 17.12
CA GLN A 238 -29.09 -12.87 17.57
C GLN A 238 -28.20 -14.07 17.32
N ILE A 239 -26.95 -13.84 16.96
CA ILE A 239 -25.97 -14.93 16.89
C ILE A 239 -25.96 -15.56 18.29
N PRO A 240 -26.07 -16.90 18.41
CA PRO A 240 -25.91 -17.46 19.74
C PRO A 240 -24.45 -17.34 20.22
N LEU A 241 -24.23 -16.74 21.37
CA LEU A 241 -22.94 -16.32 21.81
C LEU A 241 -22.64 -16.94 23.16
N ALA A 242 -21.45 -17.49 23.31
CA ALA A 242 -21.02 -18.04 24.61
C ALA A 242 -20.52 -16.84 25.42
N ALA A 243 -21.41 -16.28 26.26
CA ALA A 243 -21.12 -14.97 26.86
C ALA A 243 -22.16 -14.63 27.88
N THR A 244 -21.76 -13.84 28.86
CA THR A 244 -22.69 -13.28 29.85
C THR A 244 -22.42 -11.79 29.94
N ARG A 245 -23.44 -10.98 29.89
CA ARG A 245 -23.23 -9.55 29.91
C ARG A 245 -23.06 -9.19 31.39
N ARG A 246 -22.06 -8.39 31.73
CA ARG A 246 -21.94 -7.91 33.12
C ARG A 246 -22.58 -6.56 33.35
N SER A 247 -22.52 -5.71 32.35
CA SER A 247 -22.95 -4.34 32.47
C SER A 247 -23.27 -3.84 31.07
N PRO A 248 -23.81 -2.61 30.99
CA PRO A 248 -24.13 -2.14 29.66
C PRO A 248 -22.92 -1.97 28.81
N THR A 249 -21.72 -1.93 29.41
CA THR A 249 -20.52 -1.68 28.62
C THR A 249 -19.53 -2.86 28.63
N PHE A 250 -19.86 -3.96 29.33
CA PHE A 250 -18.96 -5.12 29.43
C PHE A 250 -19.68 -6.50 29.32
N VAL A 251 -19.12 -7.34 28.44
CA VAL A 251 -19.53 -8.70 28.23
C VAL A 251 -18.42 -9.65 28.65
N GLU A 252 -18.70 -10.59 29.55
CA GLU A 252 -17.77 -11.58 29.92
C GLU A 252 -17.84 -12.71 28.89
N TRP A 253 -16.96 -12.62 27.90
CA TRP A 253 -16.86 -13.69 26.88
C TRP A 253 -16.40 -15.01 27.45
N SER A 254 -17.06 -16.08 27.07
CA SER A 254 -16.70 -17.40 27.57
C SER A 254 -15.43 -17.92 26.89
N SER A 255 -14.94 -18.99 27.46
CA SER A 255 -13.67 -19.56 27.08
C SER A 255 -13.55 -20.92 27.70
N ALA A 256 -12.40 -21.55 27.47
CA ALA A 256 -12.07 -22.82 28.09
C ALA A 256 -12.32 -22.68 29.60
N ASN A 257 -11.96 -21.55 30.16
CA ASN A 257 -12.09 -21.34 31.63
C ASN A 257 -13.52 -21.46 32.08
N THR A 258 -14.44 -21.02 31.22
CA THR A 258 -15.88 -21.08 31.54
C THR A 258 -16.30 -22.54 31.64
N VAL A 259 -15.74 -23.35 30.73
CA VAL A 259 -16.01 -24.79 30.78
C VAL A 259 -15.45 -25.49 32.04
N PHE A 260 -14.17 -25.22 32.34
CA PHE A 260 -13.48 -25.79 33.48
C PHE A 260 -12.39 -24.77 33.93
N ASP A 261 -12.34 -24.44 35.21
CA ASP A 261 -11.55 -23.31 35.65
C ASP A 261 -10.04 -23.60 35.64
N LEU A 262 -9.69 -24.84 35.43
CA LEU A 262 -8.26 -25.22 35.19
C LEU A 262 -7.40 -25.14 36.46
N GLN A 263 -8.03 -24.91 37.62
CA GLN A 263 -7.32 -24.91 38.88
C GLN A 263 -6.96 -26.32 39.29
N ASN A 264 -5.76 -26.51 39.83
CA ASN A 264 -5.40 -27.82 40.38
C ASN A 264 -6.33 -28.25 41.45
N ARG A 265 -6.59 -29.53 41.49
CA ARG A 265 -7.48 -30.12 42.49
C ARG A 265 -6.84 -31.36 43.05
N PRO A 266 -7.10 -31.63 44.31
CA PRO A 266 -8.13 -31.02 45.16
C PRO A 266 -7.84 -29.60 45.65
N ASN A 267 -8.89 -28.87 45.93
CA ASN A 267 -8.77 -27.55 46.44
C ASN A 267 -9.99 -27.31 47.29
N THR A 268 -10.06 -26.16 47.95
CA THR A 268 -11.14 -25.89 48.95
C THR A 268 -12.52 -26.03 48.39
N ASP A 269 -12.66 -25.58 47.16
CA ASP A 269 -13.89 -25.67 46.41
C ASP A 269 -14.23 -27.07 45.91
N ALA A 270 -13.21 -27.88 45.59
CA ALA A 270 -13.40 -29.25 45.04
C ALA A 270 -12.48 -30.24 45.77
N PRO A 271 -12.78 -30.52 47.04
CA PRO A 271 -11.83 -31.30 47.85
C PRO A 271 -11.67 -32.79 47.44
N GLU A 272 -12.65 -33.34 46.74
CA GLU A 272 -12.67 -34.72 46.31
C GLU A 272 -12.37 -34.92 44.85
N GLU A 273 -11.93 -33.87 44.16
CA GLU A 273 -11.51 -33.96 42.77
C GLU A 273 -9.99 -33.91 42.62
N ARG A 274 -9.52 -34.46 41.51
CA ARG A 274 -8.10 -34.61 41.23
C ARG A 274 -7.83 -34.14 39.82
N PHE A 275 -7.07 -33.06 39.70
CA PHE A 275 -6.73 -32.49 38.39
C PHE A 275 -5.41 -31.72 38.56
N ASN A 276 -4.49 -31.95 37.64
CA ASN A 276 -3.30 -31.15 37.57
C ASN A 276 -3.21 -30.70 36.13
N LEU A 277 -2.93 -29.42 35.94
CA LEU A 277 -2.57 -28.91 34.63
C LEU A 277 -1.07 -28.67 34.56
N PHE A 278 -0.45 -29.08 33.44
CA PHE A 278 0.96 -28.90 33.28
C PHE A 278 1.19 -28.10 32.04
N PRO A 279 1.42 -26.79 32.21
CA PRO A 279 1.73 -25.98 31.03
C PRO A 279 3.19 -26.12 30.58
N ALA A 280 3.47 -25.67 29.37
CA ALA A 280 4.78 -25.73 28.78
C ALA A 280 5.30 -27.16 28.66
N VAL A 281 4.39 -28.08 28.28
CA VAL A 281 4.82 -29.43 28.09
C VAL A 281 4.35 -29.87 26.71
N ALA A 282 5.29 -30.17 25.83
CA ALA A 282 5.00 -30.65 24.47
C ALA A 282 4.76 -32.11 24.50
N CYS A 283 3.54 -32.51 24.14
CA CYS A 283 3.20 -33.92 24.02
C CYS A 283 3.62 -34.38 22.64
N GLU A 284 4.37 -35.47 22.57
CA GLU A 284 4.97 -35.81 21.30
C GLU A 284 4.46 -37.09 20.61
N ARG A 285 4.09 -38.11 21.39
CA ARG A 285 3.75 -39.42 20.80
C ARG A 285 2.94 -40.18 21.80
N VAL A 286 1.99 -40.97 21.34
CA VAL A 286 1.41 -42.01 22.20
C VAL A 286 2.06 -43.34 21.74
N VAL A 287 2.29 -44.25 22.67
CA VAL A 287 2.99 -45.45 22.37
C VAL A 287 1.96 -46.54 22.25
N ARG A 288 1.91 -47.16 21.09
CA ARG A 288 1.04 -48.29 20.84
C ARG A 288 1.60 -49.59 21.37
N ASN A 289 0.74 -50.47 21.89
CA ASN A 289 1.20 -51.82 22.18
C ASN A 289 1.42 -52.54 20.84
N ALA A 290 1.99 -53.72 20.90
CA ALA A 290 2.43 -54.41 19.64
C ALA A 290 1.21 -54.81 18.82
N LEU A 291 0.14 -55.25 19.50
CA LEU A 291 -1.09 -55.58 18.81
C LEU A 291 -1.91 -54.38 18.27
N ASN A 292 -1.52 -53.13 18.56
CA ASN A 292 -2.29 -51.99 18.18
C ASN A 292 -3.71 -52.04 18.72
N SER A 293 -3.82 -52.41 20.01
CA SER A 293 -5.13 -52.45 20.64
C SER A 293 -5.23 -51.50 21.85
N GLU A 294 -4.11 -50.92 22.25
CA GLU A 294 -4.10 -50.09 23.42
C GLU A 294 -2.94 -49.11 23.33
N ILE A 295 -3.11 -47.93 23.93
CA ILE A 295 -1.98 -47.05 24.17
C ILE A 295 -1.38 -47.34 25.53
N GLU A 296 -0.03 -47.39 25.55
CA GLU A 296 0.76 -47.77 26.74
C GLU A 296 1.34 -46.58 27.51
N SER A 297 1.59 -45.45 26.83
CA SER A 297 2.02 -44.21 27.50
C SER A 297 1.99 -43.04 26.56
N LEU A 298 2.16 -41.87 27.16
CA LEU A 298 2.31 -40.63 26.43
C LEU A 298 3.73 -40.08 26.68
N HIS A 299 4.47 -39.73 25.63
CA HIS A 299 5.82 -39.17 25.76
C HIS A 299 5.68 -37.72 25.68
N ILE A 300 6.16 -37.06 26.70
CA ILE A 300 6.16 -35.62 26.82
C ILE A 300 7.61 -35.07 26.92
N HIS A 301 7.70 -33.78 26.63
CA HIS A 301 8.91 -32.97 26.70
C HIS A 301 8.56 -31.67 27.43
N ASP A 302 9.07 -31.56 28.65
CA ASP A 302 8.86 -30.37 29.45
C ASP A 302 9.78 -29.31 28.88
N LEU A 303 9.20 -28.22 28.42
CA LEU A 303 9.92 -27.24 27.69
C LEU A 303 10.76 -26.38 28.59
N ILE A 304 10.46 -26.30 29.89
CA ILE A 304 11.25 -25.45 30.74
C ILE A 304 12.54 -26.16 31.20
N SER A 305 12.39 -27.37 31.75
CA SER A 305 13.54 -28.17 32.23
C SER A 305 14.24 -28.91 31.08
N GLY A 306 13.53 -29.19 30.00
CA GLY A 306 14.09 -29.97 28.90
C GLY A 306 13.94 -31.49 29.09
N ASP A 307 13.47 -31.88 30.26
CA ASP A 307 13.25 -33.29 30.61
C ASP A 307 12.19 -33.96 29.74
N ARG A 308 12.25 -35.28 29.65
CA ARG A 308 11.32 -36.05 28.86
C ARG A 308 10.82 -37.15 29.72
N PHE A 309 9.58 -37.50 29.56
CA PHE A 309 8.98 -38.54 30.41
C PHE A 309 8.01 -39.34 29.59
N GLU A 310 7.65 -40.48 30.13
CA GLU A 310 6.60 -41.33 29.60
C GLU A 310 5.53 -41.30 30.65
N ILE A 311 4.36 -40.74 30.36
CA ILE A 311 3.30 -40.70 31.36
C ILE A 311 2.30 -41.86 31.11
N LYS A 312 1.90 -42.53 32.16
CA LYS A 312 0.99 -43.62 32.03
C LYS A 312 -0.41 -43.24 32.56
N ALA A 313 -1.42 -43.69 31.82
CA ALA A 313 -2.82 -43.40 32.17
C ALA A 313 -3.66 -44.58 31.72
N ASP A 314 -4.85 -44.72 32.31
CA ASP A 314 -5.85 -45.71 31.81
C ASP A 314 -6.42 -45.25 30.44
N VAL A 315 -6.63 -43.93 30.30
CA VAL A 315 -7.28 -43.29 29.18
C VAL A 315 -6.43 -42.11 28.67
N TYR A 316 -6.30 -42.03 27.35
CA TYR A 316 -5.51 -41.00 26.67
C TYR A 316 -6.50 -40.21 25.80
N VAL A 317 -6.56 -38.90 25.99
CA VAL A 317 -7.44 -37.97 25.26
C VAL A 317 -6.58 -37.00 24.50
N LEU A 318 -6.74 -36.91 23.19
CA LEU A 318 -5.99 -35.91 22.39
C LEU A 318 -6.96 -34.80 21.98
N THR A 319 -6.77 -33.59 22.56
CA THR A 319 -7.58 -32.44 22.22
C THR A 319 -6.64 -31.30 21.91
N ALA A 320 -5.74 -31.55 20.94
CA ALA A 320 -4.62 -30.64 20.64
C ALA A 320 -4.93 -29.73 19.46
N GLY A 321 -6.18 -29.81 19.00
CA GLY A 321 -6.63 -29.06 17.86
C GLY A 321 -6.64 -29.93 16.59
N ALA A 322 -7.33 -29.49 15.55
CA ALA A 322 -7.45 -30.27 14.32
C ALA A 322 -6.11 -30.57 13.63
N VAL A 323 -5.12 -29.66 13.73
CA VAL A 323 -3.85 -29.87 13.08
C VAL A 323 -2.98 -30.67 14.02
N HIS A 324 -2.88 -30.30 15.29
CA HIS A 324 -1.90 -30.93 16.18
C HIS A 324 -2.30 -32.27 16.71
N ASN A 325 -3.57 -32.58 16.67
CA ASN A 325 -3.96 -33.96 17.04
C ASN A 325 -3.43 -34.87 15.97
N THR A 326 -3.57 -34.42 14.72
CA THR A 326 -3.20 -35.22 13.57
C THR A 326 -1.67 -35.41 13.60
N GLN A 327 -0.93 -34.31 13.85
CA GLN A 327 0.53 -34.34 13.95
C GLN A 327 0.97 -35.40 14.96
N LEU A 328 0.34 -35.38 16.13
CA LEU A 328 0.75 -36.27 17.22
C LEU A 328 0.53 -37.71 16.83
N LEU A 329 -0.62 -37.95 16.22
CA LEU A 329 -1.02 -39.30 15.83
C LEU A 329 -0.07 -39.79 14.77
N VAL A 330 0.27 -38.94 13.78
CA VAL A 330 1.18 -39.39 12.76
C VAL A 330 2.58 -39.60 13.32
N ASN A 331 2.98 -38.82 14.33
CA ASN A 331 4.29 -38.99 14.94
C ASN A 331 4.29 -40.29 15.74
N SER A 332 3.12 -40.89 15.99
CA SER A 332 3.00 -42.11 16.82
C SER A 332 2.74 -43.37 15.95
N GLY A 333 2.89 -43.26 14.61
CA GLY A 333 2.71 -44.42 13.70
C GLY A 333 1.29 -44.66 13.22
N PHE A 334 0.37 -43.71 13.47
CA PHE A 334 -0.94 -43.75 12.82
C PHE A 334 -0.86 -43.03 11.42
N GLY A 335 -1.72 -43.43 10.49
CA GLY A 335 -1.71 -42.89 9.14
C GLY A 335 -0.33 -43.08 8.52
N GLN A 336 0.14 -42.08 7.81
CA GLN A 336 1.32 -42.21 6.99
C GLN A 336 2.16 -40.97 7.18
N LEU A 337 3.41 -41.14 7.55
CA LEU A 337 4.33 -40.02 7.59
C LEU A 337 4.82 -39.72 6.18
N GLY A 338 4.99 -38.45 5.85
CA GLY A 338 5.61 -38.09 4.61
C GLY A 338 4.64 -37.81 3.50
N ARG A 339 5.17 -37.49 2.32
CA ARG A 339 4.31 -37.09 1.24
C ARG A 339 3.38 -38.28 0.90
N PRO A 340 2.08 -38.02 0.67
CA PRO A 340 1.26 -39.23 0.54
C PRO A 340 1.74 -40.14 -0.59
N ASN A 341 1.62 -41.44 -0.33
CA ASN A 341 2.14 -42.45 -1.22
C ASN A 341 1.16 -43.62 -1.18
N PRO A 342 0.23 -43.65 -2.15
CA PRO A 342 -0.87 -44.63 -2.15
C PRO A 342 -0.38 -46.07 -2.35
N ALA A 343 0.81 -46.20 -2.96
CA ALA A 343 1.46 -47.49 -3.14
C ALA A 343 2.11 -47.99 -1.83
N ASN A 344 2.00 -47.25 -0.73
CA ASN A 344 2.46 -47.72 0.59
C ASN A 344 1.39 -47.49 1.64
N PRO A 345 0.30 -48.27 1.59
CA PRO A 345 -0.90 -47.97 2.37
C PRO A 345 -0.60 -48.05 3.88
N PRO A 346 -1.10 -47.11 4.69
CA PRO A 346 -0.65 -47.23 6.09
C PRO A 346 -1.17 -48.44 6.87
N GLU A 347 -0.43 -48.84 7.89
CA GLU A 347 -0.89 -49.89 8.75
C GLU A 347 -2.20 -49.48 9.48
N LEU A 348 -2.25 -48.26 9.99
CA LEU A 348 -3.34 -47.81 10.81
C LEU A 348 -3.95 -46.52 10.31
N LEU A 349 -5.27 -46.42 10.46
CA LEU A 349 -6.01 -45.23 10.26
C LEU A 349 -5.70 -44.58 8.92
N PRO A 350 -5.97 -45.30 7.83
CA PRO A 350 -5.64 -44.74 6.49
C PRO A 350 -6.35 -43.46 6.10
N SER A 351 -7.51 -43.15 6.67
CA SER A 351 -8.18 -41.91 6.44
C SER A 351 -7.65 -40.72 7.23
N LEU A 352 -6.72 -40.97 8.15
CA LEU A 352 -6.15 -39.92 8.99
C LEU A 352 -5.56 -38.81 8.09
N GLY A 353 -6.02 -37.59 8.29
CA GLY A 353 -5.57 -36.39 7.52
C GLY A 353 -6.06 -36.28 6.08
N SER A 354 -7.00 -37.14 5.69
CA SER A 354 -7.66 -37.00 4.39
C SER A 354 -9.10 -36.53 4.65
N TYR A 355 -9.78 -36.04 3.61
CA TYR A 355 -11.16 -35.56 3.74
C TYR A 355 -11.17 -34.34 4.62
N ILE A 356 -10.09 -33.57 4.62
CA ILE A 356 -10.12 -32.35 5.43
C ILE A 356 -11.13 -31.38 4.82
N THR A 357 -11.83 -30.67 5.71
CA THR A 357 -12.67 -29.59 5.28
C THR A 357 -12.23 -28.27 5.94
N GLU A 358 -12.35 -27.20 5.18
CA GLU A 358 -12.23 -25.84 5.70
C GLU A 358 -13.25 -24.97 4.91
N GLN A 359 -13.86 -24.02 5.60
CA GLN A 359 -14.97 -23.26 5.06
C GLN A 359 -14.49 -22.15 4.11
N SER A 360 -15.20 -21.91 3.01
CA SER A 360 -15.04 -20.66 2.26
C SER A 360 -15.58 -19.52 3.16
N LEU A 361 -14.87 -18.39 3.18
CA LEU A 361 -15.33 -17.26 3.99
C LEU A 361 -15.33 -16.04 3.07
N VAL A 362 -16.50 -15.34 2.94
CA VAL A 362 -16.56 -14.02 2.26
C VAL A 362 -16.85 -12.94 3.33
N PHE A 363 -16.30 -11.75 3.13
CA PHE A 363 -16.27 -10.71 4.14
C PHE A 363 -16.41 -9.36 3.43
N CYS A 364 -17.22 -8.51 4.01
CA CYS A 364 -17.16 -7.09 3.69
C CYS A 364 -17.62 -6.35 4.94
N GLN A 365 -17.45 -5.04 4.90
CA GLN A 365 -18.12 -4.15 5.78
C GLN A 365 -18.99 -3.16 5.02
N THR A 366 -20.04 -2.72 5.68
CA THR A 366 -20.92 -1.73 5.11
C THR A 366 -20.98 -0.48 5.99
N VAL A 367 -21.31 0.64 5.32
CA VAL A 367 -21.66 1.90 6.01
C VAL A 367 -23.19 2.10 5.97
N MET A 368 -23.77 2.20 7.14
CA MET A 368 -25.25 2.31 7.33
C MET A 368 -25.90 3.34 6.42
N SER A 369 -27.04 2.92 5.87
CA SER A 369 -27.76 3.76 4.88
C SER A 369 -28.23 5.02 5.56
N THR A 370 -28.31 6.12 4.83
CA THR A 370 -28.97 7.33 5.39
C THR A 370 -30.38 7.03 5.85
N GLU A 371 -31.08 6.24 5.07
CA GLU A 371 -32.45 5.89 5.46
C GLU A 371 -32.47 5.23 6.82
N LEU A 372 -31.54 4.32 7.08
CA LEU A 372 -31.61 3.59 8.38
C LEU A 372 -31.23 4.47 9.55
N ILE A 373 -30.25 5.31 9.34
CA ILE A 373 -29.81 6.27 10.36
C ILE A 373 -30.96 7.25 10.66
N ASP A 374 -31.57 7.84 9.64
CA ASP A 374 -32.78 8.66 9.86
C ASP A 374 -33.86 7.88 10.61
N SER A 375 -34.02 6.58 10.32
CA SER A 375 -35.05 5.82 11.02
C SER A 375 -34.83 5.70 12.53
N VAL A 376 -33.57 5.73 12.96
CA VAL A 376 -33.27 5.67 14.40
C VAL A 376 -34.03 6.75 15.18
N LYS A 377 -34.16 7.92 14.56
CA LYS A 377 -34.79 9.09 15.21
C LYS A 377 -36.24 9.34 14.66
N SER A 378 -36.83 8.28 14.04
CA SER A 378 -38.17 8.37 13.43
C SER A 378 -39.23 8.89 14.44
N ASP A 379 -39.15 8.49 15.70
CA ASP A 379 -40.21 8.83 16.68
C ASP A 379 -39.99 10.16 17.40
N MET A 380 -38.90 10.85 17.05
CA MET A 380 -38.49 12.04 17.75
C MET A 380 -39.08 13.27 17.19
N THR A 381 -39.35 14.22 18.07
CA THR A 381 -39.60 15.59 17.62
C THR A 381 -38.44 16.42 17.93
N ILE A 382 -37.92 17.09 16.91
CA ILE A 382 -36.65 17.80 17.02
C ILE A 382 -36.92 19.22 16.61
N ARG A 383 -36.68 20.18 17.50
CA ARG A 383 -36.88 21.59 17.21
C ARG A 383 -35.66 22.35 17.52
N GLY A 384 -35.44 23.39 16.74
CA GLY A 384 -34.39 24.35 16.98
C GLY A 384 -33.19 23.80 16.34
N THR A 385 -32.06 24.41 16.63
CA THR A 385 -30.82 24.06 15.97
C THR A 385 -29.85 23.53 17.04
N PRO A 386 -29.22 22.41 16.76
CA PRO A 386 -28.34 21.77 17.71
C PRO A 386 -27.29 22.72 18.21
N GLY A 387 -26.98 22.68 19.49
CA GLY A 387 -25.97 23.57 20.06
C GLY A 387 -26.51 24.84 20.65
N GLU A 388 -27.80 25.14 20.40
CA GLU A 388 -28.47 26.34 20.91
C GLU A 388 -29.34 25.94 22.09
N LEU A 389 -29.62 26.89 22.97
CA LEU A 389 -30.41 26.60 24.17
C LEU A 389 -31.91 26.43 23.84
N THR A 390 -32.35 26.75 22.62
CA THR A 390 -33.74 26.55 22.15
C THR A 390 -33.94 25.14 21.55
N TYR A 391 -32.85 24.40 21.39
CA TYR A 391 -32.93 23.08 20.79
C TYR A 391 -33.51 22.07 21.72
N SER A 392 -34.39 21.24 21.23
CA SER A 392 -34.93 20.11 22.02
C SER A 392 -35.32 18.91 21.17
N VAL A 393 -35.27 17.73 21.82
CA VAL A 393 -35.55 16.48 21.19
C VAL A 393 -36.46 15.76 22.22
N THR A 394 -37.65 15.36 21.78
CA THR A 394 -38.63 14.75 22.69
C THR A 394 -39.32 13.62 21.92
N TYR A 395 -39.97 12.73 22.66
CA TYR A 395 -40.81 11.71 22.03
C TYR A 395 -42.06 11.50 22.89
N THR A 396 -43.04 10.80 22.35
CA THR A 396 -44.26 10.42 23.12
C THR A 396 -44.09 8.99 23.65
N PRO A 397 -43.83 8.86 24.96
CA PRO A 397 -43.65 7.51 25.53
C PRO A 397 -44.89 6.63 25.29
N GLY A 398 -44.73 5.45 24.73
CA GLY A 398 -45.84 4.49 24.67
C GLY A 398 -46.70 4.55 23.42
N ALA A 399 -46.55 5.59 22.59
CA ALA A 399 -47.40 5.74 21.40
C ALA A 399 -47.32 4.49 20.55
N SER A 400 -48.45 3.95 20.14
CA SER A 400 -48.36 2.63 19.51
C SER A 400 -48.00 2.83 18.07
N THR A 401 -48.07 4.07 17.61
CA THR A 401 -47.48 4.41 16.33
C THR A 401 -45.95 4.69 16.42
N ASN A 402 -45.36 4.66 17.60
CA ASN A 402 -43.87 4.79 17.68
C ASN A 402 -43.24 3.60 16.94
N LYS A 403 -42.25 3.81 16.09
CA LYS A 403 -41.55 2.65 15.49
C LYS A 403 -40.67 1.89 16.52
N HIS A 404 -40.23 2.55 17.58
CA HIS A 404 -39.24 1.94 18.46
C HIS A 404 -39.74 1.95 19.83
N PRO A 405 -39.16 1.12 20.69
CA PRO A 405 -39.63 1.11 22.06
C PRO A 405 -39.13 2.26 22.87
N ASP A 406 -39.74 2.48 24.04
CA ASP A 406 -39.36 3.61 24.88
C ASP A 406 -37.86 3.60 25.18
N TRP A 407 -37.33 2.43 25.52
CA TRP A 407 -35.89 2.36 25.91
C TRP A 407 -35.00 2.84 24.78
N TRP A 408 -35.34 2.54 23.54
CA TRP A 408 -34.61 3.05 22.43
C TRP A 408 -34.74 4.54 22.36
N ASN A 409 -35.97 5.01 22.37
CA ASN A 409 -36.16 6.43 22.21
C ASN A 409 -35.54 7.28 23.31
N GLU A 410 -35.50 6.80 24.53
CA GLU A 410 -34.82 7.51 25.59
C GLU A 410 -33.30 7.61 25.37
N LYS A 411 -32.71 6.51 24.87
CA LYS A 411 -31.31 6.52 24.63
C LYS A 411 -31.01 7.48 23.48
N VAL A 412 -31.83 7.50 22.43
CA VAL A 412 -31.63 8.51 21.32
C VAL A 412 -31.74 9.95 21.82
N LYS A 413 -32.77 10.17 22.62
CA LYS A 413 -33.04 11.46 23.21
C LYS A 413 -31.85 11.93 23.98
N ASN A 414 -31.45 11.13 24.97
CA ASN A 414 -30.30 11.51 25.78
C ASN A 414 -29.03 11.79 24.96
N HIS A 415 -28.78 10.98 23.95
CA HIS A 415 -27.56 11.15 23.17
C HIS A 415 -27.65 12.48 22.45
N MET A 416 -28.76 12.70 21.80
CA MET A 416 -28.94 13.93 20.98
C MET A 416 -28.97 15.18 21.84
N MET A 417 -29.49 15.06 23.06
CA MET A 417 -29.58 16.27 23.92
C MET A 417 -28.28 16.56 24.67
N GLN A 418 -27.58 15.52 25.10
CA GLN A 418 -26.31 15.72 25.79
C GLN A 418 -25.11 15.84 24.83
N HIS A 419 -25.27 15.51 23.54
CA HIS A 419 -24.15 15.51 22.60
C HIS A 419 -24.53 16.20 21.34
N GLN A 420 -24.85 17.47 21.47
CA GLN A 420 -25.46 18.16 20.34
C GLN A 420 -24.46 18.50 19.24
N GLU A 421 -23.19 18.36 19.51
CA GLU A 421 -22.18 18.49 18.43
C GLU A 421 -22.12 17.22 17.50
N ASP A 422 -22.74 16.13 17.97
CA ASP A 422 -22.61 14.89 17.24
C ASP A 422 -23.73 14.73 16.19
N PRO A 423 -23.38 14.36 14.94
CA PRO A 423 -24.41 14.34 13.89
C PRO A 423 -25.20 13.02 13.79
N LEU A 424 -24.89 12.04 14.62
CA LEU A 424 -25.62 10.79 14.56
C LEU A 424 -26.47 10.57 15.79
N PRO A 425 -27.55 9.76 15.63
CA PRO A 425 -28.52 9.54 16.67
C PRO A 425 -28.17 8.37 17.54
N ILE A 426 -27.11 7.64 17.22
CA ILE A 426 -26.76 6.43 17.92
C ILE A 426 -25.86 6.78 19.08
N PRO A 427 -26.20 6.26 20.25
CA PRO A 427 -25.33 6.56 21.35
C PRO A 427 -23.90 5.99 21.19
N PHE A 428 -22.93 6.72 21.75
CA PHE A 428 -21.52 6.35 21.66
C PHE A 428 -21.13 4.96 22.18
N GLU A 429 -21.75 4.49 23.23
CA GLU A 429 -21.34 3.20 23.69
C GLU A 429 -22.39 2.14 23.40
N ASP A 430 -23.10 2.30 22.28
CA ASP A 430 -24.12 1.36 21.89
C ASP A 430 -23.43 0.05 21.57
N PRO A 431 -23.88 -1.07 22.15
CA PRO A 431 -23.16 -2.32 21.82
C PRO A 431 -23.29 -2.70 20.37
N GLU A 432 -22.41 -3.57 19.88
CA GLU A 432 -22.44 -3.88 18.43
C GLU A 432 -23.58 -4.79 18.01
N PRO A 433 -23.90 -4.78 16.72
CA PRO A 433 -24.82 -5.74 16.16
C PRO A 433 -24.29 -7.16 16.29
N GLN A 434 -25.22 -8.12 16.42
CA GLN A 434 -24.86 -9.51 16.51
C GLN A 434 -25.93 -10.34 15.87
N VAL A 435 -26.10 -10.16 14.55
CA VAL A 435 -27.21 -10.72 13.87
C VAL A 435 -26.81 -11.95 12.99
N THR A 436 -27.69 -12.96 12.94
CA THR A 436 -27.49 -14.08 12.01
C THR A 436 -28.79 -14.53 11.38
N THR A 437 -28.74 -14.93 10.10
CA THR A 437 -29.70 -15.93 9.65
C THR A 437 -29.00 -17.26 9.44
N LEU A 438 -29.40 -18.25 10.24
CA LEU A 438 -28.69 -19.53 10.24
C LEU A 438 -28.89 -20.27 8.92
N PHE A 439 -27.90 -21.10 8.63
CA PHE A 439 -27.86 -22.01 7.49
C PHE A 439 -29.21 -22.65 7.22
N GLN A 440 -29.63 -22.68 5.98
CA GLN A 440 -30.80 -23.47 5.60
C GLN A 440 -30.50 -23.99 4.21
N PRO A 441 -31.23 -25.04 3.76
CA PRO A 441 -30.97 -25.62 2.43
C PRO A 441 -31.08 -24.65 1.28
N SER A 442 -31.97 -23.65 1.37
CA SER A 442 -32.06 -22.59 0.36
C SER A 442 -31.02 -21.48 0.50
N HIS A 443 -30.33 -21.44 1.63
CA HIS A 443 -29.15 -20.56 1.78
C HIS A 443 -28.17 -21.32 2.64
N PRO A 444 -27.43 -22.26 2.00
CA PRO A 444 -26.55 -23.21 2.70
C PRO A 444 -25.21 -22.58 3.09
N TRP A 445 -25.28 -21.53 3.97
CA TRP A 445 -24.12 -20.87 4.52
C TRP A 445 -24.53 -20.27 5.82
N HIS A 446 -23.56 -20.07 6.68
CA HIS A 446 -23.84 -19.43 7.97
C HIS A 446 -23.59 -17.99 7.72
N THR A 447 -24.22 -17.11 8.53
CA THR A 447 -24.05 -15.67 8.32
C THR A 447 -23.84 -15.00 9.66
N GLN A 448 -22.98 -13.99 9.67
CA GLN A 448 -22.82 -13.16 10.84
C GLN A 448 -22.79 -11.75 10.33
N ILE A 449 -23.60 -10.91 10.96
CA ILE A 449 -23.80 -9.55 10.54
C ILE A 449 -23.64 -8.76 11.85
N HIS A 450 -22.43 -8.32 12.09
CA HIS A 450 -21.95 -8.10 13.44
C HIS A 450 -20.75 -7.23 13.42
N ARG A 451 -20.16 -7.05 14.60
CA ARG A 451 -18.81 -6.46 14.70
C ARG A 451 -18.03 -7.35 15.62
N ASP A 452 -16.86 -7.75 15.19
CA ASP A 452 -16.00 -8.46 16.18
C ASP A 452 -14.58 -8.34 15.78
N ALA A 453 -13.76 -8.78 16.68
CA ALA A 453 -12.33 -8.62 16.58
C ALA A 453 -11.86 -9.95 15.98
N PHE A 454 -11.26 -9.90 14.81
CA PHE A 454 -10.69 -11.08 14.20
C PHE A 454 -9.30 -10.74 13.75
N SER A 455 -8.61 -11.70 13.16
CA SER A 455 -7.23 -11.52 12.82
C SER A 455 -7.05 -10.43 11.77
N TYR A 456 -8.08 -10.23 11.00
CA TYR A 456 -8.08 -9.28 9.90
C TYR A 456 -8.94 -8.05 10.13
N GLY A 457 -9.18 -7.68 11.34
CA GLY A 457 -10.04 -6.52 11.50
C GLY A 457 -9.30 -5.20 11.31
N ALA A 458 -8.97 -4.85 10.06
CA ALA A 458 -8.14 -3.66 9.74
C ALA A 458 -8.86 -2.35 10.03
N VAL A 459 -8.09 -1.38 10.53
CA VAL A 459 -8.66 -0.23 11.22
C VAL A 459 -8.67 1.02 10.39
N GLN A 460 -9.82 1.64 10.30
CA GLN A 460 -9.92 2.84 9.56
C GLN A 460 -10.56 3.82 10.49
N GLN A 461 -10.23 5.07 10.33
CA GLN A 461 -10.71 6.10 11.19
C GLN A 461 -11.53 7.16 10.48
N SER A 462 -11.69 7.08 9.17
CA SER A 462 -12.36 8.14 8.49
C SER A 462 -13.91 8.04 8.66
N ILE A 463 -14.45 6.84 8.79
CA ILE A 463 -15.92 6.68 8.81
C ILE A 463 -16.23 6.35 10.25
N ASP A 464 -17.28 6.92 10.81
CA ASP A 464 -17.66 6.64 12.21
C ASP A 464 -17.95 5.22 12.45
N SER A 465 -17.43 4.62 13.53
CA SER A 465 -17.60 3.21 13.76
C SER A 465 -19.06 2.82 14.02
N ARG A 466 -19.86 3.74 14.52
CA ARG A 466 -21.29 3.46 14.65
C ARG A 466 -22.05 3.05 13.37
N LEU A 467 -21.51 3.46 12.22
CA LEU A 467 -22.12 3.22 10.96
C LEU A 467 -21.72 1.86 10.35
N ILE A 468 -20.69 1.21 10.89
CA ILE A 468 -19.96 0.14 10.19
C ILE A 468 -20.51 -1.16 10.71
N VAL A 469 -20.88 -2.03 9.77
CA VAL A 469 -21.27 -3.37 10.11
C VAL A 469 -20.44 -4.37 9.30
N ASP A 470 -20.04 -5.48 9.95
CA ASP A 470 -19.25 -6.49 9.29
C ASP A 470 -20.18 -7.56 8.78
N TRP A 471 -19.81 -8.14 7.66
CA TRP A 471 -20.54 -9.23 7.03
C TRP A 471 -19.57 -10.39 6.82
N ARG A 472 -19.88 -11.55 7.39
CA ARG A 472 -19.10 -12.75 7.25
C ARG A 472 -20.07 -13.86 6.88
N PHE A 473 -19.91 -14.42 5.68
CA PHE A 473 -20.69 -15.57 5.28
C PHE A 473 -19.75 -16.73 5.12
N PHE A 474 -20.16 -17.90 5.69
CA PHE A 474 -19.31 -19.04 5.83
C PHE A 474 -19.95 -20.23 5.08
N GLY A 475 -19.21 -20.80 4.10
CA GLY A 475 -19.72 -21.87 3.25
C GLY A 475 -19.31 -23.25 3.78
N ARG A 476 -19.99 -24.31 3.37
CA ARG A 476 -19.69 -25.64 3.81
C ARG A 476 -18.89 -26.28 2.66
N THR A 477 -17.93 -27.12 3.02
CA THR A 477 -17.04 -27.74 2.04
C THR A 477 -17.22 -29.24 2.05
N GLU A 478 -17.46 -29.79 0.86
CA GLU A 478 -17.63 -31.27 0.73
C GLU A 478 -16.35 -31.98 1.17
N PRO A 479 -16.48 -33.02 1.98
CA PRO A 479 -15.26 -33.76 2.29
C PRO A 479 -14.82 -34.62 1.11
N LYS A 480 -13.55 -34.48 0.69
CA LYS A 480 -12.98 -35.18 -0.42
C LYS A 480 -11.67 -35.79 -0.03
N GLU A 481 -11.44 -37.02 -0.45
CA GLU A 481 -10.26 -37.78 -0.03
C GLU A 481 -8.99 -37.06 -0.38
N GLU A 482 -8.94 -36.43 -1.56
CA GLU A 482 -7.77 -35.73 -2.00
C GLU A 482 -7.34 -34.50 -1.18
N ASN A 483 -8.22 -33.95 -0.36
CA ASN A 483 -7.87 -32.79 0.43
C ASN A 483 -7.25 -33.32 1.71
N LYS A 484 -5.99 -32.95 1.93
CA LYS A 484 -5.18 -33.62 2.94
C LYS A 484 -4.41 -32.65 3.77
N LEU A 485 -4.26 -33.02 5.04
CA LEU A 485 -3.22 -32.50 5.90
C LEU A 485 -2.23 -33.65 6.07
N TRP A 486 -0.97 -33.40 5.71
CA TRP A 486 0.06 -34.44 5.87
C TRP A 486 1.28 -33.85 6.52
N PHE A 487 2.19 -34.70 6.95
CA PHE A 487 3.36 -34.27 7.71
C PHE A 487 4.68 -34.68 7.09
N SER A 488 5.61 -33.76 6.94
CA SER A 488 6.91 -34.09 6.32
C SER A 488 7.65 -35.17 7.11
N ASP A 489 8.32 -36.07 6.39
CA ASP A 489 9.24 -37.01 7.04
C ASP A 489 10.65 -36.39 7.17
N LYS A 490 10.85 -35.16 6.71
CA LYS A 490 12.18 -34.53 6.66
C LYS A 490 12.17 -33.18 7.40
N ILE A 491 11.22 -32.30 7.07
CA ILE A 491 11.17 -30.93 7.58
C ILE A 491 10.50 -31.01 8.92
N THR A 492 11.01 -30.26 9.89
CA THR A 492 10.31 -30.18 11.23
C THR A 492 9.97 -28.76 11.64
N ASP A 493 8.99 -28.65 12.53
CA ASP A 493 8.50 -27.37 13.00
C ASP A 493 9.27 -26.82 14.21
N ALA A 494 8.77 -25.75 14.79
CA ALA A 494 9.50 -25.06 15.86
C ALA A 494 9.66 -25.92 17.05
N TYR A 495 8.84 -26.96 17.16
CA TYR A 495 8.90 -27.84 18.31
C TYR A 495 9.48 -29.19 17.89
N ASN A 496 10.22 -29.20 16.81
CA ASN A 496 10.84 -30.44 16.32
C ASN A 496 9.90 -31.59 16.03
N MET A 497 8.69 -31.27 15.64
CA MET A 497 7.77 -32.28 15.25
C MET A 497 7.66 -32.21 13.73
N PRO A 498 7.07 -33.25 13.10
CA PRO A 498 6.96 -33.30 11.64
C PRO A 498 6.17 -32.10 11.10
N GLN A 499 6.74 -31.40 10.14
CA GLN A 499 6.09 -30.18 9.63
C GLN A 499 4.76 -30.41 8.91
N PRO A 500 3.69 -29.74 9.34
CA PRO A 500 2.42 -29.83 8.63
C PRO A 500 2.44 -29.24 7.23
N THR A 501 1.80 -29.95 6.33
CA THR A 501 1.73 -29.55 4.91
C THR A 501 0.27 -29.81 4.43
N PHE A 502 -0.29 -28.84 3.71
CA PHE A 502 -1.66 -28.99 3.20
C PHE A 502 -1.62 -29.25 1.72
N ASP A 503 -2.55 -30.05 1.26
CA ASP A 503 -2.78 -30.16 -0.16
C ASP A 503 -4.29 -30.03 -0.35
N PHE A 504 -4.71 -28.80 -0.64
CA PHE A 504 -6.13 -28.45 -0.50
C PHE A 504 -6.55 -27.57 -1.64
N ARG A 505 -7.70 -27.89 -2.17
CA ARG A 505 -8.49 -26.95 -2.95
C ARG A 505 -9.97 -27.12 -2.64
N PHE A 506 -10.73 -26.02 -2.72
CA PHE A 506 -12.20 -26.11 -2.59
C PHE A 506 -12.72 -26.97 -3.72
N PRO A 507 -13.45 -28.01 -3.37
CA PRO A 507 -13.91 -28.92 -4.41
C PRO A 507 -14.81 -28.25 -5.45
N ALA A 508 -14.59 -28.70 -6.68
CA ALA A 508 -15.40 -28.30 -7.80
C ALA A 508 -16.81 -28.84 -7.44
N GLY A 509 -17.80 -28.30 -8.09
CA GLY A 509 -19.14 -28.86 -7.97
C GLY A 509 -19.79 -28.02 -6.90
N ARG A 510 -20.50 -28.68 -6.00
CA ARG A 510 -21.38 -27.98 -5.10
C ARG A 510 -20.66 -26.96 -4.18
N THR A 511 -19.51 -27.32 -3.63
CA THR A 511 -18.80 -26.44 -2.76
C THR A 511 -18.50 -25.10 -3.46
N SER A 512 -18.09 -25.18 -4.71
CA SER A 512 -17.62 -23.99 -5.42
C SER A 512 -18.84 -23.13 -5.82
N LYS A 513 -19.85 -23.78 -6.34
CA LYS A 513 -21.09 -23.15 -6.72
C LYS A 513 -21.69 -22.41 -5.52
N GLU A 514 -21.82 -23.09 -4.37
CA GLU A 514 -22.33 -22.42 -3.20
C GLU A 514 -21.46 -21.27 -2.76
N ALA A 515 -20.14 -21.44 -2.85
CA ALA A 515 -19.23 -20.41 -2.35
C ALA A 515 -19.50 -19.16 -3.12
N GLU A 516 -19.64 -19.29 -4.41
CA GLU A 516 -19.90 -18.09 -5.22
C GLU A 516 -21.32 -17.59 -5.04
N ASP A 517 -22.31 -18.49 -4.85
CA ASP A 517 -23.63 -18.00 -4.63
C ASP A 517 -23.71 -17.31 -3.24
N MET A 518 -22.89 -17.77 -2.33
CA MET A 518 -22.75 -17.16 -1.02
C MET A 518 -22.18 -15.73 -1.11
N MET A 519 -21.17 -15.51 -1.92
CA MET A 519 -20.68 -14.16 -2.20
C MET A 519 -21.80 -13.24 -2.67
N THR A 520 -22.52 -13.69 -3.67
CA THR A 520 -23.62 -12.89 -4.23
C THR A 520 -24.64 -12.63 -3.15
N ASP A 521 -24.99 -13.64 -2.35
CA ASP A 521 -25.94 -13.41 -1.29
C ASP A 521 -25.47 -12.31 -0.34
N MET A 522 -24.17 -12.27 -0.06
CA MET A 522 -23.69 -11.33 0.85
C MET A 522 -23.84 -9.96 0.19
N CYS A 523 -23.51 -9.88 -1.09
CA CYS A 523 -23.65 -8.60 -1.81
C CYS A 523 -25.11 -8.08 -1.87
N VAL A 524 -26.05 -9.01 -2.00
CA VAL A 524 -27.46 -8.66 -2.10
C VAL A 524 -27.98 -8.25 -0.70
N MET A 525 -27.69 -9.05 0.29
CA MET A 525 -28.27 -8.80 1.62
C MET A 525 -27.68 -7.52 2.14
N SER A 526 -26.37 -7.40 2.02
CA SER A 526 -25.70 -6.30 2.67
C SER A 526 -26.19 -4.95 2.13
N ALA A 527 -26.48 -4.90 0.86
CA ALA A 527 -27.00 -3.72 0.20
C ALA A 527 -28.28 -3.16 0.89
N LYS A 528 -28.99 -4.02 1.62
CA LYS A 528 -30.20 -3.61 2.24
C LYS A 528 -29.94 -2.75 3.44
N ILE A 529 -28.69 -2.85 3.93
CA ILE A 529 -28.30 -2.16 5.19
C ILE A 529 -27.44 -0.97 4.81
N GLY A 530 -26.68 -1.09 3.74
CA GLY A 530 -25.80 -0.01 3.38
C GLY A 530 -24.84 -0.42 2.31
N GLY A 531 -24.15 0.54 1.75
CA GLY A 531 -23.13 0.28 0.75
C GLY A 531 -21.85 -0.15 1.40
N PHE A 532 -21.00 -0.81 0.61
CA PHE A 532 -19.75 -1.25 1.12
C PHE A 532 -18.87 -0.09 1.56
N LEU A 533 -18.08 -0.42 2.55
CA LEU A 533 -17.07 0.46 3.08
C LEU A 533 -15.79 0.33 2.29
N PRO A 534 -15.35 1.42 1.70
CA PRO A 534 -14.16 1.36 0.87
C PRO A 534 -13.01 0.81 1.73
N GLY A 535 -12.25 -0.09 1.18
CA GLY A 535 -11.21 -0.72 1.93
C GLY A 535 -11.70 -2.00 2.56
N SER A 536 -13.01 -2.21 2.61
CA SER A 536 -13.49 -3.57 3.02
C SER A 536 -14.54 -4.13 2.01
N LEU A 537 -14.17 -4.10 0.77
CA LEU A 537 -15.02 -4.48 -0.35
C LEU A 537 -15.24 -6.00 -0.28
N PRO A 538 -16.33 -6.53 -0.85
CA PRO A 538 -16.60 -7.96 -0.72
C PRO A 538 -15.48 -8.83 -1.31
N GLN A 539 -15.02 -9.80 -0.50
CA GLN A 539 -13.93 -10.64 -0.87
C GLN A 539 -13.93 -11.99 -0.22
N PHE A 540 -13.35 -12.98 -0.90
CA PHE A 540 -13.00 -14.26 -0.25
C PHE A 540 -11.77 -14.07 0.60
N MET A 541 -11.80 -14.61 1.81
CA MET A 541 -10.62 -14.50 2.64
C MET A 541 -9.64 -15.66 2.32
N GLU A 542 -8.37 -15.44 2.65
CA GLU A 542 -7.32 -16.45 2.51
C GLU A 542 -7.77 -17.77 3.11
N PRO A 543 -7.55 -18.84 2.39
CA PRO A 543 -8.08 -20.15 2.77
C PRO A 543 -7.54 -20.55 4.13
N GLY A 544 -8.44 -20.76 5.04
CA GLY A 544 -8.07 -21.18 6.40
C GLY A 544 -8.00 -20.09 7.39
N LEU A 545 -8.07 -18.82 6.93
CA LEU A 545 -8.11 -17.71 7.91
C LEU A 545 -9.27 -17.86 8.86
N VAL A 546 -10.35 -18.48 8.37
CA VAL A 546 -11.57 -18.62 9.15
C VAL A 546 -11.36 -19.59 10.32
N LEU A 547 -10.35 -20.48 10.23
CA LEU A 547 -10.02 -21.36 11.37
C LEU A 547 -11.16 -22.30 11.78
N HIS A 548 -11.82 -22.87 10.78
CA HIS A 548 -12.90 -23.84 11.01
C HIS A 548 -12.59 -25.20 10.35
N LEU A 549 -11.32 -25.52 10.27
CA LEU A 549 -10.85 -26.82 9.78
C LEU A 549 -11.49 -27.99 10.50
N GLY A 550 -12.00 -28.91 9.73
CA GLY A 550 -12.53 -30.16 10.29
C GLY A 550 -12.04 -31.38 9.52
N GLY A 551 -12.43 -32.56 9.99
CA GLY A 551 -12.29 -33.76 9.25
C GLY A 551 -10.87 -34.36 9.17
N THR A 552 -9.92 -33.78 9.90
CA THR A 552 -8.54 -34.30 9.89
C THR A 552 -8.38 -35.70 10.59
N HIS A 553 -9.35 -36.05 11.43
CA HIS A 553 -9.38 -37.31 12.17
C HIS A 553 -10.82 -37.69 12.40
N ARG A 554 -11.52 -37.81 11.29
CA ARG A 554 -12.93 -37.77 11.27
C ARG A 554 -13.68 -38.96 11.91
N MET A 555 -14.90 -38.68 12.35
CA MET A 555 -15.79 -39.67 13.02
C MET A 555 -16.69 -40.32 11.99
N GLY A 556 -16.99 -41.60 12.21
CA GLY A 556 -17.93 -42.31 11.41
C GLY A 556 -18.35 -43.57 12.16
N PHE A 557 -19.32 -44.31 11.63
CA PHE A 557 -19.72 -45.58 12.28
C PHE A 557 -18.75 -46.73 12.00
N ASP A 558 -18.21 -46.76 10.79
CA ASP A 558 -17.42 -47.91 10.31
C ASP A 558 -16.15 -47.33 9.67
N GLU A 559 -14.99 -47.76 10.16
CA GLU A 559 -13.70 -47.22 9.70
C GLU A 559 -13.52 -47.21 8.18
N LYS A 560 -13.79 -48.36 7.61
CA LYS A 560 -13.65 -48.50 6.16
C LYS A 560 -14.80 -47.82 5.40
N GLU A 561 -16.04 -48.22 5.71
CA GLU A 561 -17.18 -47.74 4.93
C GLU A 561 -17.36 -46.23 5.04
N ASP A 562 -17.15 -45.65 6.22
CA ASP A 562 -17.25 -44.16 6.38
C ASP A 562 -15.92 -43.40 6.25
N ASN A 563 -14.86 -44.11 5.86
CA ASN A 563 -13.54 -43.49 5.66
C ASN A 563 -13.17 -42.59 6.82
N CYS A 564 -13.11 -43.20 8.00
CA CYS A 564 -12.94 -42.45 9.21
C CYS A 564 -11.95 -43.08 10.25
N CYS A 565 -11.75 -42.34 11.36
CA CYS A 565 -10.62 -42.58 12.26
C CYS A 565 -11.14 -42.84 13.68
N VAL A 566 -12.29 -42.25 14.06
CA VAL A 566 -12.96 -42.50 15.33
C VAL A 566 -14.41 -42.89 15.16
N ASN A 567 -14.92 -43.63 16.12
CA ASN A 567 -16.28 -44.00 16.09
C ASN A 567 -17.10 -42.93 16.81
N THR A 568 -18.40 -43.16 17.07
CA THR A 568 -19.22 -42.09 17.57
C THR A 568 -19.03 -41.88 19.07
N ASP A 569 -18.17 -42.71 19.71
CA ASP A 569 -17.68 -42.41 21.06
C ASP A 569 -16.35 -41.65 21.01
N SER A 570 -16.00 -41.20 19.82
CA SER A 570 -14.73 -40.58 19.57
C SER A 570 -13.51 -41.42 19.92
N ARG A 571 -13.70 -42.73 19.92
CA ARG A 571 -12.64 -43.66 20.22
C ARG A 571 -11.98 -44.05 18.90
N VAL A 572 -10.66 -44.07 18.93
CA VAL A 572 -9.87 -44.44 17.78
C VAL A 572 -10.07 -45.93 17.46
N PHE A 573 -10.41 -46.23 16.21
CA PHE A 573 -10.69 -47.62 15.89
C PHE A 573 -9.55 -48.52 16.29
N GLY A 574 -9.90 -49.66 16.87
CA GLY A 574 -8.89 -50.63 17.28
C GLY A 574 -8.31 -50.43 18.66
N PHE A 575 -8.48 -49.25 19.22
CA PHE A 575 -7.76 -48.94 20.43
C PHE A 575 -8.74 -48.81 21.54
N LYS A 576 -8.58 -49.57 22.61
CA LYS A 576 -9.49 -49.51 23.75
C LYS A 576 -9.56 -48.16 24.49
N ASN A 577 -8.44 -47.45 24.48
CA ASN A 577 -8.31 -46.33 25.40
C ASN A 577 -7.76 -45.05 24.87
N LEU A 578 -7.98 -44.79 23.58
CA LEU A 578 -7.45 -43.57 22.93
C LEU A 578 -8.66 -42.86 22.35
N PHE A 579 -8.84 -41.56 22.69
CA PHE A 579 -9.98 -40.79 22.20
C PHE A 579 -9.47 -39.50 21.66
N LEU A 580 -10.11 -39.04 20.60
CA LEU A 580 -9.76 -37.71 19.98
C LEU A 580 -10.96 -36.81 20.18
N GLY A 581 -10.70 -35.56 20.59
CA GLY A 581 -11.72 -34.57 20.63
C GLY A 581 -11.37 -33.34 19.79
N GLY A 582 -12.37 -32.70 19.19
CA GLY A 582 -12.15 -31.46 18.42
C GLY A 582 -12.79 -31.51 17.06
N CYS A 583 -12.64 -30.39 16.36
CA CYS A 583 -13.26 -30.23 15.09
C CYS A 583 -12.78 -31.20 14.04
N GLY A 584 -11.56 -31.70 14.22
CA GLY A 584 -11.01 -32.79 13.46
C GLY A 584 -11.95 -33.98 13.37
N ASN A 585 -12.77 -34.14 14.39
CA ASN A 585 -13.76 -35.26 14.37
C ASN A 585 -14.90 -35.07 13.38
N ILE A 586 -15.21 -33.82 13.02
CA ILE A 586 -16.44 -33.55 12.32
C ILE A 586 -16.23 -33.98 10.91
N PRO A 587 -17.03 -34.94 10.44
CA PRO A 587 -16.86 -35.47 9.10
C PRO A 587 -17.69 -34.89 7.99
N THR A 588 -18.58 -33.96 8.30
CA THR A 588 -19.54 -33.46 7.32
C THR A 588 -19.08 -32.11 6.75
N ALA A 589 -19.85 -31.61 5.78
CA ALA A 589 -19.69 -30.29 5.25
C ALA A 589 -20.54 -29.36 6.10
N TYR A 590 -19.90 -28.44 6.86
CA TYR A 590 -20.63 -27.51 7.68
C TYR A 590 -20.22 -26.07 7.40
N GLY A 591 -21.17 -25.15 7.58
CA GLY A 591 -20.98 -23.72 7.46
C GLY A 591 -20.93 -23.02 8.80
N ALA A 592 -21.65 -23.54 9.79
CA ALA A 592 -21.81 -22.82 11.09
C ALA A 592 -20.50 -23.05 11.84
N ASN A 593 -20.29 -22.27 12.89
CA ASN A 593 -19.03 -22.32 13.60
C ASN A 593 -19.06 -23.66 14.38
N PRO A 594 -17.95 -24.46 14.35
CA PRO A 594 -17.95 -25.86 14.75
C PRO A 594 -17.69 -26.15 16.20
N THR A 595 -17.30 -25.18 17.02
CA THR A 595 -16.83 -25.62 18.33
C THR A 595 -17.93 -26.26 19.14
N LEU A 596 -19.15 -25.72 19.14
CA LEU A 596 -20.17 -26.30 20.01
C LEU A 596 -20.41 -27.72 19.66
N THR A 597 -20.39 -27.97 18.38
CA THR A 597 -20.58 -29.29 17.84
C THR A 597 -19.45 -30.19 18.30
N ALA A 598 -18.21 -29.72 18.24
CA ALA A 598 -17.14 -30.62 18.73
C ALA A 598 -17.31 -30.82 20.21
N MET A 599 -17.81 -29.80 20.91
CA MET A 599 -17.98 -30.03 22.38
C MET A 599 -19.00 -31.09 22.64
N SER A 600 -20.09 -31.03 21.93
CA SER A 600 -21.14 -32.06 22.04
C SER A 600 -20.68 -33.49 21.82
N LEU A 601 -19.87 -33.69 20.80
CA LEU A 601 -19.18 -34.97 20.58
C LEU A 601 -18.31 -35.38 21.77
N ALA A 602 -17.62 -34.38 22.32
CA ALA A 602 -16.73 -34.66 23.45
C ALA A 602 -17.53 -35.13 24.65
N ILE A 603 -18.70 -34.52 24.87
CA ILE A 603 -19.54 -34.95 25.98
C ILE A 603 -19.99 -36.38 25.76
N LYS A 604 -20.36 -36.72 24.56
CA LYS A 604 -20.77 -38.13 24.26
C LYS A 604 -19.65 -39.11 24.52
N SER A 605 -18.45 -38.70 24.09
CA SER A 605 -17.23 -39.51 24.28
C SER A 605 -17.02 -39.80 25.76
N CYS A 606 -17.19 -38.76 26.58
CA CYS A 606 -17.07 -38.96 28.06
C CYS A 606 -18.08 -39.90 28.62
N GLU A 607 -19.24 -39.91 28.02
CA GLU A 607 -20.25 -40.92 28.45
C GLU A 607 -19.73 -42.37 28.29
N TYR A 608 -19.10 -42.63 27.16
CA TYR A 608 -18.49 -43.97 26.94
C TYR A 608 -17.37 -44.20 27.91
N ILE A 609 -16.57 -43.18 28.16
CA ILE A 609 -15.47 -43.35 29.10
C ILE A 609 -16.00 -43.73 30.45
N LYS A 610 -17.09 -43.07 30.91
CA LYS A 610 -17.62 -43.34 32.27
C LYS A 610 -18.25 -44.72 32.32
N GLN A 611 -18.65 -45.23 31.16
CA GLN A 611 -19.25 -46.58 31.09
C GLN A 611 -18.24 -47.71 31.03
N ASN A 612 -16.99 -47.37 30.73
CA ASN A 612 -15.94 -48.34 30.48
C ASN A 612 -14.67 -48.23 31.32
N PHE A 613 -14.50 -47.20 32.15
CA PHE A 613 -13.28 -47.06 32.92
C PHE A 613 -13.73 -46.62 34.30
N THR A 614 -13.21 -47.29 35.30
CA THR A 614 -13.46 -46.95 36.66
C THR A 614 -12.46 -45.96 37.24
N PRO A 615 -12.95 -44.91 37.88
CA PRO A 615 -11.98 -43.97 38.50
C PRO A 615 -11.20 -44.66 39.63
N SER A 616 -9.92 -44.29 39.80
CA SER A 616 -9.10 -44.90 40.86
C SER A 616 -9.61 -44.41 42.20
N PRO A 617 -9.54 -45.25 43.26
CA PRO A 617 -10.09 -44.71 44.51
C PRO A 617 -9.27 -43.50 45.01
N PHE A 618 -9.94 -42.54 45.64
CA PHE A 618 -9.28 -41.27 46.05
C PHE A 618 -7.93 -41.46 46.80
N ASP B 44 -9.94 -2.34 52.13
CA ASP B 44 -9.58 -1.46 53.33
C ASP B 44 -9.66 0.01 53.00
N ILE B 45 -9.90 0.77 54.05
CA ILE B 45 -10.22 2.17 53.88
C ILE B 45 -8.93 3.02 54.03
N LYS B 46 -8.02 2.56 54.92
CA LYS B 46 -6.80 3.28 55.34
C LYS B 46 -5.47 2.51 55.13
N TYR B 47 -4.46 3.14 54.51
CA TYR B 47 -3.13 2.56 54.29
C TYR B 47 -2.08 3.56 54.74
N ASP B 48 -0.85 3.10 54.93
CA ASP B 48 0.26 3.97 55.15
C ASP B 48 0.58 4.66 53.85
N VAL B 49 0.66 3.87 52.77
CA VAL B 49 1.06 4.50 51.47
C VAL B 49 0.16 3.93 50.39
N VAL B 50 -0.26 4.75 49.43
CA VAL B 50 -0.95 4.33 48.28
C VAL B 50 -0.17 4.77 47.07
N ILE B 51 -0.06 3.85 46.09
CA ILE B 51 0.75 4.03 44.92
C ILE B 51 -0.21 3.84 43.75
N VAL B 52 -0.22 4.79 42.83
CA VAL B 52 -1.05 4.73 41.68
C VAL B 52 -0.18 4.29 40.53
N GLY B 53 -0.46 3.11 40.05
CA GLY B 53 0.25 2.51 38.91
C GLY B 53 1.18 1.37 39.36
N SER B 54 1.19 0.28 38.57
CA SER B 54 2.01 -0.89 38.85
C SER B 54 3.10 -1.13 37.85
N GLY B 55 3.49 -0.10 37.14
CA GLY B 55 4.65 -0.20 36.31
C GLY B 55 5.92 -0.26 37.16
N PRO B 56 7.06 -0.31 36.50
CA PRO B 56 8.36 -0.54 37.16
C PRO B 56 8.68 0.54 38.18
N ILE B 57 8.18 1.77 37.97
CA ILE B 57 8.43 2.81 38.94
C ILE B 57 7.56 2.70 40.19
N GLY B 58 6.24 2.49 40.02
CA GLY B 58 5.42 2.14 41.15
C GLY B 58 5.97 0.96 41.91
N CYS B 59 6.45 -0.05 41.17
CA CYS B 59 7.08 -1.21 41.82
C CYS B 59 8.35 -0.92 42.58
N THR B 60 9.09 0.12 42.20
CA THR B 60 10.28 0.54 42.96
C THR B 60 9.85 1.13 44.32
N TYR B 61 8.80 1.97 44.30
CA TYR B 61 8.24 2.43 45.60
C TYR B 61 7.69 1.25 46.41
N ALA B 62 7.04 0.30 45.76
CA ALA B 62 6.51 -0.86 46.53
C ALA B 62 7.63 -1.67 47.15
N ARG B 63 8.61 -2.05 46.33
CA ARG B 63 9.74 -2.77 46.88
C ARG B 63 10.36 -2.05 48.10
N GLU B 64 10.63 -0.75 47.98
CA GLU B 64 11.27 -0.04 49.07
C GLU B 64 10.39 0.06 50.26
N LEU B 65 9.15 0.50 50.07
CA LEU B 65 8.26 0.81 51.22
C LEU B 65 7.62 -0.44 51.77
N VAL B 66 7.29 -1.42 50.93
CA VAL B 66 6.79 -2.65 51.51
C VAL B 66 7.91 -3.36 52.36
N GLY B 67 9.12 -3.41 51.80
CA GLY B 67 10.30 -3.94 52.52
C GLY B 67 10.55 -3.21 53.84
N ALA B 68 10.30 -1.91 53.88
CA ALA B 68 10.50 -1.10 55.10
C ALA B 68 9.37 -1.15 56.07
N GLY B 69 8.36 -1.97 55.82
CA GLY B 69 7.35 -2.23 56.87
C GLY B 69 6.02 -1.43 56.75
N TYR B 70 5.85 -0.62 55.68
CA TYR B 70 4.65 0.21 55.47
C TYR B 70 3.49 -0.66 54.97
N LYS B 71 2.28 -0.34 55.41
CA LYS B 71 1.07 -0.92 54.87
C LYS B 71 0.82 -0.22 53.54
N VAL B 72 1.02 -0.96 52.47
CA VAL B 72 0.99 -0.34 51.11
C VAL B 72 -0.20 -0.91 50.30
N ALA B 73 -0.89 -0.02 49.55
CA ALA B 73 -1.88 -0.41 48.56
C ALA B 73 -1.41 0.18 47.29
N MET B 74 -1.60 -0.59 46.23
CA MET B 74 -1.26 -0.16 44.89
C MET B 74 -2.48 -0.37 44.04
N PHE B 75 -2.78 0.63 43.21
CA PHE B 75 -3.89 0.59 42.32
C PHE B 75 -3.39 0.68 40.90
N ASP B 76 -4.02 -0.09 40.04
CA ASP B 76 -3.80 0.01 38.59
C ASP B 76 -5.09 -0.01 37.81
N ILE B 77 -5.20 0.87 36.83
CA ILE B 77 -6.42 0.98 36.10
C ILE B 77 -6.63 -0.27 35.21
N GLY B 78 -5.54 -0.97 34.93
CA GLY B 78 -5.56 -2.18 34.04
C GLY B 78 -5.50 -3.44 34.90
N GLU B 79 -5.35 -4.57 34.22
CA GLU B 79 -5.62 -5.87 34.84
C GLU B 79 -4.43 -6.81 34.72
N ILE B 80 -4.47 -7.85 35.53
CA ILE B 80 -3.51 -8.88 35.50
C ILE B 80 -3.81 -9.72 34.25
N ASP B 81 -2.88 -9.77 33.32
CA ASP B 81 -2.97 -10.69 32.19
C ASP B 81 -1.71 -11.64 32.06
N SER B 82 -0.58 -11.22 31.50
CA SER B 82 0.79 -11.69 31.84
C SER B 82 1.11 -13.08 32.46
N GLY B 83 0.18 -13.97 32.83
CA GLY B 83 0.59 -15.19 33.48
C GLY B 83 0.67 -15.16 35.02
N LEU B 84 1.17 -16.21 35.63
CA LEU B 84 1.16 -16.37 37.08
C LEU B 84 2.09 -15.40 37.81
N LYS B 85 3.13 -14.98 37.13
CA LYS B 85 4.03 -13.90 37.54
C LYS B 85 3.41 -12.55 37.19
N ILE B 86 2.89 -11.89 38.23
CA ILE B 86 2.07 -10.72 38.03
C ILE B 86 2.95 -9.58 37.54
N GLY B 87 2.55 -8.89 36.50
CA GLY B 87 3.31 -7.78 35.97
C GLY B 87 4.63 -8.18 35.26
N ALA B 88 4.75 -9.45 34.85
CA ALA B 88 5.97 -9.89 34.23
C ALA B 88 5.99 -9.58 32.71
N HIS B 89 7.14 -9.86 32.10
CA HIS B 89 7.34 -9.52 30.69
C HIS B 89 6.62 -10.56 29.88
N LYS B 90 5.79 -10.11 28.93
CA LYS B 90 4.98 -10.99 28.17
C LYS B 90 5.79 -11.75 27.14
N LYS B 91 7.03 -11.32 26.90
CA LYS B 91 7.86 -11.94 25.86
C LYS B 91 8.52 -13.15 26.48
N ASN B 92 8.34 -13.37 27.77
CA ASN B 92 8.95 -14.51 28.43
C ASN B 92 8.15 -15.80 28.31
N THR B 93 7.73 -16.20 27.14
CA THR B 93 7.07 -17.46 26.96
C THR B 93 7.88 -18.17 25.86
N VAL B 94 7.88 -19.48 25.94
CA VAL B 94 8.60 -20.26 25.01
C VAL B 94 8.15 -19.90 23.61
N GLU B 95 6.84 -19.65 23.44
CA GLU B 95 6.30 -19.40 22.10
C GLU B 95 6.79 -18.08 21.55
N TYR B 96 6.85 -17.07 22.41
CA TYR B 96 7.31 -15.75 21.96
C TYR B 96 8.79 -15.77 21.66
N GLN B 97 9.56 -16.53 22.39
CA GLN B 97 10.96 -16.57 22.06
C GLN B 97 11.27 -17.47 20.88
N LYS B 98 10.36 -18.34 20.49
CA LYS B 98 10.49 -19.05 19.21
C LYS B 98 9.98 -18.26 18.02
N ASN B 99 9.36 -17.11 18.24
CA ASN B 99 8.56 -16.44 17.19
C ASN B 99 8.60 -14.97 17.54
N ILE B 100 9.78 -14.41 17.70
CA ILE B 100 9.89 -13.10 18.22
C ILE B 100 9.23 -12.03 17.38
N ASP B 101 9.06 -12.27 16.09
CA ASP B 101 8.40 -11.30 15.20
C ASP B 101 6.90 -11.10 15.55
N LYS B 102 6.29 -12.11 16.18
CA LYS B 102 4.88 -12.02 16.61
C LYS B 102 4.75 -11.13 17.80
N PHE B 103 5.82 -10.89 18.53
CA PHE B 103 5.66 -10.06 19.73
C PHE B 103 5.27 -8.58 19.41
N VAL B 104 5.61 -8.13 18.21
CA VAL B 104 5.25 -6.75 17.75
C VAL B 104 3.73 -6.61 17.90
N ASN B 105 3.00 -7.70 17.66
CA ASN B 105 1.56 -7.68 17.78
C ASN B 105 1.11 -7.44 19.19
N VAL B 106 1.79 -8.06 20.16
CA VAL B 106 1.43 -7.85 21.55
C VAL B 106 1.62 -6.42 21.92
N ILE B 107 2.73 -5.83 21.48
CA ILE B 107 3.03 -4.46 21.78
C ILE B 107 1.92 -3.58 21.19
N GLN B 108 1.66 -3.75 19.91
CA GLN B 108 0.66 -2.95 19.27
C GLN B 108 -0.70 -3.05 19.97
N GLY B 109 -1.03 -4.25 20.44
CA GLY B 109 -2.32 -4.45 21.03
C GLY B 109 -2.48 -3.75 22.41
N GLN B 110 -1.42 -3.22 23.01
CA GLN B 110 -1.59 -2.56 24.29
C GLN B 110 -1.05 -1.16 24.31
N LEU B 111 -0.82 -0.59 23.14
CA LEU B 111 -0.40 0.80 23.03
C LEU B 111 -1.60 1.58 22.50
N MET B 112 -2.22 2.35 23.38
CA MET B 112 -3.42 3.11 23.02
C MET B 112 -2.96 4.58 22.80
N SER B 113 -3.16 5.11 21.61
CA SER B 113 -2.69 6.48 21.28
C SER B 113 -3.20 7.54 22.21
N VAL B 114 -2.34 8.50 22.56
CA VAL B 114 -2.68 9.49 23.57
C VAL B 114 -3.63 10.54 22.99
N SER B 115 -3.30 11.05 21.82
CA SER B 115 -4.06 12.14 21.26
C SER B 115 -4.07 11.98 19.71
N VAL B 116 -5.25 11.69 19.16
CA VAL B 116 -5.49 11.46 17.75
C VAL B 116 -6.29 12.64 17.25
N PRO B 117 -5.68 13.42 16.38
CA PRO B 117 -6.45 14.53 15.91
C PRO B 117 -7.63 14.11 15.07
N VAL B 118 -8.57 15.04 14.86
CA VAL B 118 -9.76 14.79 14.06
C VAL B 118 -9.30 14.45 12.61
N ASN B 119 -9.83 13.36 12.11
CA ASN B 119 -9.42 12.80 10.77
C ASN B 119 -9.99 13.60 9.65
N THR B 120 -9.18 13.91 8.63
CA THR B 120 -9.66 14.69 7.51
C THR B 120 -9.44 13.95 6.22
N LEU B 121 -9.35 12.63 6.29
CA LEU B 121 -9.18 11.81 5.02
C LEU B 121 -10.45 11.93 4.25
N VAL B 122 -10.37 12.05 2.92
CA VAL B 122 -11.56 12.20 2.10
C VAL B 122 -11.97 10.80 1.61
N VAL B 123 -13.14 10.38 1.96
CA VAL B 123 -13.72 9.13 1.46
C VAL B 123 -14.86 9.51 0.58
N ASP B 124 -14.59 9.61 -0.72
CA ASP B 124 -15.63 10.05 -1.62
C ASP B 124 -16.11 8.90 -2.55
N THR B 125 -15.90 7.66 -2.11
CA THR B 125 -16.41 6.53 -2.88
C THR B 125 -17.37 5.70 -2.02
N LEU B 126 -18.02 6.31 -1.02
CA LEU B 126 -19.19 5.65 -0.43
C LEU B 126 -20.29 5.44 -1.44
N SER B 127 -21.11 4.44 -1.22
CA SER B 127 -22.34 4.37 -1.99
C SER B 127 -23.20 5.64 -1.75
N PRO B 128 -23.89 6.12 -2.78
CA PRO B 128 -24.83 7.21 -2.55
C PRO B 128 -25.89 6.90 -1.47
N THR B 129 -26.18 5.62 -1.17
CA THR B 129 -27.16 5.31 -0.12
C THR B 129 -26.65 5.34 1.29
N SER B 130 -25.34 5.31 1.49
CA SER B 130 -24.76 5.25 2.77
C SER B 130 -24.78 6.63 3.42
N TRP B 131 -24.88 6.64 4.73
CA TRP B 131 -24.84 7.87 5.45
C TRP B 131 -23.46 8.50 5.30
N GLN B 132 -23.40 9.76 4.85
CA GLN B 132 -22.18 10.40 4.41
C GLN B 132 -22.02 11.76 5.15
N ALA B 133 -20.83 12.00 5.67
CA ALA B 133 -20.55 13.14 6.53
C ALA B 133 -20.64 14.42 5.71
N SER B 134 -21.16 15.50 6.34
CA SER B 134 -20.93 16.86 5.74
C SER B 134 -19.73 17.59 6.25
N THR B 135 -19.22 17.21 7.41
CA THR B 135 -18.04 17.82 7.96
C THR B 135 -17.13 16.71 8.49
N PHE B 136 -15.89 17.07 8.85
CA PHE B 136 -15.02 16.14 9.49
C PHE B 136 -15.31 16.31 10.99
N PHE B 137 -16.36 15.62 11.45
CA PHE B 137 -16.79 15.82 12.83
C PHE B 137 -15.99 14.93 13.72
N VAL B 138 -16.17 15.10 15.04
CA VAL B 138 -15.39 14.32 16.01
C VAL B 138 -15.90 12.90 16.06
N ARG B 139 -15.08 12.00 15.49
CA ARG B 139 -15.42 10.59 15.31
C ARG B 139 -14.42 9.76 16.12
N ASN B 140 -14.86 8.57 16.50
CA ASN B 140 -13.96 7.52 16.99
C ASN B 140 -12.96 7.90 18.06
N GLY B 141 -13.31 8.72 19.02
CA GLY B 141 -12.35 9.01 20.08
C GLY B 141 -11.30 10.07 19.72
N SER B 142 -11.43 10.70 18.54
CA SER B 142 -10.47 11.68 18.22
C SER B 142 -10.61 12.92 19.08
N ASN B 143 -9.52 13.66 19.11
CA ASN B 143 -9.39 14.87 19.89
C ASN B 143 -9.44 16.17 19.11
N PRO B 144 -10.55 16.91 19.20
CA PRO B 144 -10.63 18.14 18.40
C PRO B 144 -9.77 19.28 18.95
N GLU B 145 -9.19 19.13 20.15
CA GLU B 145 -8.28 20.13 20.65
C GLU B 145 -6.90 20.09 19.92
N GLN B 146 -6.61 18.97 19.27
CA GLN B 146 -5.25 18.67 18.85
C GLN B 146 -4.96 19.20 17.45
N ASP B 147 -3.95 20.04 17.34
CA ASP B 147 -3.39 20.44 16.07
C ASP B 147 -2.59 19.27 15.57
N PRO B 148 -2.96 18.70 14.43
CA PRO B 148 -2.23 17.55 13.98
C PRO B 148 -0.79 17.76 13.65
N LEU B 149 -0.42 19.03 13.37
CA LEU B 149 0.94 19.43 13.05
C LEU B 149 1.83 19.81 14.24
N ARG B 150 1.31 19.71 15.46
CA ARG B 150 2.07 20.04 16.68
C ARG B 150 1.78 18.94 17.68
N ASN B 151 1.72 17.75 17.16
CA ASN B 151 1.40 16.58 18.01
C ASN B 151 2.63 15.69 18.28
N LEU B 152 2.46 14.77 19.26
CA LEU B 152 3.28 13.59 19.40
C LEU B 152 2.36 12.46 19.00
N SER B 153 2.16 12.25 17.68
CA SER B 153 1.17 11.33 17.26
C SER B 153 1.45 9.87 17.69
N GLY B 154 2.73 9.54 17.88
CA GLY B 154 3.13 8.19 18.19
C GLY B 154 3.03 7.94 19.67
N GLN B 155 2.78 8.98 20.47
CA GLN B 155 2.71 8.80 21.92
C GLN B 155 1.56 7.86 22.22
N ALA B 156 1.79 6.92 23.11
CA ALA B 156 0.74 5.96 23.48
C ALA B 156 0.97 5.51 24.88
N VAL B 157 -0.07 4.91 25.48
CA VAL B 157 -0.04 4.42 26.88
C VAL B 157 -0.54 2.98 26.99
N THR B 158 -0.14 2.30 28.05
CA THR B 158 -0.51 0.93 28.28
C THR B 158 -1.17 0.85 29.63
N ARG B 159 -2.29 0.11 29.72
CA ARG B 159 -3.02 -0.02 30.91
C ARG B 159 -3.17 -1.49 31.17
N VAL B 160 -2.12 -2.11 31.71
CA VAL B 160 -2.13 -3.47 32.19
C VAL B 160 -1.28 -3.48 33.45
N VAL B 161 -1.45 -4.48 34.29
CA VAL B 161 -0.62 -4.52 35.49
C VAL B 161 0.85 -4.77 35.05
N GLY B 162 1.76 -3.97 35.58
CA GLY B 162 3.15 -3.93 35.12
C GLY B 162 3.44 -2.87 34.07
N GLY B 163 2.40 -2.19 33.61
CA GLY B 163 2.52 -1.07 32.64
C GLY B 163 3.25 -1.49 31.39
N MET B 164 4.12 -0.59 30.90
CA MET B 164 4.83 -0.83 29.68
C MET B 164 5.99 -1.83 29.85
N SER B 165 6.37 -2.14 31.10
CA SER B 165 7.45 -3.12 31.37
C SER B 165 6.99 -4.52 31.07
N THR B 166 5.70 -4.69 30.72
CA THR B 166 5.20 -5.97 30.23
C THR B 166 5.65 -6.23 28.75
N ALA B 167 6.17 -5.19 28.08
CA ALA B 167 6.46 -5.32 26.68
C ALA B 167 7.77 -4.57 26.26
N TRP B 168 8.38 -3.82 27.13
CA TRP B 168 9.57 -3.04 26.80
C TRP B 168 10.75 -3.81 26.39
N THR B 169 11.74 -3.09 25.89
CA THR B 169 12.88 -3.76 25.36
C THR B 169 14.08 -3.77 26.30
N CYS B 170 13.89 -3.33 27.56
CA CYS B 170 14.81 -3.61 28.62
C CYS B 170 16.19 -2.96 28.58
N ALA B 171 16.36 -1.93 27.75
CA ALA B 171 17.62 -1.20 27.62
C ALA B 171 17.70 -0.25 28.78
N THR B 172 18.69 -0.46 29.67
CA THR B 172 18.83 0.41 30.84
C THR B 172 20.23 1.05 31.01
N PRO B 173 20.61 1.98 30.14
CA PRO B 173 21.83 2.72 30.29
C PRO B 173 21.74 3.77 31.37
N ARG B 174 22.88 4.09 31.98
CA ARG B 174 23.01 5.25 32.83
C ARG B 174 23.17 6.51 31.94
N PHE B 175 22.71 7.67 32.43
CA PHE B 175 22.96 8.97 31.75
C PHE B 175 24.30 9.44 32.28
N ASP B 176 25.07 10.07 31.42
CA ASP B 176 26.24 10.79 31.82
C ASP B 176 25.77 12.17 32.27
N ARG B 177 26.73 12.94 32.82
CA ARG B 177 26.43 14.22 33.38
C ARG B 177 25.62 15.07 32.44
N GLU B 178 25.99 15.08 31.17
CA GLU B 178 25.42 16.01 30.20
C GLU B 178 23.91 15.82 30.11
N GLN B 179 23.47 14.61 30.34
CA GLN B 179 22.04 14.26 30.15
C GLN B 179 21.21 14.22 31.39
N ARG B 180 21.83 14.50 32.52
CA ARG B 180 21.33 14.09 33.82
C ARG B 180 21.12 15.31 34.72
N PRO B 181 20.02 15.36 35.47
CA PRO B 181 19.89 16.53 36.34
C PRO B 181 20.71 16.33 37.58
N LEU B 182 21.02 17.45 38.18
CA LEU B 182 21.85 17.49 39.34
C LEU B 182 21.03 17.04 40.50
N LEU B 183 21.62 16.19 41.33
CA LEU B 183 21.08 15.92 42.68
C LEU B 183 21.86 16.58 43.80
N VAL B 184 23.03 17.13 43.52
CA VAL B 184 23.85 17.87 44.48
C VAL B 184 24.41 19.10 43.73
N LYS B 185 24.14 20.32 44.20
CA LYS B 185 24.67 21.52 43.51
C LYS B 185 26.12 21.73 43.90
N ASP B 186 26.91 22.31 43.00
CA ASP B 186 28.26 22.78 43.35
C ASP B 186 29.18 21.72 43.92
N ASP B 187 29.05 20.46 43.47
CA ASP B 187 29.95 19.39 43.88
C ASP B 187 29.74 18.19 42.93
N ALA B 188 30.31 18.34 41.74
CA ALA B 188 30.20 17.39 40.67
C ALA B 188 30.59 16.01 41.20
N ASP B 189 31.69 15.91 41.93
CA ASP B 189 32.09 14.57 42.44
C ASP B 189 31.05 13.97 43.39
N ALA B 190 30.48 14.77 44.29
CA ALA B 190 29.41 14.29 45.19
C ALA B 190 28.14 13.97 44.38
N ASP B 191 27.86 14.78 43.36
CA ASP B 191 26.73 14.50 42.49
C ASP B 191 26.91 13.14 41.78
N ASP B 192 28.09 12.95 41.20
CA ASP B 192 28.41 11.67 40.51
C ASP B 192 28.27 10.52 41.49
N ALA B 193 28.64 10.72 42.74
CA ALA B 193 28.68 9.60 43.72
C ALA B 193 27.27 9.20 44.06
N GLU B 194 26.43 10.20 44.25
CA GLU B 194 25.03 9.96 44.52
C GLU B 194 24.32 9.22 43.37
N TRP B 195 24.56 9.66 42.16
CA TRP B 195 23.99 8.92 41.04
C TRP B 195 24.51 7.50 40.91
N ASP B 196 25.83 7.30 41.13
CA ASP B 196 26.37 5.95 41.09
C ASP B 196 25.69 5.05 42.12
N ARG B 197 25.50 5.55 43.36
CA ARG B 197 24.86 4.78 44.41
C ARG B 197 23.40 4.39 43.98
N LEU B 198 22.71 5.34 43.35
CA LEU B 198 21.30 5.13 43.02
C LEU B 198 21.20 4.23 41.81
N TYR B 199 21.96 4.54 40.77
CA TYR B 199 21.97 3.66 39.62
C TYR B 199 22.39 2.21 39.99
N THR B 200 23.33 2.05 40.90
CA THR B 200 23.74 0.72 41.27
C THR B 200 22.57 -0.03 41.83
N LYS B 201 21.80 0.59 42.72
CA LYS B 201 20.64 -0.12 43.28
C LYS B 201 19.63 -0.41 42.18
N ALA B 202 19.31 0.60 41.39
CA ALA B 202 18.35 0.49 40.31
C ALA B 202 18.75 -0.72 39.40
N GLU B 203 20.04 -0.81 39.03
CA GLU B 203 20.53 -1.90 38.15
C GLU B 203 20.31 -3.26 38.81
N SER B 204 20.48 -3.27 40.11
CA SER B 204 20.22 -4.49 40.89
C SER B 204 18.75 -4.90 40.85
N TYR B 205 17.84 -3.94 41.06
CA TYR B 205 16.39 -4.17 41.02
C TYR B 205 15.93 -4.69 39.67
N PHE B 206 16.40 -4.07 38.58
CA PHE B 206 16.12 -4.55 37.23
C PHE B 206 16.89 -5.75 36.74
N GLN B 207 17.94 -6.13 37.47
CA GLN B 207 18.91 -7.16 37.04
C GLN B 207 19.54 -6.78 35.72
N THR B 208 19.94 -5.52 35.61
CA THR B 208 20.76 -5.04 34.50
C THR B 208 22.10 -5.74 34.39
N GLY B 209 22.50 -6.01 33.14
CA GLY B 209 23.73 -6.77 32.85
C GLY B 209 24.22 -6.37 31.46
N THR B 210 25.47 -6.72 31.14
CA THR B 210 26.02 -6.34 29.84
C THR B 210 26.70 -7.54 29.18
N ASP B 211 26.32 -8.73 29.60
CA ASP B 211 26.97 -9.89 29.03
C ASP B 211 26.02 -11.03 28.64
N GLN B 212 24.72 -10.75 28.59
CA GLN B 212 23.75 -11.80 28.32
C GLN B 212 23.81 -12.20 26.84
N PHE B 213 24.38 -11.34 25.98
CA PHE B 213 24.62 -11.68 24.53
C PHE B 213 26.07 -11.88 24.12
N LYS B 214 26.91 -12.14 25.13
CA LYS B 214 28.34 -12.25 24.88
C LYS B 214 28.71 -13.37 23.89
N GLU B 215 27.93 -14.44 23.80
CA GLU B 215 28.29 -15.53 22.89
C GLU B 215 27.44 -15.56 21.62
N SER B 216 26.76 -14.47 21.32
CA SER B 216 26.09 -14.33 19.99
C SER B 216 27.12 -14.02 18.94
N ILE B 217 27.12 -14.81 17.88
CA ILE B 217 27.92 -14.52 16.71
C ILE B 217 27.60 -13.15 16.08
N ARG B 218 26.32 -12.94 15.77
CA ARG B 218 25.87 -11.68 15.17
C ARG B 218 26.24 -10.49 16.06
N HIS B 219 25.99 -10.65 17.33
CA HIS B 219 26.40 -9.57 18.25
C HIS B 219 27.88 -9.26 18.13
N ASN B 220 28.73 -10.28 18.21
CA ASN B 220 30.18 -10.04 18.13
C ASN B 220 30.63 -9.61 16.78
N LEU B 221 29.96 -10.14 15.76
CA LEU B 221 30.28 -9.72 14.45
C LEU B 221 30.15 -8.24 14.26
N VAL B 222 29.01 -7.73 14.69
CA VAL B 222 28.73 -6.32 14.57
C VAL B 222 29.62 -5.53 15.56
N LEU B 223 29.65 -6.00 16.79
CA LEU B 223 30.48 -5.32 17.77
C LEU B 223 31.93 -5.13 17.35
N ASN B 224 32.56 -6.20 16.85
CA ASN B 224 33.98 -6.15 16.48
C ASN B 224 34.19 -5.24 15.33
N LYS B 225 33.29 -5.24 14.36
CA LYS B 225 33.52 -4.44 13.14
C LYS B 225 33.39 -2.93 13.50
N LEU B 226 32.41 -2.62 14.30
CA LEU B 226 32.24 -1.23 14.70
C LEU B 226 33.36 -0.79 15.66
N THR B 227 33.67 -1.61 16.66
CA THR B 227 34.87 -1.33 17.46
C THR B 227 36.12 -1.03 16.60
N GLU B 228 36.37 -1.84 15.59
CA GLU B 228 37.52 -1.63 14.69
C GLU B 228 37.38 -0.33 13.90
N GLU B 229 36.19 -0.07 13.37
CA GLU B 229 35.99 1.08 12.46
C GLU B 229 36.11 2.42 13.16
N TYR B 230 35.78 2.46 14.44
CA TYR B 230 35.84 3.67 15.20
C TYR B 230 36.94 3.56 16.24
N LYS B 231 37.94 2.78 15.93
CA LYS B 231 39.02 2.53 16.92
C LYS B 231 39.65 3.88 17.38
N GLY B 232 39.67 4.08 18.69
CA GLY B 232 40.20 5.31 19.25
C GLY B 232 39.23 6.50 19.20
N GLN B 233 38.03 6.33 18.63
CA GLN B 233 37.13 7.46 18.38
C GLN B 233 35.83 7.25 19.11
N ARG B 234 35.31 6.04 19.06
CA ARG B 234 34.14 5.70 19.87
C ARG B 234 34.19 4.31 20.45
N ASP B 235 33.59 4.16 21.63
CA ASP B 235 33.53 2.84 22.23
C ASP B 235 32.16 2.21 22.02
N PHE B 236 32.17 0.91 21.78
CA PHE B 236 30.98 0.11 21.61
C PHE B 236 30.94 -1.00 22.67
N GLN B 237 29.75 -1.34 23.12
CA GLN B 237 29.60 -2.35 24.14
C GLN B 237 28.23 -3.01 23.89
N GLN B 238 27.87 -3.94 24.74
CA GLN B 238 26.52 -4.44 24.73
C GLN B 238 25.60 -3.41 25.34
N ILE B 239 24.44 -3.24 24.72
CA ILE B 239 23.38 -2.45 25.40
C ILE B 239 23.23 -3.05 26.77
N PRO B 240 23.18 -2.22 27.81
CA PRO B 240 22.89 -2.76 29.14
C PRO B 240 21.41 -3.13 29.16
N LEU B 241 21.11 -4.31 29.60
CA LEU B 241 19.81 -4.90 29.46
C LEU B 241 19.35 -5.46 30.79
N ALA B 242 18.10 -5.13 31.13
CA ALA B 242 17.47 -5.65 32.32
C ALA B 242 16.96 -7.01 31.90
N ALA B 243 17.83 -8.02 32.01
CA ALA B 243 17.52 -9.40 31.57
C ALA B 243 18.51 -10.41 32.23
N THR B 244 18.04 -11.65 32.44
CA THR B 244 18.90 -12.75 32.86
C THR B 244 18.74 -13.87 31.84
N ARG B 245 19.85 -14.33 31.28
CA ARG B 245 19.78 -15.44 30.37
C ARG B 245 19.56 -16.72 31.15
N ARG B 246 18.62 -17.54 30.71
CA ARG B 246 18.36 -18.80 31.34
C ARG B 246 18.89 -19.97 30.52
N SER B 247 19.13 -19.81 29.24
CA SER B 247 19.57 -20.93 28.42
C SER B 247 20.06 -20.27 27.15
N PRO B 248 20.71 -21.05 26.26
CA PRO B 248 21.17 -20.41 25.02
C PRO B 248 20.10 -19.91 24.13
N THR B 249 18.85 -20.32 24.36
CA THR B 249 17.75 -19.90 23.51
C THR B 249 16.64 -19.19 24.32
N PHE B 250 16.87 -18.90 25.58
CA PHE B 250 15.84 -18.24 26.33
C PHE B 250 16.41 -17.17 27.26
N VAL B 251 15.81 -15.97 27.19
CA VAL B 251 16.23 -14.87 28.03
C VAL B 251 15.03 -14.43 28.84
N GLU B 252 15.16 -14.38 30.17
CA GLU B 252 14.12 -13.91 30.97
C GLU B 252 14.30 -12.39 31.06
N TRP B 253 13.54 -11.69 30.23
CA TRP B 253 13.56 -10.20 30.24
C TRP B 253 12.91 -9.68 31.52
N SER B 254 13.46 -8.59 32.03
CA SER B 254 12.99 -8.08 33.32
C SER B 254 11.78 -7.23 33.07
N SER B 255 11.09 -6.90 34.15
CA SER B 255 9.86 -6.15 34.07
C SER B 255 9.60 -5.61 35.50
N ALA B 256 8.42 -5.04 35.67
CA ALA B 256 8.01 -4.62 37.01
C ALA B 256 8.05 -5.79 37.96
N ASN B 257 7.66 -6.98 37.47
CA ASN B 257 7.58 -8.15 38.34
C ASN B 257 8.98 -8.45 38.95
N THR B 258 10.00 -8.19 38.15
CA THR B 258 11.41 -8.39 38.59
C THR B 258 11.69 -7.44 39.78
N VAL B 259 11.18 -6.23 39.70
CA VAL B 259 11.37 -5.22 40.76
C VAL B 259 10.61 -5.63 41.97
N PHE B 260 9.35 -6.00 41.80
CA PHE B 260 8.55 -6.39 42.95
C PHE B 260 7.54 -7.37 42.38
N ASP B 261 7.29 -8.49 43.03
CA ASP B 261 6.54 -9.56 42.42
C ASP B 261 5.06 -9.31 42.45
N LEU B 262 4.61 -8.25 43.17
CA LEU B 262 3.18 -7.82 43.13
C LEU B 262 2.20 -8.78 43.76
N GLN B 263 2.71 -9.74 44.53
CA GLN B 263 1.88 -10.65 45.31
C GLN B 263 1.43 -9.94 46.60
N ASN B 264 0.20 -10.21 47.03
CA ASN B 264 -0.34 -9.58 48.18
C ASN B 264 0.41 -10.17 49.37
N ARG B 265 0.59 -9.32 50.40
CA ARG B 265 1.25 -9.69 51.57
C ARG B 265 0.42 -9.19 52.72
N PRO B 266 0.51 -9.86 53.86
CA PRO B 266 1.49 -10.92 54.16
C PRO B 266 1.28 -12.25 53.40
N ASN B 267 2.36 -12.92 53.11
CA ASN B 267 2.28 -14.25 52.54
C ASN B 267 3.42 -15.11 53.15
N THR B 268 3.37 -16.42 52.93
CA THR B 268 4.39 -17.33 53.46
C THR B 268 5.78 -16.76 53.28
N ASP B 269 6.08 -16.24 52.09
CA ASP B 269 7.45 -15.75 51.85
C ASP B 269 7.71 -14.41 52.52
N ALA B 270 6.68 -13.68 52.93
CA ALA B 270 6.90 -12.41 53.63
C ALA B 270 5.77 -12.22 54.62
N PRO B 271 5.83 -12.93 55.76
CA PRO B 271 4.70 -12.87 56.70
C PRO B 271 4.58 -11.55 57.45
N GLU B 272 5.59 -10.70 57.35
CA GLU B 272 5.54 -9.46 58.12
C GLU B 272 5.31 -8.24 57.22
N GLU B 273 5.16 -8.47 55.93
CA GLU B 273 4.94 -7.36 54.98
C GLU B 273 3.46 -7.19 54.65
N ARG B 274 3.11 -5.98 54.17
CA ARG B 274 1.70 -5.64 53.96
C ARG B 274 1.57 -4.91 52.63
N PHE B 275 0.97 -5.55 51.65
CA PHE B 275 0.82 -5.02 50.30
C PHE B 275 -0.44 -5.62 49.68
N ASN B 276 -1.24 -4.77 49.03
CA ASN B 276 -2.40 -5.21 48.28
C ASN B 276 -2.38 -4.51 46.98
N LEU B 277 -2.56 -5.26 45.91
CA LEU B 277 -2.64 -4.71 44.59
C LEU B 277 -4.07 -4.80 44.17
N PHE B 278 -4.58 -3.67 43.65
CA PHE B 278 -6.00 -3.54 43.22
C PHE B 278 -6.08 -3.19 41.76
N PRO B 279 -6.20 -4.21 40.90
CA PRO B 279 -6.26 -3.91 39.49
C PRO B 279 -7.64 -3.43 39.09
N ALA B 280 -7.82 -2.94 37.86
CA ALA B 280 -9.11 -2.47 37.39
C ALA B 280 -9.68 -1.41 38.33
N VAL B 281 -8.80 -0.52 38.81
CA VAL B 281 -9.20 0.63 39.60
C VAL B 281 -8.63 1.87 38.97
N ALA B 282 -9.50 2.67 38.38
CA ALA B 282 -9.14 3.99 37.82
C ALA B 282 -9.05 4.99 38.94
N CYS B 283 -7.85 5.53 39.14
CA CYS B 283 -7.60 6.55 40.15
C CYS B 283 -7.85 7.89 39.44
N GLU B 284 -8.63 8.77 40.08
CA GLU B 284 -9.10 9.96 39.38
C GLU B 284 -8.67 11.26 39.93
N ARG B 285 -8.53 11.38 41.27
CA ARG B 285 -8.14 12.65 41.86
C ARG B 285 -7.48 12.43 43.15
N VAL B 286 -6.49 13.25 43.43
CA VAL B 286 -6.00 13.37 44.81
C VAL B 286 -6.74 14.60 45.41
N VAL B 287 -7.25 14.49 46.63
CA VAL B 287 -8.04 15.54 47.18
C VAL B 287 -7.11 16.41 47.98
N ARG B 288 -6.89 17.65 47.49
CA ARG B 288 -6.14 18.64 48.25
C ARG B 288 -6.87 19.20 49.45
N ASN B 289 -6.19 19.49 50.54
CA ASN B 289 -6.88 20.28 51.60
C ASN B 289 -6.96 21.72 51.13
N ALA B 290 -7.79 22.53 51.78
CA ALA B 290 -8.06 23.90 51.27
C ALA B 290 -6.75 24.64 51.34
N LEU B 291 -5.86 24.27 52.26
CA LEU B 291 -4.60 25.04 52.40
C LEU B 291 -3.56 24.62 51.37
N ASN B 292 -3.81 23.58 50.59
CA ASN B 292 -2.84 23.16 49.58
C ASN B 292 -1.46 22.79 50.22
N SER B 293 -1.53 22.01 51.30
CA SER B 293 -0.34 21.58 52.02
C SER B 293 -0.34 20.10 52.22
N GLU B 294 -1.45 19.43 51.88
CA GLU B 294 -1.61 18.02 52.19
C GLU B 294 -2.70 17.40 51.29
N ILE B 295 -2.48 16.17 50.85
CA ILE B 295 -3.51 15.36 50.20
C ILE B 295 -4.29 14.59 51.22
N GLU B 296 -5.62 14.65 51.12
CA GLU B 296 -6.52 14.09 52.16
C GLU B 296 -7.12 12.75 51.77
N SER B 297 -7.15 12.47 50.46
CA SER B 297 -7.65 11.20 49.97
C SER B 297 -7.33 11.01 48.52
N LEU B 298 -7.51 9.79 48.06
CA LEU B 298 -7.41 9.45 46.64
C LEU B 298 -8.79 8.91 46.22
N HIS B 299 -9.34 9.50 45.19
CA HIS B 299 -10.66 9.12 44.71
C HIS B 299 -10.46 8.14 43.59
N ILE B 300 -11.08 6.98 43.73
CA ILE B 300 -10.91 5.90 42.77
C ILE B 300 -12.29 5.48 42.20
N HIS B 301 -12.24 4.81 41.04
CA HIS B 301 -13.41 4.19 40.45
C HIS B 301 -13.12 2.73 40.21
N ASP B 302 -13.75 1.85 40.95
CA ASP B 302 -13.60 0.42 40.73
C ASP B 302 -14.29 0.06 39.43
N LEU B 303 -13.52 -0.34 38.44
CA LEU B 303 -14.09 -0.52 37.09
C LEU B 303 -14.94 -1.79 37.01
N ILE B 304 -14.74 -2.78 37.86
CA ILE B 304 -15.60 -4.00 37.83
C ILE B 304 -16.98 -3.74 38.50
N SER B 305 -17.01 -3.30 39.75
CA SER B 305 -18.31 -2.98 40.41
C SER B 305 -18.92 -1.70 39.84
N GLY B 306 -18.11 -0.83 39.24
CA GLY B 306 -18.57 0.46 38.85
C GLY B 306 -18.61 1.49 39.98
N ASP B 307 -18.36 1.10 41.22
CA ASP B 307 -18.50 2.07 42.33
C ASP B 307 -17.25 2.98 42.50
N ARG B 308 -17.46 4.15 43.15
CA ARG B 308 -16.40 5.11 43.43
C ARG B 308 -16.16 5.16 44.96
N PHE B 309 -14.90 5.23 45.40
CA PHE B 309 -14.51 5.27 46.82
C PHE B 309 -13.47 6.36 47.05
N GLU B 310 -13.23 6.70 48.31
CA GLU B 310 -12.24 7.66 48.72
C GLU B 310 -11.24 6.80 49.54
N ILE B 311 -10.00 6.71 49.13
CA ILE B 311 -9.04 5.92 49.89
C ILE B 311 -8.16 6.86 50.68
N LYS B 312 -7.99 6.57 51.96
CA LYS B 312 -7.13 7.40 52.78
C LYS B 312 -5.69 6.79 52.98
N ALA B 313 -4.65 7.64 52.94
CA ALA B 313 -3.30 7.16 53.20
C ALA B 313 -2.51 8.28 53.88
N ASP B 314 -1.39 7.94 54.54
CA ASP B 314 -0.44 8.95 54.97
C ASP B 314 0.31 9.55 53.80
N VAL B 315 0.61 8.72 52.78
CA VAL B 315 1.53 9.09 51.71
C VAL B 315 0.95 8.61 50.40
N TYR B 316 0.97 9.52 49.43
CA TYR B 316 0.37 9.26 48.15
C TYR B 316 1.48 9.35 47.10
N VAL B 317 1.63 8.31 46.28
CA VAL B 317 2.66 8.24 45.25
C VAL B 317 1.97 8.06 43.90
N LEU B 318 2.29 8.88 42.94
CA LEU B 318 1.67 8.77 41.66
C LEU B 318 2.75 8.29 40.68
N THR B 319 2.56 7.09 40.16
CA THR B 319 3.45 6.54 39.18
C THR B 319 2.67 5.95 37.99
N ALA B 320 1.84 6.78 37.41
CA ALA B 320 0.84 6.38 36.40
C ALA B 320 1.38 6.59 35.00
N GLY B 321 2.65 6.99 34.92
CA GLY B 321 3.30 7.32 33.62
C GLY B 321 3.33 8.82 33.44
N ALA B 322 4.10 9.23 32.47
CA ALA B 322 4.41 10.64 32.26
C ALA B 322 3.17 11.38 31.81
N VAL B 323 2.25 10.67 31.14
CA VAL B 323 1.01 11.32 30.69
C VAL B 323 0.00 11.28 31.75
N HIS B 324 -0.24 10.11 32.31
CA HIS B 324 -1.33 10.01 33.24
C HIS B 324 -1.12 10.53 34.61
N ASN B 325 0.12 10.58 35.09
CA ASN B 325 0.44 11.38 36.30
C ASN B 325 -0.02 12.83 36.10
N THR B 326 0.31 13.40 34.94
CA THR B 326 -0.04 14.77 34.70
C THR B 326 -1.54 14.91 34.61
N GLN B 327 -2.17 13.91 33.99
CA GLN B 327 -3.62 13.98 33.88
C GLN B 327 -4.30 13.98 35.25
N LEU B 328 -3.87 13.08 36.11
CA LEU B 328 -4.46 12.93 37.43
C LEU B 328 -4.24 14.22 38.27
N LEU B 329 -3.06 14.81 38.15
CA LEU B 329 -2.78 16.08 38.82
C LEU B 329 -3.70 17.25 38.33
N VAL B 330 -3.83 17.38 37.02
CA VAL B 330 -4.66 18.40 36.47
C VAL B 330 -6.10 18.14 36.82
N ASN B 331 -6.53 16.87 36.88
CA ASN B 331 -7.90 16.61 37.23
C ASN B 331 -8.12 16.88 38.73
N SER B 332 -7.03 17.15 39.46
CA SER B 332 -7.11 17.31 40.90
C SER B 332 -6.90 18.76 41.30
N GLY B 333 -6.74 19.68 40.34
CA GLY B 333 -6.57 21.09 40.68
C GLY B 333 -5.16 21.68 40.56
N PHE B 334 -4.21 20.85 40.15
CA PHE B 334 -2.85 21.31 39.94
C PHE B 334 -2.72 21.76 38.49
N GLY B 335 -1.78 22.67 38.23
CA GLY B 335 -1.64 23.21 36.87
C GLY B 335 -2.90 23.95 36.44
N GLN B 336 -3.11 23.91 35.14
CA GLN B 336 -4.20 24.60 34.50
C GLN B 336 -4.97 23.62 33.65
N LEU B 337 -6.25 23.45 33.88
CA LEU B 337 -7.07 22.69 32.99
C LEU B 337 -7.45 23.52 31.74
N GLY B 338 -7.52 22.86 30.61
CA GLY B 338 -7.90 23.50 29.36
C GLY B 338 -6.72 24.10 28.60
N ARG B 339 -7.05 24.66 27.45
CA ARG B 339 -6.09 25.27 26.59
C ARG B 339 -5.28 26.28 27.41
N PRO B 340 -3.95 26.23 27.33
CA PRO B 340 -3.12 27.17 28.08
C PRO B 340 -3.54 28.61 27.86
N ASN B 341 -3.56 29.34 28.96
CA ASN B 341 -4.05 30.70 28.93
C ASN B 341 -3.22 31.45 29.96
N PRO B 342 -2.12 32.08 29.50
CA PRO B 342 -1.17 32.81 30.36
C PRO B 342 -1.82 33.96 31.12
N ALA B 343 -2.89 34.52 30.56
CA ALA B 343 -3.68 35.57 31.22
C ALA B 343 -3.94 35.23 32.70
N ASN B 344 -4.49 34.04 32.99
CA ASN B 344 -4.66 33.60 34.40
C ASN B 344 -3.76 32.41 34.76
N PRO B 345 -2.55 32.69 35.21
CA PRO B 345 -1.66 31.57 35.53
C PRO B 345 -2.32 30.68 36.57
N PRO B 346 -1.91 29.42 36.63
CA PRO B 346 -2.62 28.56 37.59
C PRO B 346 -2.23 28.82 39.04
N GLU B 347 -3.05 28.32 39.95
CA GLU B 347 -2.76 28.44 41.37
C GLU B 347 -1.55 27.60 41.85
N LEU B 348 -1.40 26.37 41.34
CA LEU B 348 -0.44 25.46 41.88
C LEU B 348 0.31 24.89 40.68
N LEU B 349 1.60 24.64 40.86
CA LEU B 349 2.40 23.94 39.85
C LEU B 349 2.26 24.54 38.47
N PRO B 350 2.65 25.82 38.36
CA PRO B 350 2.48 26.36 37.03
C PRO B 350 3.37 25.73 35.99
N SER B 351 4.41 24.97 36.37
CA SER B 351 5.23 24.36 35.31
C SER B 351 4.73 22.98 34.87
N LEU B 352 3.61 22.52 35.46
CA LEU B 352 3.10 21.18 35.19
C LEU B 352 2.71 21.15 33.72
N GLY B 353 3.21 20.16 33.02
CA GLY B 353 2.81 19.92 31.64
C GLY B 353 3.53 20.80 30.67
N SER B 354 4.47 21.61 31.16
CA SER B 354 5.32 22.45 30.28
C SER B 354 6.77 21.86 30.27
N TYR B 355 7.58 22.29 29.35
CA TYR B 355 8.96 21.82 29.21
C TYR B 355 9.02 20.34 28.86
N ILE B 356 7.97 19.80 28.25
CA ILE B 356 7.97 18.38 27.90
C ILE B 356 9.04 18.08 26.86
N THR B 357 9.65 16.95 27.02
CA THR B 357 10.58 16.46 26.02
C THR B 357 10.16 15.13 25.52
N GLU B 358 10.39 14.94 24.23
CA GLU B 358 10.33 13.62 23.64
C GLU B 358 11.53 13.58 22.66
N GLN B 359 12.09 12.39 22.50
CA GLN B 359 13.35 12.23 21.75
C GLN B 359 13.04 12.07 20.26
N SER B 360 13.85 12.68 19.40
CA SER B 360 13.80 12.32 17.98
C SER B 360 14.30 10.90 17.83
N LEU B 361 13.73 10.12 16.93
CA LEU B 361 14.15 8.73 16.73
C LEU B 361 14.30 8.48 15.23
N VAL B 362 15.49 8.05 14.79
CA VAL B 362 15.67 7.60 13.46
C VAL B 362 15.91 6.10 13.49
N PHE B 363 15.57 5.46 12.37
CA PHE B 363 15.48 4.02 12.28
C PHE B 363 15.80 3.59 10.87
N CYS B 364 16.54 2.50 10.76
CA CYS B 364 16.60 1.74 9.54
C CYS B 364 16.97 0.34 9.86
N GLN B 365 16.90 -0.50 8.85
CA GLN B 365 17.45 -1.85 8.98
C GLN B 365 18.38 -2.07 7.87
N THR B 366 19.41 -2.88 8.12
CA THR B 366 20.44 -3.26 7.10
C THR B 366 20.47 -4.74 6.85
N VAL B 367 20.94 -5.08 5.67
CA VAL B 367 21.22 -6.45 5.31
C VAL B 367 22.72 -6.55 5.31
N MET B 368 23.19 -7.54 6.07
CA MET B 368 24.64 -7.78 6.33
C MET B 368 25.45 -7.90 5.10
N SER B 369 26.65 -7.27 5.10
CA SER B 369 27.51 -7.27 3.91
C SER B 369 27.98 -8.67 3.62
N THR B 370 28.18 -8.97 2.35
CA THR B 370 28.84 -10.20 1.95
C THR B 370 30.16 -10.41 2.74
N GLU B 371 30.92 -9.34 2.88
CA GLU B 371 32.28 -9.37 3.47
C GLU B 371 32.13 -9.82 4.92
N LEU B 372 31.18 -9.24 5.64
CA LEU B 372 31.01 -9.64 7.04
C LEU B 372 30.51 -11.07 7.10
N ILE B 373 29.60 -11.48 6.21
CA ILE B 373 29.05 -12.86 6.31
C ILE B 373 30.20 -13.85 5.99
N ASP B 374 30.99 -13.56 4.95
CA ASP B 374 32.13 -14.40 4.64
C ASP B 374 33.09 -14.47 5.84
N SER B 375 33.24 -13.39 6.57
CA SER B 375 34.19 -13.41 7.69
C SER B 375 33.75 -14.36 8.80
N VAL B 376 32.47 -14.70 8.89
CA VAL B 376 31.97 -15.59 9.96
C VAL B 376 32.66 -16.97 9.92
N LYS B 377 32.94 -17.45 8.72
CA LYS B 377 33.42 -18.82 8.60
C LYS B 377 34.90 -18.83 8.21
N SER B 378 35.58 -17.72 8.44
CA SER B 378 36.97 -17.52 7.99
C SER B 378 37.98 -18.57 8.56
N ASP B 379 37.66 -19.18 9.70
CA ASP B 379 38.57 -20.08 10.44
C ASP B 379 38.33 -21.55 10.08
N MET B 380 37.43 -21.75 9.13
CA MET B 380 36.95 -23.08 8.92
C MET B 380 37.75 -23.72 7.82
N THR B 381 37.96 -25.03 7.98
CA THR B 381 38.48 -25.88 6.91
C THR B 381 37.33 -26.59 6.28
N ILE B 382 37.19 -26.41 4.97
CA ILE B 382 35.97 -26.83 4.25
C ILE B 382 36.33 -27.90 3.23
N ARG B 383 36.19 -29.17 3.64
CA ARG B 383 36.47 -30.30 2.71
C ARG B 383 35.27 -30.45 1.78
N GLY B 384 35.54 -30.30 0.47
CA GLY B 384 34.65 -30.79 -0.60
C GLY B 384 33.37 -30.00 -0.86
N THR B 385 32.32 -30.73 -1.27
CA THR B 385 31.03 -30.17 -1.75
C THR B 385 29.82 -30.57 -0.83
N PRO B 386 29.09 -29.57 -0.30
CA PRO B 386 27.97 -29.67 0.67
C PRO B 386 26.88 -30.66 0.26
N GLY B 387 26.33 -31.42 1.21
CA GLY B 387 25.37 -32.47 0.87
C GLY B 387 26.09 -33.80 0.60
N GLU B 388 27.30 -33.73 0.02
CA GLU B 388 28.11 -34.91 -0.36
C GLU B 388 28.98 -35.47 0.79
N LEU B 389 29.49 -36.69 0.57
CA LEU B 389 30.40 -37.42 1.50
C LEU B 389 31.68 -36.65 1.73
N THR B 390 32.17 -35.99 0.68
CA THR B 390 33.40 -35.15 0.74
C THR B 390 33.23 -33.83 1.56
N TYR B 391 32.04 -33.57 2.10
CA TYR B 391 31.88 -32.42 3.04
C TYR B 391 32.34 -32.72 4.48
N SER B 392 33.39 -32.03 4.87
CA SER B 392 33.73 -31.95 6.29
C SER B 392 34.03 -30.48 6.55
N VAL B 393 33.63 -30.05 7.75
CA VAL B 393 33.93 -28.70 8.25
C VAL B 393 34.55 -28.92 9.64
N THR B 394 35.77 -28.44 9.73
CA THR B 394 36.57 -28.53 10.94
C THR B 394 37.31 -27.20 11.14
N TYR B 395 37.83 -27.02 12.35
CA TYR B 395 38.72 -25.88 12.60
C TYR B 395 39.68 -26.34 13.68
N THR B 396 40.70 -25.52 13.93
CA THR B 396 41.70 -25.80 14.96
C THR B 396 41.45 -24.95 16.21
N PRO B 397 40.85 -25.55 17.26
CA PRO B 397 40.69 -24.82 18.57
C PRO B 397 41.98 -24.17 19.00
N GLY B 398 41.89 -22.95 19.53
CA GLY B 398 43.10 -22.21 19.91
C GLY B 398 44.08 -21.71 18.82
N ALA B 399 43.93 -22.05 17.53
CA ALA B 399 44.97 -21.62 16.58
C ALA B 399 45.14 -20.09 16.62
N SER B 400 46.36 -19.61 16.75
CA SER B 400 46.63 -18.16 16.88
C SER B 400 46.33 -17.40 15.56
N THR B 401 46.30 -18.08 14.44
CA THR B 401 45.91 -17.46 13.18
C THR B 401 44.37 -17.23 13.05
N ASN B 402 43.57 -17.96 13.85
CA ASN B 402 42.12 -17.83 13.89
C ASN B 402 41.66 -16.41 14.19
N LYS B 403 40.65 -15.90 13.44
CA LYS B 403 40.06 -14.56 13.75
C LYS B 403 39.05 -14.56 14.87
N HIS B 404 38.55 -15.73 15.25
CA HIS B 404 37.43 -15.82 16.14
C HIS B 404 37.71 -16.75 17.29
N PRO B 405 37.05 -16.54 18.42
CA PRO B 405 37.17 -17.54 19.49
C PRO B 405 36.63 -18.93 19.18
N ASP B 406 37.02 -19.90 20.00
CA ASP B 406 36.56 -21.23 19.83
C ASP B 406 35.07 -21.38 20.01
N TRP B 407 34.43 -20.65 20.92
CA TRP B 407 33.00 -20.84 21.11
C TRP B 407 32.26 -20.53 19.82
N TRP B 408 32.80 -19.56 19.08
CA TRP B 408 32.31 -19.10 17.77
C TRP B 408 32.52 -20.17 16.73
N ASN B 409 33.75 -20.64 16.54
CA ASN B 409 33.98 -21.68 15.52
C ASN B 409 33.24 -22.99 15.78
N GLU B 410 33.17 -23.41 17.03
CA GLU B 410 32.45 -24.62 17.34
C GLU B 410 30.98 -24.51 16.80
N LYS B 411 30.34 -23.37 17.04
CA LYS B 411 28.97 -23.12 16.63
C LYS B 411 28.80 -23.02 15.12
N VAL B 412 29.73 -22.34 14.48
CA VAL B 412 29.71 -22.25 13.04
C VAL B 412 29.91 -23.65 12.44
N LYS B 413 31.05 -24.24 12.72
CA LYS B 413 31.28 -25.65 12.34
C LYS B 413 30.01 -26.49 12.52
N ASN B 414 29.45 -26.53 13.71
CA ASN B 414 28.33 -27.39 13.95
C ASN B 414 27.13 -27.02 13.03
N HIS B 415 26.90 -25.71 12.85
CA HIS B 415 25.81 -25.29 11.98
C HIS B 415 26.06 -25.72 10.53
N MET B 416 27.27 -25.51 10.01
CA MET B 416 27.57 -25.81 8.62
C MET B 416 27.54 -27.30 8.34
N MET B 417 27.69 -28.10 9.40
CA MET B 417 27.72 -29.56 9.31
C MET B 417 26.33 -30.14 9.51
N GLN B 418 25.57 -29.57 10.44
CA GLN B 418 24.17 -29.98 10.67
C GLN B 418 23.16 -29.51 9.59
N HIS B 419 23.56 -28.51 8.78
CA HIS B 419 22.66 -27.88 7.83
C HIS B 419 23.39 -27.51 6.59
N GLN B 420 23.72 -28.50 5.79
CA GLN B 420 24.62 -28.29 4.68
C GLN B 420 23.91 -27.72 3.47
N GLU B 421 22.60 -27.73 3.52
CA GLU B 421 21.79 -27.10 2.48
C GLU B 421 21.76 -25.60 2.72
N ASP B 422 21.92 -25.17 3.96
CA ASP B 422 21.76 -23.72 4.29
C ASP B 422 22.96 -22.93 3.81
N PRO B 423 22.74 -21.78 3.12
CA PRO B 423 23.86 -21.05 2.58
C PRO B 423 24.52 -20.06 3.54
N LEU B 424 24.07 -19.95 4.79
CA LEU B 424 24.71 -19.02 5.67
C LEU B 424 25.42 -19.77 6.80
N PRO B 425 26.48 -19.13 7.32
CA PRO B 425 27.30 -19.70 8.37
C PRO B 425 26.85 -19.35 9.74
N ILE B 426 25.85 -18.49 9.88
CA ILE B 426 25.27 -18.15 11.20
C ILE B 426 24.25 -19.18 11.66
N PRO B 427 24.41 -19.72 12.87
CA PRO B 427 23.46 -20.68 13.40
C PRO B 427 22.07 -20.17 13.46
N PHE B 428 21.12 -21.08 13.31
CA PHE B 428 19.75 -20.67 13.31
C PHE B 428 19.38 -20.10 14.68
N GLU B 429 19.93 -20.60 15.77
CA GLU B 429 19.49 -20.10 17.09
C GLU B 429 20.33 -18.96 17.62
N ASP B 430 21.11 -18.32 16.77
CA ASP B 430 22.12 -17.37 17.29
C ASP B 430 21.41 -16.19 17.93
N PRO B 431 21.74 -15.83 19.18
CA PRO B 431 20.96 -14.68 19.73
C PRO B 431 21.21 -13.38 18.95
N GLU B 432 20.31 -12.40 19.12
CA GLU B 432 20.45 -11.18 18.31
C GLU B 432 21.57 -10.28 18.77
N PRO B 433 22.06 -9.45 17.88
CA PRO B 433 22.98 -8.40 18.29
C PRO B 433 22.31 -7.42 19.28
N GLN B 434 23.12 -6.83 20.14
CA GLN B 434 22.64 -5.90 21.16
C GLN B 434 23.75 -4.88 21.41
N VAL B 435 24.12 -4.15 20.37
CA VAL B 435 25.30 -3.25 20.42
C VAL B 435 24.93 -1.78 20.60
N THR B 436 25.72 -1.02 21.35
CA THR B 436 25.51 0.40 21.48
C THR B 436 26.84 1.08 21.50
N THR B 437 26.87 2.29 20.94
CA THR B 437 27.84 3.27 21.41
C THR B 437 26.99 4.36 22.12
N LEU B 438 27.24 4.51 23.40
CA LEU B 438 26.55 5.47 24.25
C LEU B 438 26.80 6.90 23.88
N PHE B 439 25.80 7.74 24.16
CA PHE B 439 25.82 9.20 24.01
C PHE B 439 27.18 9.77 24.42
N GLN B 440 27.72 10.65 23.59
CA GLN B 440 28.92 11.38 24.00
C GLN B 440 28.80 12.75 23.42
N PRO B 441 29.58 13.69 23.96
CA PRO B 441 29.52 15.06 23.38
C PRO B 441 29.74 15.12 21.89
N SER B 442 30.62 14.29 21.31
CA SER B 442 30.88 14.38 19.85
C SER B 442 29.87 13.55 19.05
N HIS B 443 29.06 12.74 19.74
CA HIS B 443 27.92 12.03 19.10
C HIS B 443 26.76 12.01 20.07
N PRO B 444 26.07 13.13 20.19
CA PRO B 444 25.12 13.34 21.27
C PRO B 444 23.77 12.68 20.96
N TRP B 445 23.78 11.36 20.77
CA TRP B 445 22.56 10.55 20.66
C TRP B 445 22.84 9.21 21.23
N HIS B 446 21.80 8.50 21.68
CA HIS B 446 21.96 7.15 22.08
C HIS B 446 21.79 6.30 20.83
N THR B 447 22.46 5.16 20.79
CA THR B 447 22.40 4.27 19.62
C THR B 447 22.10 2.83 20.06
N GLN B 448 21.33 2.14 19.25
CA GLN B 448 21.10 0.71 19.43
C GLN B 448 21.20 0.11 18.03
N ILE B 449 22.04 -0.91 17.98
CA ILE B 449 22.39 -1.62 16.79
C ILE B 449 22.05 -3.06 17.21
N HIS B 450 20.85 -3.52 16.82
CA HIS B 450 20.25 -4.61 17.56
C HIS B 450 19.15 -5.24 16.80
N ARG B 451 18.47 -6.18 17.43
CA ARG B 451 17.19 -6.65 16.92
C ARG B 451 16.32 -6.78 18.11
N ASP B 452 15.17 -6.12 18.06
CA ASP B 452 14.13 -6.39 19.07
C ASP B 452 12.73 -6.03 18.54
N ALA B 453 11.72 -6.34 19.36
CA ALA B 453 10.32 -6.21 19.00
C ALA B 453 9.87 -4.84 19.46
N PHE B 454 9.33 -4.04 18.53
CA PHE B 454 8.77 -2.73 18.90
C PHE B 454 7.42 -2.68 18.22
N SER B 455 6.73 -1.54 18.33
CA SER B 455 5.37 -1.38 17.73
C SER B 455 5.41 -1.30 16.21
N TYR B 456 6.62 -1.00 15.70
CA TYR B 456 6.92 -0.93 14.25
C TYR B 456 8.07 -1.94 13.92
N GLY B 457 8.63 -1.82 12.71
CA GLY B 457 9.66 -2.78 12.23
C GLY B 457 8.91 -4.04 11.83
N ALA B 458 8.03 -3.88 10.84
CA ALA B 458 7.00 -4.89 10.43
C ALA B 458 7.58 -6.03 9.58
N VAL B 459 8.64 -6.67 10.12
CA VAL B 459 9.59 -7.51 9.33
C VAL B 459 8.95 -8.48 8.31
N GLN B 460 9.78 -8.79 7.33
CA GLN B 460 9.36 -9.28 6.04
C GLN B 460 9.92 -10.67 5.98
N GLN B 461 9.67 -11.40 4.94
CA GLN B 461 10.03 -12.80 4.92
C GLN B 461 10.98 -13.16 3.80
N SER B 462 11.26 -12.23 2.89
CA SER B 462 12.03 -12.61 1.74
C SER B 462 13.50 -12.63 2.08
N ILE B 463 13.93 -11.78 3.03
CA ILE B 463 15.34 -11.68 3.38
C ILE B 463 15.57 -12.52 4.67
N ASP B 464 16.58 -13.36 4.66
CA ASP B 464 16.88 -14.22 5.79
C ASP B 464 17.07 -13.37 7.00
N SER B 465 16.36 -13.71 8.07
CA SER B 465 16.42 -12.85 9.27
C SER B 465 17.80 -12.72 9.88
N ARG B 466 18.66 -13.70 9.64
CA ARG B 466 20.02 -13.67 10.24
C ARG B 466 20.84 -12.52 9.72
N LEU B 467 20.44 -11.99 8.56
CA LEU B 467 21.13 -10.91 7.94
C LEU B 467 20.78 -9.49 8.41
N ILE B 468 19.68 -9.36 9.11
CA ILE B 468 19.04 -8.10 9.34
C ILE B 468 19.45 -7.57 10.70
N VAL B 469 19.85 -6.31 10.70
CA VAL B 469 20.17 -5.63 11.90
C VAL B 469 19.35 -4.34 11.89
N ASP B 470 18.87 -3.99 13.07
CA ASP B 470 18.10 -2.74 13.30
C ASP B 470 19.07 -1.67 13.82
N TRP B 471 18.81 -0.45 13.38
CA TRP B 471 19.53 0.75 13.79
C TRP B 471 18.50 1.70 14.38
N ARG B 472 18.68 2.07 15.65
CA ARG B 472 17.87 3.07 16.27
C ARG B 472 18.75 4.08 16.97
N PHE B 473 18.74 5.31 16.47
CA PHE B 473 19.41 6.42 17.09
C PHE B 473 18.43 7.40 17.73
N PHE B 474 18.71 7.81 18.96
CA PHE B 474 17.84 8.62 19.78
C PHE B 474 18.47 9.95 20.17
N GLY B 475 17.84 11.06 19.77
CA GLY B 475 18.30 12.40 19.96
C GLY B 475 17.81 12.92 21.31
N ARG B 476 18.44 13.97 21.81
CA ARG B 476 18.01 14.58 23.07
C ARG B 476 17.33 15.87 22.69
N THR B 477 16.26 16.18 23.41
CA THR B 477 15.44 17.34 23.11
C THR B 477 15.50 18.36 24.24
N GLU B 478 15.87 19.57 23.87
CA GLU B 478 15.91 20.64 24.83
C GLU B 478 14.54 20.92 25.43
N PRO B 479 14.47 21.08 26.76
CA PRO B 479 13.19 21.43 27.34
C PRO B 479 12.82 22.88 27.07
N LYS B 480 11.60 23.13 26.58
CA LYS B 480 11.14 24.49 26.28
C LYS B 480 9.79 24.65 26.82
N GLU B 481 9.54 25.79 27.42
CA GLU B 481 8.30 26.05 28.06
C GLU B 481 7.10 25.89 27.11
N GLU B 482 7.29 26.20 25.82
CA GLU B 482 6.22 26.16 24.87
C GLU B 482 5.76 24.74 24.50
N ASN B 483 6.57 23.75 24.80
CA ASN B 483 6.22 22.35 24.48
C ASN B 483 5.41 21.83 25.65
N LYS B 484 4.15 21.45 25.40
CA LYS B 484 3.28 21.17 26.53
C LYS B 484 2.44 19.98 26.31
N LEU B 485 2.07 19.38 27.43
CA LEU B 485 1.00 18.41 27.46
C LEU B 485 -0.08 19.09 28.29
N TRP B 486 -1.25 19.32 27.70
CA TRP B 486 -2.35 19.85 28.49
C TRP B 486 -3.59 19.03 28.33
N PHE B 487 -4.60 19.34 29.11
CA PHE B 487 -5.78 18.52 29.15
C PHE B 487 -7.04 19.36 28.88
N SER B 488 -7.93 18.83 28.05
CA SER B 488 -9.18 19.55 27.66
C SER B 488 -10.05 19.74 28.86
N ASP B 489 -10.75 20.88 28.86
CA ASP B 489 -11.77 21.11 29.91
C ASP B 489 -13.14 20.71 29.42
N LYS B 490 -13.21 20.14 28.20
CA LYS B 490 -14.49 19.66 27.69
C LYS B 490 -14.37 18.24 27.15
N ILE B 491 -13.34 17.95 26.35
CA ILE B 491 -13.19 16.63 25.80
C ILE B 491 -12.66 15.61 26.87
N THR B 492 -13.26 14.43 26.97
CA THR B 492 -12.79 13.39 27.85
C THR B 492 -12.40 12.11 27.12
N ASP B 493 -11.58 11.29 27.78
CA ASP B 493 -11.01 10.10 27.18
C ASP B 493 -11.89 8.90 27.47
N ALA B 494 -11.43 7.69 27.17
CA ALA B 494 -12.28 6.49 27.35
C ALA B 494 -12.57 6.24 28.78
N TYR B 495 -11.84 6.86 29.71
CA TYR B 495 -12.13 6.63 31.16
C TYR B 495 -12.73 7.93 31.77
N ASN B 496 -13.23 8.76 30.88
CA ASN B 496 -13.93 9.95 31.34
C ASN B 496 -13.08 10.93 32.14
N MET B 497 -11.81 11.01 31.74
CA MET B 497 -10.92 11.93 32.33
C MET B 497 -10.56 12.95 31.23
N PRO B 498 -10.05 14.13 31.64
CA PRO B 498 -9.70 15.17 30.66
C PRO B 498 -8.79 14.64 29.57
N GLN B 499 -9.16 14.90 28.32
CA GLN B 499 -8.39 14.38 27.17
C GLN B 499 -7.04 15.03 27.06
N PRO B 500 -5.97 14.24 26.98
CA PRO B 500 -4.65 14.83 26.81
C PRO B 500 -4.51 15.42 25.41
N THR B 501 -3.73 16.50 25.32
CA THR B 501 -3.49 17.22 24.11
C THR B 501 -2.06 17.65 24.16
N PHE B 502 -1.32 17.39 23.07
CA PHE B 502 0.05 17.91 22.93
C PHE B 502 0.13 19.23 22.14
N ASP B 503 1.11 20.04 22.50
CA ASP B 503 1.47 21.14 21.66
C ASP B 503 2.97 21.10 21.63
N PHE B 504 3.49 20.50 20.58
CA PHE B 504 4.88 20.13 20.60
C PHE B 504 5.51 20.28 19.28
N ARG B 505 6.74 20.84 19.24
CA ARG B 505 7.64 20.74 18.04
C ARG B 505 9.03 20.58 18.56
N PHE B 506 9.89 19.88 17.80
CA PHE B 506 11.25 19.74 18.17
C PHE B 506 11.84 21.13 18.05
N PRO B 507 12.43 21.62 19.14
CA PRO B 507 12.94 22.98 19.09
C PRO B 507 13.95 23.20 18.00
N ALA B 508 13.93 24.41 17.45
CA ALA B 508 14.95 24.81 16.50
C ALA B 508 16.25 24.96 17.31
N GLY B 509 17.33 25.00 16.57
CA GLY B 509 18.62 25.14 17.15
C GLY B 509 19.16 23.75 17.36
N ARG B 510 19.77 23.54 18.52
CA ARG B 510 20.58 22.37 18.74
C ARG B 510 19.76 21.11 18.56
N THR B 511 18.54 21.07 19.06
CA THR B 511 17.77 19.81 19.01
C THR B 511 17.61 19.40 17.54
N SER B 512 17.30 20.37 16.70
CA SER B 512 17.02 20.12 15.30
C SER B 512 18.28 19.81 14.58
N LYS B 513 19.33 20.62 14.82
CA LYS B 513 20.66 20.33 14.20
C LYS B 513 21.19 18.93 14.54
N GLU B 514 21.17 18.62 15.83
CA GLU B 514 21.51 17.26 16.29
C GLU B 514 20.69 16.16 15.66
N ALA B 515 19.36 16.34 15.56
CA ALA B 515 18.52 15.28 15.05
C ALA B 515 18.96 14.95 13.62
N GLU B 516 19.26 15.95 12.83
CA GLU B 516 19.61 15.70 11.42
C GLU B 516 21.03 15.15 11.34
N ASP B 517 21.96 15.72 12.11
CA ASP B 517 23.29 15.12 12.28
C ASP B 517 23.24 13.61 12.73
N MET B 518 22.30 13.30 13.59
CA MET B 518 22.03 11.92 14.04
C MET B 518 21.61 11.05 12.87
N MET B 519 20.71 11.55 12.03
CA MET B 519 20.31 10.80 10.83
C MET B 519 21.51 10.44 10.02
N THR B 520 22.35 11.43 9.74
CA THR B 520 23.46 11.21 8.87
C THR B 520 24.43 10.25 9.50
N ASP B 521 24.64 10.37 10.81
CA ASP B 521 25.48 9.42 11.50
C ASP B 521 24.99 8.02 11.32
N MET B 522 23.66 7.80 11.43
CA MET B 522 23.10 6.45 11.26
C MET B 522 23.37 6.02 9.84
N CYS B 523 23.23 6.92 8.88
CA CYS B 523 23.46 6.47 7.48
C CYS B 523 24.91 6.01 7.26
N VAL B 524 25.83 6.76 7.85
CA VAL B 524 27.28 6.53 7.74
C VAL B 524 27.69 5.29 8.52
N MET B 525 27.26 5.17 9.79
CA MET B 525 27.67 4.04 10.58
C MET B 525 27.11 2.75 9.99
N SER B 526 25.81 2.73 9.62
CA SER B 526 25.16 1.49 9.26
C SER B 526 25.77 0.94 7.94
N ALA B 527 26.28 1.84 7.08
CA ALA B 527 26.88 1.47 5.81
C ALA B 527 28.16 0.59 6.01
N LYS B 528 28.74 0.63 7.20
CA LYS B 528 29.91 -0.19 7.54
C LYS B 528 29.50 -1.63 7.81
N ILE B 529 28.21 -1.89 8.05
CA ILE B 529 27.76 -3.28 8.38
C ILE B 529 27.02 -3.92 7.18
N GLY B 530 26.28 -3.12 6.44
CA GLY B 530 25.65 -3.56 5.17
C GLY B 530 24.70 -2.48 4.65
N GLY B 531 24.09 -2.72 3.54
CA GLY B 531 23.22 -1.70 3.01
C GLY B 531 21.83 -1.78 3.60
N PHE B 532 21.05 -0.71 3.36
CA PHE B 532 19.68 -0.64 3.90
C PHE B 532 18.84 -1.76 3.36
N LEU B 533 17.95 -2.20 4.21
CA LEU B 533 16.95 -3.14 3.85
C LEU B 533 15.76 -2.41 3.19
N PRO B 534 15.47 -2.73 1.93
CA PRO B 534 14.31 -2.11 1.28
C PRO B 534 13.06 -2.33 2.13
N GLY B 535 12.30 -1.27 2.27
CA GLY B 535 11.13 -1.26 3.19
C GLY B 535 11.44 -0.80 4.58
N SER B 536 12.74 -0.69 4.92
CA SER B 536 13.23 -0.16 6.18
C SER B 536 14.36 0.85 5.93
N LEU B 537 14.10 1.81 5.07
CA LEU B 537 15.03 2.81 4.76
C LEU B 537 15.10 3.84 5.89
N PRO B 538 16.20 4.59 5.94
CA PRO B 538 16.41 5.48 7.06
C PRO B 538 15.33 6.58 7.12
N GLN B 539 14.77 6.77 8.31
CA GLN B 539 13.66 7.65 8.44
C GLN B 539 13.57 8.12 9.87
N PHE B 540 13.00 9.28 10.06
CA PHE B 540 12.52 9.70 11.38
C PHE B 540 11.22 8.99 11.69
N MET B 541 11.05 8.49 12.93
CA MET B 541 9.80 7.80 13.32
C MET B 541 8.80 8.89 13.78
N GLU B 542 7.53 8.57 13.67
CA GLU B 542 6.45 9.46 14.12
C GLU B 542 6.76 10.03 15.49
N PRO B 543 6.58 11.33 15.70
CA PRO B 543 6.96 11.90 17.01
C PRO B 543 6.30 11.16 18.15
N GLY B 544 7.08 10.66 19.08
CA GLY B 544 6.56 9.98 20.27
C GLY B 544 6.38 8.49 20.23
N LEU B 545 6.54 7.86 19.06
CA LEU B 545 6.53 6.45 18.97
C LEU B 545 7.64 5.78 19.86
N VAL B 546 8.75 6.50 20.04
CA VAL B 546 9.85 6.09 20.86
C VAL B 546 9.47 5.96 22.33
N LEU B 547 8.43 6.63 22.77
CA LEU B 547 7.90 6.42 24.15
C LEU B 547 8.90 6.75 25.25
N HIS B 548 9.57 7.87 25.07
CA HIS B 548 10.58 8.34 26.03
C HIS B 548 10.29 9.73 26.54
N LEU B 549 8.99 10.06 26.57
CA LEU B 549 8.53 11.34 27.05
C LEU B 549 8.99 11.64 28.46
N GLY B 550 9.52 12.85 28.65
CA GLY B 550 9.92 13.32 29.96
C GLY B 550 9.45 14.72 30.27
N GLY B 551 9.62 15.12 31.54
CA GLY B 551 9.50 16.51 31.91
C GLY B 551 8.06 17.00 32.03
N THR B 552 7.10 16.09 32.06
CA THR B 552 5.74 16.50 32.13
C THR B 552 5.44 17.01 33.57
N HIS B 553 6.26 16.62 34.52
CA HIS B 553 6.08 16.98 35.96
C HIS B 553 7.45 17.00 36.58
N ARG B 554 8.25 17.94 36.07
CA ARG B 554 9.65 17.88 36.18
C ARG B 554 10.22 18.21 37.52
N MET B 555 11.42 17.69 37.77
CA MET B 555 12.13 17.83 39.02
C MET B 555 13.10 19.02 38.97
N GLY B 556 13.28 19.71 40.10
CA GLY B 556 14.39 20.65 40.21
C GLY B 556 14.48 21.03 41.68
N PHE B 557 15.41 21.93 41.99
CA PHE B 557 15.65 22.25 43.40
C PHE B 557 14.68 23.28 43.88
N ASP B 558 14.36 24.23 43.00
CA ASP B 558 13.51 25.36 43.37
C ASP B 558 12.35 25.50 42.34
N GLU B 559 11.11 25.44 42.81
CA GLU B 559 9.92 25.48 41.95
C GLU B 559 9.97 26.61 40.92
N LYS B 560 10.21 27.84 41.40
CA LYS B 560 10.28 29.00 40.52
C LYS B 560 11.56 29.05 39.68
N GLU B 561 12.71 28.94 40.31
CA GLU B 561 14.02 29.14 39.60
C GLU B 561 14.28 28.04 38.55
N ASP B 562 13.85 26.82 38.84
CA ASP B 562 14.12 25.72 37.95
C ASP B 562 12.86 25.32 37.18
N ASN B 563 11.75 26.04 37.39
CA ASN B 563 10.54 25.80 36.60
C ASN B 563 10.08 24.36 36.67
N CYS B 564 9.79 23.93 37.87
CA CYS B 564 9.59 22.54 38.12
C CYS B 564 8.44 22.27 39.11
N CYS B 565 8.18 21.00 39.39
CA CYS B 565 6.96 20.55 40.03
C CYS B 565 7.27 19.73 41.21
N VAL B 566 8.43 19.04 41.17
CA VAL B 566 8.83 18.18 42.29
C VAL B 566 10.26 18.53 42.66
N ASN B 567 10.61 18.36 43.94
CA ASN B 567 11.96 18.60 44.39
C ASN B 567 12.78 17.29 44.17
N THR B 568 14.02 17.24 44.70
CA THR B 568 14.90 16.07 44.45
C THR B 568 14.48 14.87 45.31
N ASP B 569 13.50 15.05 46.18
CA ASP B 569 12.92 13.89 46.83
C ASP B 569 11.68 13.40 46.09
N SER B 570 11.42 14.02 44.95
CA SER B 570 10.22 13.81 44.15
C SER B 570 8.93 14.26 44.84
N ARG B 571 9.06 15.07 45.89
CA ARG B 571 7.91 15.62 46.56
C ARG B 571 7.33 16.83 45.82
N VAL B 572 5.99 16.87 45.73
CA VAL B 572 5.35 17.94 45.04
C VAL B 572 5.47 19.20 45.93
N PHE B 573 6.01 20.26 45.37
CA PHE B 573 6.20 21.44 46.16
C PHE B 573 4.98 21.87 46.89
N GLY B 574 5.18 22.16 48.16
CA GLY B 574 4.15 22.67 49.06
C GLY B 574 3.33 21.60 49.74
N PHE B 575 3.44 20.36 49.30
CA PHE B 575 2.57 19.26 49.82
C PHE B 575 3.37 18.32 50.66
N LYS B 576 3.00 18.11 51.92
CA LYS B 576 3.80 17.22 52.74
C LYS B 576 3.91 15.75 52.24
N ASN B 577 2.84 15.25 51.62
CA ASN B 577 2.67 13.79 51.50
C ASN B 577 2.36 13.31 50.12
N LEU B 578 2.72 14.11 49.14
CA LEU B 578 2.44 13.76 47.69
C LEU B 578 3.73 13.62 46.94
N PHE B 579 3.91 12.47 46.25
CA PHE B 579 5.18 12.20 45.51
C PHE B 579 4.85 11.69 44.16
N LEU B 580 5.68 12.09 43.18
CA LEU B 580 5.52 11.64 41.83
C LEU B 580 6.74 10.85 41.38
N GLY B 581 6.49 9.79 40.61
CA GLY B 581 7.60 8.96 40.14
C GLY B 581 7.43 8.75 38.66
N GLY B 582 8.58 8.63 37.96
CA GLY B 582 8.58 8.35 36.56
C GLY B 582 9.32 9.31 35.71
N CYS B 583 9.37 8.98 34.42
CA CYS B 583 10.13 9.80 33.49
C CYS B 583 9.65 11.22 33.41
N GLY B 584 8.39 11.46 33.75
CA GLY B 584 7.93 12.82 33.84
C GLY B 584 8.74 13.70 34.78
N ASN B 585 9.43 13.12 35.73
CA ASN B 585 10.34 13.84 36.62
C ASN B 585 11.58 14.41 35.94
N ILE B 586 12.04 13.75 34.88
CA ILE B 586 13.34 14.08 34.36
C ILE B 586 13.27 15.40 33.63
N PRO B 587 14.10 16.37 34.02
CA PRO B 587 13.95 17.75 33.50
C PRO B 587 14.91 18.12 32.40
N THR B 588 15.74 17.17 32.00
CA THR B 588 16.88 17.53 31.13
C THR B 588 16.62 16.96 29.72
N ALA B 589 17.51 17.31 28.82
CA ALA B 589 17.52 16.81 27.44
C ALA B 589 18.37 15.55 27.44
N TYR B 590 17.72 14.40 27.29
CA TYR B 590 18.40 13.10 27.35
C TYR B 590 18.15 12.31 26.05
N GLY B 591 19.18 11.57 25.59
CA GLY B 591 19.09 10.66 24.45
C GLY B 591 18.83 9.18 24.87
N ALA B 592 19.40 8.77 26.00
CA ALA B 592 19.40 7.35 26.43
C ALA B 592 18.05 6.95 26.92
N ASN B 593 17.84 5.66 27.16
CA ASN B 593 16.52 5.25 27.56
C ASN B 593 16.31 5.65 29.03
N PRO B 594 15.13 6.23 29.36
CA PRO B 594 15.05 6.94 30.67
C PRO B 594 14.66 6.12 31.91
N THR B 595 14.20 4.87 31.73
CA THR B 595 13.56 4.24 32.83
C THR B 595 14.48 4.05 34.02
N LEU B 596 15.76 3.70 33.75
CA LEU B 596 16.70 3.45 34.87
C LEU B 596 16.89 4.73 35.69
N THR B 597 16.98 5.86 35.00
CA THR B 597 17.06 7.11 35.62
C THR B 597 15.83 7.47 36.43
N ALA B 598 14.63 7.14 35.92
CA ALA B 598 13.42 7.41 36.71
C ALA B 598 13.41 6.51 37.95
N MET B 599 13.91 5.28 37.79
CA MET B 599 13.93 4.36 38.96
C MET B 599 14.87 4.84 40.08
N SER B 600 16.02 5.33 39.66
CA SER B 600 17.00 5.89 40.56
C SER B 600 16.37 7.05 41.31
N LEU B 601 15.66 7.92 40.59
CA LEU B 601 14.96 9.01 41.34
C LEU B 601 13.95 8.48 42.38
N ALA B 602 13.26 7.42 41.99
CA ALA B 602 12.28 6.85 42.88
C ALA B 602 12.91 6.28 44.15
N ILE B 603 14.04 5.61 44.00
CA ILE B 603 14.76 5.08 45.20
C ILE B 603 15.10 6.23 46.15
N LYS B 604 15.62 7.34 45.62
CA LYS B 604 15.91 8.51 46.44
C LYS B 604 14.66 9.06 47.09
N SER B 605 13.57 9.13 46.34
CA SER B 605 12.30 9.53 46.91
C SER B 605 11.92 8.67 48.14
N CYS B 606 12.04 7.35 47.99
CA CYS B 606 11.70 6.45 49.07
C CYS B 606 12.53 6.66 50.29
N GLU B 607 13.77 7.14 50.12
CA GLU B 607 14.59 7.44 51.31
C GLU B 607 13.99 8.58 52.12
N TYR B 608 13.48 9.57 51.43
CA TYR B 608 12.80 10.65 52.08
C TYR B 608 11.60 10.11 52.82
N ILE B 609 10.81 9.32 52.12
CA ILE B 609 9.56 8.83 52.69
C ILE B 609 9.87 8.08 53.98
N LYS B 610 10.84 7.19 53.91
CA LYS B 610 11.21 6.37 55.07
C LYS B 610 11.70 7.20 56.24
N GLN B 611 12.39 8.30 55.95
CA GLN B 611 12.86 9.20 57.02
C GLN B 611 11.76 10.05 57.64
N ASN B 612 10.67 10.25 56.90
CA ASN B 612 9.67 11.23 57.34
C ASN B 612 8.32 10.71 57.67
N PHE B 613 8.08 9.41 57.49
CA PHE B 613 6.76 8.84 57.83
C PHE B 613 7.03 7.55 58.54
N THR B 614 6.24 7.25 59.54
CA THR B 614 6.40 6.05 60.29
C THR B 614 5.33 5.00 59.92
N PRO B 615 5.75 3.75 59.65
CA PRO B 615 4.77 2.68 59.39
C PRO B 615 3.79 2.52 60.49
N SER B 616 2.54 2.14 60.16
CA SER B 616 1.58 1.80 61.23
C SER B 616 2.04 0.51 61.87
N PRO B 617 1.63 0.26 63.14
CA PRO B 617 1.80 -1.08 63.71
C PRO B 617 1.01 -2.13 62.92
N PHE B 618 1.56 -3.34 62.88
CA PHE B 618 1.13 -4.38 61.92
C PHE B 618 -0.21 -5.06 62.30
N ILE C 45 -8.29 37.75 -40.68
CA ILE C 45 -8.70 37.94 -39.24
C ILE C 45 -10.24 38.04 -39.06
N LYS C 46 -11.00 38.20 -40.15
CA LYS C 46 -12.47 38.02 -40.10
C LYS C 46 -12.93 36.64 -40.65
N TYR C 47 -13.73 35.92 -39.87
CA TYR C 47 -14.16 34.52 -40.23
C TYR C 47 -15.67 34.46 -40.33
N ASP C 48 -16.23 33.52 -41.09
CA ASP C 48 -17.70 33.36 -40.99
C ASP C 48 -18.03 32.74 -39.60
N VAL C 49 -17.25 31.73 -39.26
CA VAL C 49 -17.53 30.96 -38.00
C VAL C 49 -16.23 30.74 -37.27
N VAL C 50 -16.28 30.95 -35.95
CA VAL C 50 -15.18 30.55 -35.10
C VAL C 50 -15.68 29.53 -34.14
N ILE C 51 -14.86 28.50 -33.93
CA ILE C 51 -15.19 27.36 -33.04
C ILE C 51 -14.07 27.29 -32.01
N VAL C 52 -14.43 27.33 -30.71
CA VAL C 52 -13.53 27.13 -29.62
C VAL C 52 -13.59 25.66 -29.18
N GLY C 53 -12.46 24.99 -29.36
CA GLY C 53 -12.26 23.53 -29.01
C GLY C 53 -12.23 22.63 -30.27
N SER C 54 -11.25 21.73 -30.38
CA SER C 54 -11.10 20.79 -31.49
C SER C 54 -11.38 19.33 -31.08
N GLY C 55 -12.20 19.15 -30.08
CA GLY C 55 -12.72 17.84 -29.79
C GLY C 55 -13.74 17.37 -30.80
N PRO C 56 -14.36 16.22 -30.52
CA PRO C 56 -15.26 15.63 -31.49
C PRO C 56 -16.46 16.50 -31.81
N ILE C 57 -16.91 17.31 -30.83
CA ILE C 57 -18.09 18.15 -30.97
C ILE C 57 -17.70 19.44 -31.76
N GLY C 58 -16.55 20.04 -31.47
CA GLY C 58 -16.10 21.18 -32.35
C GLY C 58 -15.91 20.68 -33.76
N CYS C 59 -15.41 19.45 -33.87
CA CYS C 59 -15.20 18.86 -35.17
C CYS C 59 -16.49 18.53 -35.88
N THR C 60 -17.58 18.34 -35.15
CA THR C 60 -18.88 18.13 -35.79
C THR C 60 -19.31 19.45 -36.49
N TYR C 61 -19.24 20.57 -35.76
CA TYR C 61 -19.45 21.92 -36.33
C TYR C 61 -18.54 22.17 -37.50
N ALA C 62 -17.26 21.81 -37.38
CA ALA C 62 -16.33 22.10 -38.48
C ALA C 62 -16.76 21.29 -39.71
N ARG C 63 -17.02 20.00 -39.49
CA ARG C 63 -17.41 19.13 -40.63
C ARG C 63 -18.59 19.68 -41.45
N GLU C 64 -19.66 20.00 -40.73
CA GLU C 64 -20.87 20.55 -41.28
C GLU C 64 -20.62 21.91 -41.97
N LEU C 65 -19.92 22.81 -41.28
CA LEU C 65 -19.91 24.20 -41.76
C LEU C 65 -18.84 24.43 -42.79
N VAL C 66 -17.67 23.83 -42.56
CA VAL C 66 -16.64 23.84 -43.58
C VAL C 66 -17.18 23.21 -44.86
N GLY C 67 -17.88 22.08 -44.69
CA GLY C 67 -18.54 21.38 -45.78
C GLY C 67 -19.56 22.18 -46.52
N ALA C 68 -20.20 23.15 -45.87
CA ALA C 68 -21.26 23.93 -46.52
C ALA C 68 -20.67 25.26 -47.03
N GLY C 69 -19.35 25.43 -47.02
CA GLY C 69 -18.74 26.60 -47.67
C GLY C 69 -18.39 27.73 -46.72
N TYR C 70 -18.64 27.58 -45.41
CA TYR C 70 -18.35 28.67 -44.46
C TYR C 70 -16.87 28.80 -44.23
N LYS C 71 -16.39 30.04 -44.01
CA LYS C 71 -14.97 30.28 -43.67
C LYS C 71 -14.81 30.06 -42.16
N VAL C 72 -14.17 28.96 -41.77
CA VAL C 72 -14.09 28.58 -40.34
C VAL C 72 -12.72 28.69 -39.80
N ALA C 73 -12.69 29.16 -38.55
CA ALA C 73 -11.49 29.20 -37.78
C ALA C 73 -11.81 28.39 -36.56
N MET C 74 -10.87 27.55 -36.15
CA MET C 74 -11.01 26.83 -34.91
C MET C 74 -9.78 27.06 -34.07
N PHE C 75 -10.01 27.27 -32.77
CA PHE C 75 -8.97 27.50 -31.76
C PHE C 75 -8.98 26.38 -30.76
N ASP C 76 -7.79 25.89 -30.43
CA ASP C 76 -7.67 24.97 -29.26
C ASP C 76 -6.54 25.45 -28.39
N ILE C 77 -6.71 25.39 -27.07
CA ILE C 77 -5.70 25.84 -26.12
C ILE C 77 -4.50 24.87 -26.12
N GLY C 78 -4.79 23.62 -26.47
CA GLY C 78 -3.74 22.60 -26.57
C GLY C 78 -3.11 22.45 -27.94
N GLU C 79 -2.29 21.43 -28.09
CA GLU C 79 -1.40 21.31 -29.21
C GLU C 79 -1.54 19.99 -29.91
N ILE C 80 -1.01 19.97 -31.12
CA ILE C 80 -1.06 18.78 -31.98
C ILE C 80 0.01 17.82 -31.46
N ASP C 81 -0.37 16.65 -30.97
CA ASP C 81 0.60 15.59 -30.71
C ASP C 81 0.39 14.19 -31.35
N SER C 82 -0.88 13.79 -31.58
CA SER C 82 -1.27 12.46 -32.09
C SER C 82 -0.61 11.99 -33.40
N GLY C 83 0.52 12.55 -33.81
CA GLY C 83 1.10 12.14 -35.08
C GLY C 83 0.66 12.97 -36.25
N LEU C 84 0.80 12.47 -37.47
CA LEU C 84 0.34 13.17 -38.68
C LEU C 84 -1.15 13.35 -38.90
N LYS C 85 -1.95 12.42 -38.41
CA LYS C 85 -3.41 12.59 -38.43
C LYS C 85 -3.81 13.47 -37.24
N ILE C 86 -4.04 14.75 -37.52
CA ILE C 86 -4.32 15.75 -36.51
C ILE C 86 -5.54 15.36 -35.66
N GLY C 87 -5.43 15.36 -34.33
CA GLY C 87 -6.62 15.03 -33.57
C GLY C 87 -7.06 13.57 -33.56
N ALA C 88 -6.21 12.68 -34.06
CA ALA C 88 -6.46 11.24 -34.06
C ALA C 88 -6.24 10.56 -32.67
N HIS C 89 -6.81 9.35 -32.61
CA HIS C 89 -6.75 8.53 -31.45
C HIS C 89 -5.32 8.07 -31.15
N LYS C 90 -4.86 8.36 -29.95
CA LYS C 90 -3.47 8.05 -29.59
C LYS C 90 -3.24 6.55 -29.40
N LYS C 91 -4.30 5.77 -29.24
CA LYS C 91 -4.18 4.33 -29.08
C LYS C 91 -3.99 3.65 -30.44
N ASN C 92 -4.03 4.42 -31.55
CA ASN C 92 -3.91 3.83 -32.90
C ASN C 92 -2.43 3.66 -33.33
N THR C 93 -1.59 3.17 -32.43
CA THR C 93 -0.21 2.77 -32.78
C THR C 93 -0.12 1.28 -32.56
N VAL C 94 0.66 0.61 -33.43
CA VAL C 94 0.91 -0.83 -33.28
C VAL C 94 1.46 -1.15 -31.86
N GLU C 95 2.33 -0.29 -31.38
CA GLU C 95 2.92 -0.46 -30.02
C GLU C 95 1.89 -0.45 -28.91
N TYR C 96 0.95 0.50 -28.94
CA TYR C 96 -0.13 0.50 -27.94
C TYR C 96 -1.09 -0.65 -28.06
N GLN C 97 -1.36 -1.09 -29.27
CA GLN C 97 -2.26 -2.20 -29.33
C GLN C 97 -1.57 -3.54 -29.06
N LYS C 98 -0.24 -3.56 -29.13
CA LYS C 98 0.54 -4.69 -28.58
C LYS C 98 0.74 -4.55 -27.07
N ASN C 99 0.56 -3.36 -26.50
CA ASN C 99 0.83 -3.16 -25.06
C ASN C 99 -0.25 -2.32 -24.45
N ILE C 100 -1.46 -2.86 -24.44
CA ILE C 100 -2.60 -2.05 -24.23
C ILE C 100 -2.70 -1.53 -22.77
N ASP C 101 -2.12 -2.27 -21.81
CA ASP C 101 -2.06 -1.79 -20.42
C ASP C 101 -1.20 -0.49 -20.27
N LYS C 102 -0.40 -0.15 -21.26
CA LYS C 102 0.44 1.02 -21.15
C LYS C 102 -0.32 2.29 -21.52
N PHE C 103 -1.45 2.12 -22.20
CA PHE C 103 -2.23 3.27 -22.65
C PHE C 103 -2.89 4.01 -21.49
N VAL C 104 -3.09 3.34 -20.39
CA VAL C 104 -3.61 3.99 -19.21
C VAL C 104 -2.73 5.15 -18.90
N ASN C 105 -1.42 5.00 -19.06
CA ASN C 105 -0.51 6.05 -18.68
C ASN C 105 -0.66 7.25 -19.58
N VAL C 106 -0.94 7.01 -20.85
CA VAL C 106 -1.20 8.09 -21.75
C VAL C 106 -2.40 8.86 -21.25
N ILE C 107 -3.45 8.11 -20.88
CA ILE C 107 -4.68 8.74 -20.41
C ILE C 107 -4.38 9.58 -19.19
N GLN C 108 -3.68 9.01 -18.22
CA GLN C 108 -3.47 9.74 -16.90
C GLN C 108 -2.62 11.01 -17.16
N GLY C 109 -1.71 10.89 -18.10
CA GLY C 109 -0.81 11.94 -18.53
C GLY C 109 -1.50 13.16 -19.13
N GLN C 110 -2.72 13.00 -19.63
CA GLN C 110 -3.36 14.18 -20.22
C GLN C 110 -4.63 14.61 -19.50
N LEU C 111 -5.00 13.95 -18.43
CA LEU C 111 -6.15 14.35 -17.65
C LEU C 111 -5.73 15.20 -16.48
N MET C 112 -6.07 16.47 -16.54
CA MET C 112 -5.72 17.41 -15.49
C MET C 112 -6.90 17.67 -14.54
N SER C 113 -6.74 17.41 -13.25
CA SER C 113 -7.86 17.49 -12.40
C SER C 113 -8.47 18.87 -12.42
N VAL C 114 -9.81 18.92 -12.39
CA VAL C 114 -10.56 20.18 -12.48
C VAL C 114 -10.48 21.03 -11.17
N SER C 115 -10.71 20.38 -10.05
CA SER C 115 -10.67 21.10 -8.76
C SER C 115 -10.13 20.20 -7.69
N VAL C 116 -8.93 20.54 -7.19
CA VAL C 116 -8.27 19.71 -6.18
C VAL C 116 -8.36 20.46 -4.86
N PRO C 117 -8.97 19.88 -3.83
CA PRO C 117 -9.14 20.71 -2.62
C PRO C 117 -7.82 20.82 -1.91
N VAL C 118 -7.73 21.72 -0.94
CA VAL C 118 -6.50 21.91 -0.23
C VAL C 118 -6.21 20.62 0.55
N ASN C 119 -4.95 20.20 0.54
CA ASN C 119 -4.45 18.95 1.06
C ASN C 119 -4.20 19.05 2.54
N THR C 120 -4.71 18.07 3.25
CA THR C 120 -4.59 18.09 4.68
C THR C 120 -4.00 16.79 5.20
N LEU C 121 -3.20 16.12 4.37
CA LEU C 121 -2.42 14.94 4.81
C LEU C 121 -1.37 15.39 5.82
N VAL C 122 -1.28 14.64 6.88
CA VAL C 122 -0.36 14.93 7.91
C VAL C 122 0.95 14.18 7.62
N VAL C 123 2.00 14.95 7.42
CA VAL C 123 3.39 14.43 7.32
C VAL C 123 4.15 14.91 8.54
N ASP C 124 4.28 14.01 9.51
CA ASP C 124 4.94 14.43 10.73
C ASP C 124 6.29 13.70 10.95
N THR C 125 6.85 13.13 9.89
CA THR C 125 8.18 12.52 9.96
C THR C 125 9.26 13.22 9.14
N LEU C 126 9.05 14.48 8.84
CA LEU C 126 10.14 15.33 8.28
C LEU C 126 11.30 15.44 9.22
N SER C 127 12.53 15.59 8.71
CA SER C 127 13.60 15.88 9.64
C SER C 127 13.30 17.21 10.36
N PRO C 128 13.68 17.36 11.60
CA PRO C 128 13.50 18.61 12.27
C PRO C 128 14.20 19.81 11.63
N THR C 129 15.12 19.58 10.67
CA THR C 129 15.84 20.71 10.07
C THR C 129 15.10 21.14 8.80
N SER C 130 14.17 20.32 8.30
CA SER C 130 13.43 20.63 7.10
C SER C 130 12.36 21.73 7.36
N TRP C 131 12.14 22.59 6.36
CA TRP C 131 11.09 23.58 6.44
C TRP C 131 9.74 22.85 6.58
N GLN C 132 8.96 23.21 7.60
CA GLN C 132 7.72 22.46 7.96
C GLN C 132 6.60 23.50 8.13
N ALA C 133 5.45 23.09 7.62
CA ALA C 133 4.26 23.94 7.50
C ALA C 133 3.65 24.10 8.84
N SER C 134 3.09 25.28 9.10
CA SER C 134 2.23 25.42 10.32
C SER C 134 0.76 25.26 10.03
N THR C 135 0.37 25.36 8.75
CA THR C 135 -0.99 25.25 8.30
C THR C 135 -1.03 24.46 6.99
N PHE C 136 -2.20 23.96 6.66
CA PHE C 136 -2.43 23.30 5.42
C PHE C 136 -2.71 24.45 4.42
N PHE C 137 -1.66 25.18 4.02
CA PHE C 137 -1.86 26.32 3.12
C PHE C 137 -2.08 25.94 1.69
N VAL C 138 -2.41 26.90 0.82
CA VAL C 138 -2.73 26.58 -0.56
C VAL C 138 -1.44 26.26 -1.24
N ARG C 139 -1.25 24.98 -1.57
CA ARG C 139 -0.04 24.44 -2.24
C ARG C 139 -0.44 23.88 -3.61
N ASN C 140 0.55 23.79 -4.49
CA ASN C 140 0.59 22.88 -5.65
C ASN C 140 -0.67 22.94 -6.55
N GLY C 141 -1.22 24.13 -6.81
CA GLY C 141 -2.44 24.28 -7.61
C GLY C 141 -3.78 23.95 -6.94
N SER C 142 -3.82 23.72 -5.63
CA SER C 142 -5.05 23.31 -5.04
C SER C 142 -6.04 24.48 -4.97
N ASN C 143 -7.32 24.19 -4.91
CA ASN C 143 -8.38 25.18 -4.89
C ASN C 143 -8.96 25.35 -3.48
N PRO C 144 -8.67 26.45 -2.79
CA PRO C 144 -9.30 26.65 -1.44
C PRO C 144 -10.77 26.96 -1.42
N GLU C 145 -11.39 27.19 -2.56
CA GLU C 145 -12.88 27.34 -2.57
C GLU C 145 -13.55 25.96 -2.41
N GLN C 146 -12.83 24.89 -2.69
CA GLN C 146 -13.44 23.59 -2.91
C GLN C 146 -13.66 22.84 -1.58
N ASP C 147 -14.91 22.55 -1.26
CA ASP C 147 -15.26 21.65 -0.13
C ASP C 147 -14.91 20.23 -0.61
N PRO C 148 -13.98 19.56 0.10
CA PRO C 148 -13.51 18.26 -0.42
C PRO C 148 -14.63 17.23 -0.38
N LEU C 149 -15.68 17.53 0.36
CA LEU C 149 -16.74 16.53 0.61
C LEU C 149 -17.93 16.73 -0.33
N ARG C 150 -17.83 17.70 -1.25
CA ARG C 150 -18.96 18.00 -2.12
C ARG C 150 -18.31 18.28 -3.52
N ASN C 151 -17.31 17.46 -3.90
CA ASN C 151 -16.55 17.65 -5.09
C ASN C 151 -16.92 16.54 -6.10
N LEU C 152 -16.55 16.81 -7.33
CA LEU C 152 -16.31 15.75 -8.30
C LEU C 152 -14.79 15.60 -8.44
N SER C 153 -14.17 14.95 -7.46
CA SER C 153 -12.71 14.90 -7.43
C SER C 153 -12.10 14.21 -8.65
N GLY C 154 -12.82 13.28 -9.26
CA GLY C 154 -12.26 12.59 -10.44
C GLY C 154 -12.36 13.43 -11.69
N GLN C 155 -13.09 14.55 -11.63
CA GLN C 155 -13.30 15.30 -12.92
C GLN C 155 -12.00 15.88 -13.35
N ALA C 156 -11.70 15.81 -14.66
CA ALA C 156 -10.49 16.29 -15.18
C ALA C 156 -10.74 16.76 -16.64
N VAL C 157 -9.78 17.49 -17.18
CA VAL C 157 -9.89 17.95 -18.56
C VAL C 157 -8.64 17.61 -19.34
N THR C 158 -8.77 17.60 -20.68
CA THR C 158 -7.64 17.32 -21.57
C THR C 158 -7.49 18.54 -22.53
N ARG C 159 -6.25 19.02 -22.66
CA ARG C 159 -5.93 20.17 -23.45
C ARG C 159 -4.94 19.68 -24.50
N VAL C 160 -5.52 19.08 -25.55
CA VAL C 160 -4.77 18.57 -26.72
C VAL C 160 -5.65 18.69 -27.92
N VAL C 161 -5.08 18.82 -29.11
CA VAL C 161 -5.97 18.88 -30.23
C VAL C 161 -6.69 17.57 -30.38
N GLY C 162 -8.00 17.61 -30.61
CA GLY C 162 -8.86 16.42 -30.60
C GLY C 162 -9.47 16.16 -29.22
N GLY C 163 -9.07 16.97 -28.23
CA GLY C 163 -9.63 16.88 -26.84
C GLY C 163 -9.59 15.47 -26.32
N MET C 164 -10.60 15.10 -25.54
CA MET C 164 -10.61 13.79 -24.95
C MET C 164 -10.77 12.67 -25.96
N SER C 165 -11.05 13.00 -27.22
CA SER C 165 -11.25 11.95 -28.23
C SER C 165 -9.92 11.33 -28.62
N THR C 166 -8.82 11.93 -28.16
CA THR C 166 -7.48 11.35 -28.38
C THR C 166 -7.20 10.16 -27.46
N ALA C 167 -8.09 9.92 -26.51
CA ALA C 167 -7.88 8.93 -25.44
C ALA C 167 -9.08 8.06 -25.16
N TRP C 168 -10.27 8.47 -25.60
CA TRP C 168 -11.51 7.85 -25.20
C TRP C 168 -11.73 6.42 -25.64
N THR C 169 -12.71 5.80 -25.01
CA THR C 169 -12.96 4.38 -25.26
C THR C 169 -13.98 4.12 -26.40
N CYS C 170 -14.48 5.18 -27.05
CA CYS C 170 -15.27 5.06 -28.30
C CYS C 170 -16.65 4.39 -28.18
N ALA C 171 -17.18 4.29 -26.96
CA ALA C 171 -18.54 3.71 -26.83
C ALA C 171 -19.59 4.79 -27.15
N THR C 172 -20.36 4.54 -28.22
CA THR C 172 -21.35 5.48 -28.76
C THR C 172 -22.76 4.89 -28.83
N PRO C 173 -23.34 4.58 -27.68
CA PRO C 173 -24.77 4.23 -27.67
C PRO C 173 -25.69 5.41 -27.84
N ARG C 174 -26.90 5.14 -28.35
CA ARG C 174 -28.02 6.08 -28.36
C ARG C 174 -28.72 6.08 -27.03
N PHE C 175 -29.30 7.20 -26.69
CA PHE C 175 -30.19 7.26 -25.57
C PHE C 175 -31.57 6.82 -26.00
N ASP C 176 -32.23 6.06 -25.15
CA ASP C 176 -33.66 5.79 -25.33
C ASP C 176 -34.39 7.06 -24.91
N ARG C 177 -35.68 7.12 -25.17
CA ARG C 177 -36.52 8.26 -24.77
C ARG C 177 -36.32 8.74 -23.32
N GLU C 178 -36.32 7.78 -22.42
CA GLU C 178 -36.25 8.02 -20.98
C GLU C 178 -35.04 8.88 -20.53
N GLN C 179 -33.98 8.80 -21.29
CA GLN C 179 -32.72 9.41 -20.95
C GLN C 179 -32.46 10.69 -21.79
N ARG C 180 -33.37 11.03 -22.67
CA ARG C 180 -33.09 11.92 -23.81
C ARG C 180 -33.93 13.19 -23.70
N PRO C 181 -33.35 14.40 -23.98
CA PRO C 181 -34.24 15.56 -24.06
C PRO C 181 -35.16 15.49 -25.27
N LEU C 182 -36.34 16.09 -25.16
CA LEU C 182 -37.24 16.21 -26.24
C LEU C 182 -36.66 17.22 -27.21
N LEU C 183 -36.84 16.94 -28.48
CA LEU C 183 -36.55 17.93 -29.54
C LEU C 183 -37.83 18.40 -30.23
N VAL C 184 -38.95 17.73 -29.99
CA VAL C 184 -40.26 18.18 -30.48
C VAL C 184 -41.27 17.92 -29.35
N LYS C 185 -42.02 18.95 -28.93
CA LYS C 185 -43.08 18.77 -27.90
C LYS C 185 -44.29 17.96 -28.43
N ASP C 186 -44.91 17.17 -27.57
CA ASP C 186 -46.19 16.48 -27.86
C ASP C 186 -46.35 15.80 -29.24
N ASP C 187 -45.29 15.19 -29.75
CA ASP C 187 -45.36 14.39 -30.97
C ASP C 187 -44.20 13.43 -30.85
N ALA C 188 -44.43 12.38 -30.06
CA ALA C 188 -43.39 11.46 -29.72
C ALA C 188 -42.87 10.78 -31.02
N ASP C 189 -43.73 10.55 -31.99
CA ASP C 189 -43.31 9.95 -33.26
C ASP C 189 -42.32 10.87 -33.97
N ALA C 190 -42.63 12.18 -34.01
CA ALA C 190 -41.77 13.20 -34.63
C ALA C 190 -40.48 13.34 -33.84
N ASP C 191 -40.58 13.30 -32.52
CA ASP C 191 -39.40 13.39 -31.68
C ASP C 191 -38.49 12.22 -31.96
N ASP C 192 -39.07 11.02 -32.00
CA ASP C 192 -38.32 9.82 -32.32
C ASP C 192 -37.66 9.92 -33.68
N ALA C 193 -38.37 10.38 -34.70
CA ALA C 193 -37.85 10.33 -36.05
C ALA C 193 -36.69 11.34 -36.13
N GLU C 194 -36.81 12.47 -35.48
CA GLU C 194 -35.73 13.47 -35.50
C GLU C 194 -34.48 12.95 -34.80
N TRP C 195 -34.65 12.30 -33.65
CA TRP C 195 -33.47 11.71 -33.02
C TRP C 195 -32.87 10.64 -33.90
N ASP C 196 -33.71 9.82 -34.52
CA ASP C 196 -33.19 8.77 -35.38
C ASP C 196 -32.35 9.38 -36.49
N ARG C 197 -32.83 10.48 -37.01
CA ARG C 197 -32.16 11.11 -38.13
C ARG C 197 -30.77 11.63 -37.69
N LEU C 198 -30.75 12.29 -36.54
CA LEU C 198 -29.50 12.96 -36.10
C LEU C 198 -28.50 11.86 -35.66
N TYR C 199 -28.98 10.85 -34.91
CA TYR C 199 -28.09 9.74 -34.46
C TYR C 199 -27.46 9.00 -35.63
N THR C 200 -28.26 8.75 -36.67
CA THR C 200 -27.77 8.01 -37.82
C THR C 200 -26.63 8.79 -38.41
N LYS C 201 -26.80 10.10 -38.53
CA LYS C 201 -25.77 10.94 -39.09
C LYS C 201 -24.56 11.00 -38.17
N ALA C 202 -24.80 11.09 -36.86
CA ALA C 202 -23.68 11.12 -35.92
C ALA C 202 -22.91 9.78 -35.99
N GLU C 203 -23.65 8.68 -36.10
CA GLU C 203 -23.04 7.36 -36.20
C GLU C 203 -22.16 7.33 -37.46
N SER C 204 -22.60 7.89 -38.60
CA SER C 204 -21.69 7.87 -39.73
C SER C 204 -20.45 8.70 -39.46
N TYR C 205 -20.56 9.81 -38.75
CA TYR C 205 -19.38 10.67 -38.57
C TYR C 205 -18.33 9.98 -37.71
N PHE C 206 -18.81 9.30 -36.69
CA PHE C 206 -17.93 8.56 -35.81
C PHE C 206 -17.53 7.19 -36.36
N GLN C 207 -18.12 6.75 -37.48
CA GLN C 207 -17.90 5.39 -37.97
C GLN C 207 -18.30 4.33 -36.87
N THR C 208 -19.43 4.57 -36.21
CA THR C 208 -19.94 3.66 -35.17
C THR C 208 -20.35 2.32 -35.80
N GLY C 209 -20.06 1.20 -35.13
CA GLY C 209 -20.51 -0.09 -35.65
C GLY C 209 -20.66 -1.05 -34.50
N THR C 210 -21.24 -2.20 -34.75
CA THR C 210 -21.49 -3.19 -33.68
C THR C 210 -20.92 -4.53 -34.16
N ASP C 211 -19.96 -4.49 -35.10
CA ASP C 211 -19.51 -5.71 -35.76
C ASP C 211 -18.02 -6.01 -35.52
N GLN C 212 -17.30 -5.09 -34.92
CA GLN C 212 -15.84 -5.15 -34.90
C GLN C 212 -15.29 -6.28 -33.99
N PHE C 213 -16.10 -6.81 -33.07
CA PHE C 213 -15.67 -7.87 -32.15
C PHE C 213 -16.43 -9.16 -32.40
N LYS C 214 -16.98 -9.33 -33.60
CA LYS C 214 -17.82 -10.50 -33.90
C LYS C 214 -17.03 -11.80 -33.92
N GLU C 215 -15.74 -11.72 -34.17
CA GLU C 215 -14.92 -12.87 -34.24
C GLU C 215 -13.99 -13.15 -33.03
N SER C 216 -14.33 -12.54 -31.87
CA SER C 216 -13.62 -12.70 -30.63
C SER C 216 -14.27 -13.87 -29.87
N ILE C 217 -13.44 -14.80 -29.45
CA ILE C 217 -13.89 -15.91 -28.61
C ILE C 217 -14.37 -15.31 -27.31
N ARG C 218 -13.59 -14.43 -26.71
CA ARG C 218 -13.96 -13.92 -25.34
C ARG C 218 -15.22 -13.08 -25.42
N HIS C 219 -15.31 -12.24 -26.46
CA HIS C 219 -16.52 -11.49 -26.64
C HIS C 219 -17.72 -12.41 -26.69
N ASN C 220 -17.68 -13.48 -27.49
CA ASN C 220 -18.89 -14.23 -27.77
C ASN C 220 -19.18 -15.12 -26.57
N LEU C 221 -18.11 -15.57 -25.95
CA LEU C 221 -18.25 -16.36 -24.75
C LEU C 221 -19.12 -15.64 -23.70
N VAL C 222 -18.77 -14.42 -23.43
CA VAL C 222 -19.48 -13.64 -22.39
C VAL C 222 -20.87 -13.22 -22.90
N LEU C 223 -20.90 -12.84 -24.20
CA LEU C 223 -22.13 -12.44 -24.82
C LEU C 223 -23.15 -13.54 -24.77
N ASN C 224 -22.77 -14.75 -25.17
CA ASN C 224 -23.69 -15.85 -25.26
C ASN C 224 -24.14 -16.30 -23.86
N LYS C 225 -23.24 -16.34 -22.88
CA LYS C 225 -23.61 -16.73 -21.52
C LYS C 225 -24.64 -15.74 -20.90
N LEU C 226 -24.38 -14.46 -21.05
CA LEU C 226 -25.33 -13.46 -20.56
C LEU C 226 -26.65 -13.48 -21.30
N THR C 227 -26.63 -13.58 -22.64
CA THR C 227 -27.88 -13.71 -23.37
C THR C 227 -28.69 -14.86 -22.80
N GLU C 228 -28.02 -15.98 -22.61
CA GLU C 228 -28.72 -17.15 -22.08
C GLU C 228 -29.21 -16.93 -20.65
N GLU C 229 -28.36 -16.45 -19.75
CA GLU C 229 -28.80 -16.24 -18.36
C GLU C 229 -29.98 -15.25 -18.22
N TYR C 230 -30.05 -14.23 -19.08
CA TYR C 230 -31.12 -13.27 -19.01
C TYR C 230 -32.14 -13.49 -20.15
N LYS C 231 -32.27 -14.70 -20.66
CA LYS C 231 -33.13 -14.89 -21.85
C LYS C 231 -34.56 -14.48 -21.49
N GLY C 232 -35.14 -13.63 -22.33
CA GLY C 232 -36.52 -13.15 -22.11
C GLY C 232 -36.63 -12.03 -21.07
N GLN C 233 -35.47 -11.54 -20.60
CA GLN C 233 -35.45 -10.54 -19.57
C GLN C 233 -34.66 -9.33 -19.99
N ARG C 234 -33.44 -9.54 -20.45
CA ARG C 234 -32.59 -8.46 -20.91
C ARG C 234 -31.93 -8.87 -22.21
N ASP C 235 -31.72 -7.91 -23.08
CA ASP C 235 -31.00 -8.14 -24.31
C ASP C 235 -29.57 -7.61 -24.18
N PHE C 236 -28.65 -8.40 -24.70
CA PHE C 236 -27.24 -8.07 -24.77
C PHE C 236 -26.82 -7.96 -26.24
N GLN C 237 -25.86 -7.07 -26.50
CA GLN C 237 -25.28 -6.92 -27.81
C GLN C 237 -23.84 -6.41 -27.65
N GLN C 238 -23.22 -6.20 -28.78
CA GLN C 238 -21.92 -5.52 -28.74
C GLN C 238 -22.15 -4.05 -28.41
N ILE C 239 -21.27 -3.49 -27.58
CA ILE C 239 -21.21 -2.06 -27.31
C ILE C 239 -21.07 -1.42 -28.72
N PRO C 240 -21.97 -0.50 -29.05
CA PRO C 240 -21.74 0.28 -30.28
C PRO C 240 -20.40 1.02 -30.15
N LEU C 241 -19.45 0.83 -31.07
CA LEU C 241 -18.13 1.46 -30.92
C LEU C 241 -17.76 2.28 -32.15
N ALA C 242 -17.24 3.46 -31.91
CA ALA C 242 -16.71 4.34 -32.97
C ALA C 242 -15.30 3.81 -33.34
N ALA C 243 -15.25 2.92 -34.33
CA ALA C 243 -14.03 2.10 -34.61
C ALA C 243 -14.21 1.35 -35.93
N THR C 244 -13.08 1.08 -36.58
CA THR C 244 -13.01 0.23 -37.79
C THR C 244 -11.87 -0.78 -37.59
N ARG C 245 -12.17 -2.09 -37.64
CA ARG C 245 -11.11 -3.10 -37.49
C ARG C 245 -10.30 -3.07 -38.78
N ARG C 246 -8.97 -3.02 -38.67
CA ARG C 246 -8.10 -3.14 -39.86
C ARG C 246 -7.60 -4.56 -40.00
N SER C 247 -7.44 -5.27 -38.89
CA SER C 247 -6.82 -6.61 -38.97
C SER C 247 -7.25 -7.29 -37.69
N PRO C 248 -7.00 -8.59 -37.56
CA PRO C 248 -7.33 -9.33 -36.33
C PRO C 248 -6.63 -8.83 -35.05
N THR C 249 -5.63 -7.97 -35.20
CA THR C 249 -4.90 -7.47 -34.03
C THR C 249 -4.85 -5.94 -33.96
N PHE C 250 -5.53 -5.27 -34.88
CA PHE C 250 -5.51 -3.82 -34.92
C PHE C 250 -6.92 -3.19 -35.24
N VAL C 251 -7.38 -2.34 -34.31
CA VAL C 251 -8.60 -1.56 -34.44
C VAL C 251 -8.23 -0.07 -34.60
N GLU C 252 -8.71 0.56 -35.67
CA GLU C 252 -8.54 1.96 -35.84
C GLU C 252 -9.66 2.66 -35.08
N TRP C 253 -9.40 3.02 -33.82
CA TRP C 253 -10.36 3.76 -33.05
C TRP C 253 -10.59 5.14 -33.61
N SER C 254 -11.86 5.52 -33.62
CA SER C 254 -12.28 6.83 -34.11
C SER C 254 -11.99 7.93 -33.09
N SER C 255 -12.01 9.15 -33.58
CA SER C 255 -11.68 10.33 -32.75
C SER C 255 -12.20 11.57 -33.47
N ALA C 256 -11.88 12.78 -32.94
CA ALA C 256 -12.17 13.99 -33.66
C ALA C 256 -11.73 13.85 -35.09
N ASN C 257 -10.51 13.32 -35.29
CA ASN C 257 -9.93 13.29 -36.67
C ASN C 257 -10.85 12.54 -37.60
N THR C 258 -11.52 11.51 -37.07
CA THR C 258 -12.46 10.73 -37.86
C THR C 258 -13.60 11.62 -38.30
N VAL C 259 -14.05 12.52 -37.42
CA VAL C 259 -15.20 13.38 -37.75
C VAL C 259 -14.78 14.41 -38.77
N PHE C 260 -13.58 14.96 -38.53
CA PHE C 260 -13.03 16.04 -39.39
C PHE C 260 -11.52 15.96 -39.32
N ASP C 261 -10.85 15.88 -40.49
CA ASP C 261 -9.40 15.63 -40.46
C ASP C 261 -8.52 16.79 -39.95
N LEU C 262 -9.13 17.94 -39.70
CA LEU C 262 -8.44 19.13 -39.14
C LEU C 262 -7.31 19.72 -39.96
N GLN C 263 -7.15 19.23 -41.18
CA GLN C 263 -6.24 19.90 -42.13
C GLN C 263 -6.75 21.29 -42.58
N ASN C 264 -5.84 22.26 -42.69
CA ASN C 264 -6.21 23.59 -43.09
C ASN C 264 -6.73 23.46 -44.52
N ARG C 265 -7.70 24.26 -44.91
CA ARG C 265 -8.23 24.23 -46.29
C ARG C 265 -8.31 25.67 -46.72
N PRO C 266 -8.26 25.92 -48.03
CA PRO C 266 -8.30 24.99 -49.13
C PRO C 266 -7.03 24.15 -49.27
N ASN C 267 -7.23 22.95 -49.76
CA ASN C 267 -6.11 22.02 -50.01
C ASN C 267 -6.50 21.15 -51.20
N THR C 268 -5.59 20.31 -51.65
CA THR C 268 -5.87 19.56 -52.86
C THR C 268 -7.18 18.82 -52.81
N ASP C 269 -7.49 18.21 -51.67
CA ASP C 269 -8.72 17.42 -51.61
C ASP C 269 -9.99 18.24 -51.45
N ALA C 270 -9.85 19.50 -51.06
CA ALA C 270 -11.00 20.35 -50.80
C ALA C 270 -10.62 21.78 -51.17
N PRO C 271 -10.48 22.05 -52.49
CA PRO C 271 -9.98 23.34 -52.93
C PRO C 271 -10.99 24.50 -52.69
N GLU C 272 -12.23 24.18 -52.38
CA GLU C 272 -13.31 25.19 -52.20
C GLU C 272 -13.62 25.46 -50.76
N GLU C 273 -13.00 24.68 -49.89
CA GLU C 273 -13.31 24.82 -48.48
C GLU C 273 -12.33 25.77 -47.80
N ARG C 274 -12.68 26.23 -46.59
CA ARG C 274 -11.92 27.25 -45.97
C ARG C 274 -11.98 26.90 -44.49
N PHE C 275 -10.84 26.49 -43.95
CA PHE C 275 -10.69 26.15 -42.55
C PHE C 275 -9.30 26.40 -42.07
N ASN C 276 -9.16 27.05 -40.92
CA ASN C 276 -7.87 27.12 -40.26
C ASN C 276 -7.96 26.68 -38.81
N LEU C 277 -7.03 25.83 -38.40
CA LEU C 277 -6.88 25.44 -36.99
C LEU C 277 -5.75 26.23 -36.35
N PHE C 278 -6.00 26.79 -35.17
CA PHE C 278 -4.95 27.46 -34.44
C PHE C 278 -4.72 26.80 -33.10
N PRO C 279 -3.67 25.97 -32.99
CA PRO C 279 -3.49 25.34 -31.65
C PRO C 279 -2.80 26.31 -30.72
N ALA C 280 -2.68 25.91 -29.47
CA ALA C 280 -1.98 26.76 -28.49
C ALA C 280 -2.56 28.15 -28.44
N VAL C 281 -3.89 28.25 -28.51
CA VAL C 281 -4.59 29.50 -28.35
C VAL C 281 -5.67 29.34 -27.28
N ALA C 282 -5.50 30.04 -26.14
CA ALA C 282 -6.45 30.00 -25.04
C ALA C 282 -7.48 31.05 -25.36
N CYS C 283 -8.71 30.58 -25.55
CA CYS C 283 -9.82 31.46 -25.74
C CYS C 283 -10.33 31.91 -24.38
N GLU C 284 -10.62 33.20 -24.27
CA GLU C 284 -10.90 33.77 -22.96
C GLU C 284 -12.31 34.32 -22.74
N ARG C 285 -12.89 34.93 -23.77
CA ARG C 285 -14.26 35.42 -23.63
C ARG C 285 -14.82 35.85 -24.95
N VAL C 286 -16.15 35.79 -24.98
CA VAL C 286 -16.98 36.32 -26.05
C VAL C 286 -17.50 37.66 -25.51
N VAL C 287 -17.36 38.72 -26.33
CA VAL C 287 -17.84 40.02 -25.99
C VAL C 287 -19.29 40.18 -26.42
N ARG C 288 -20.12 40.48 -25.43
CA ARG C 288 -21.51 40.77 -25.61
C ARG C 288 -21.72 42.16 -26.14
N ASN C 289 -22.61 42.34 -27.10
CA ASN C 289 -22.98 43.73 -27.42
C ASN C 289 -23.72 44.38 -26.23
N ALA C 290 -23.91 45.72 -26.32
CA ALA C 290 -24.49 46.46 -25.18
C ALA C 290 -25.91 45.97 -24.89
N LEU C 291 -26.62 45.48 -25.90
CA LEU C 291 -28.00 45.08 -25.68
C LEU C 291 -28.17 43.60 -25.32
N ASN C 292 -27.06 42.85 -25.23
CA ASN C 292 -27.13 41.43 -24.96
C ASN C 292 -27.96 40.67 -25.98
N SER C 293 -27.75 41.01 -27.25
CA SER C 293 -28.45 40.30 -28.31
C SER C 293 -27.49 39.64 -29.27
N GLU C 294 -26.19 39.91 -29.14
CA GLU C 294 -25.27 39.47 -30.16
C GLU C 294 -23.89 39.40 -29.57
N ILE C 295 -23.05 38.49 -30.07
CA ILE C 295 -21.63 38.47 -29.70
C ILE C 295 -20.85 39.26 -30.78
N GLU C 296 -19.93 40.10 -30.33
CA GLU C 296 -19.20 41.03 -31.14
C GLU C 296 -17.77 40.58 -31.40
N SER C 297 -17.18 39.84 -30.47
CA SER C 297 -15.94 39.18 -30.76
C SER C 297 -15.57 38.13 -29.78
N LEU C 298 -14.46 37.48 -30.11
CA LEU C 298 -13.87 36.48 -29.24
C LEU C 298 -12.44 36.92 -28.92
N HIS C 299 -12.16 37.01 -27.65
CA HIS C 299 -10.85 37.47 -27.18
C HIS C 299 -10.01 36.27 -26.92
N ILE C 300 -8.83 36.23 -27.50
CA ILE C 300 -7.94 35.08 -27.37
C ILE C 300 -6.57 35.41 -26.80
N HIS C 301 -5.89 34.37 -26.33
CA HIS C 301 -4.52 34.50 -25.87
C HIS C 301 -3.66 33.49 -26.58
N ASP C 302 -2.82 33.97 -27.49
CA ASP C 302 -1.85 33.13 -28.14
C ASP C 302 -0.75 32.72 -27.16
N LEU C 303 -0.66 31.44 -26.90
CA LEU C 303 0.25 30.97 -25.87
C LEU C 303 1.71 30.99 -26.34
N ILE C 304 1.98 30.91 -27.64
CA ILE C 304 3.38 30.92 -28.10
C ILE C 304 3.99 32.33 -28.09
N SER C 305 3.37 33.28 -28.80
CA SER C 305 3.77 34.71 -28.75
C SER C 305 3.46 35.40 -27.43
N GLY C 306 2.41 34.97 -26.74
CA GLY C 306 2.01 35.66 -25.52
C GLY C 306 1.00 36.77 -25.77
N ASP C 307 0.73 37.09 -27.02
CA ASP C 307 -0.17 38.19 -27.28
C ASP C 307 -1.67 37.83 -27.25
N ARG C 308 -2.48 38.87 -27.01
CA ARG C 308 -3.91 38.78 -27.03
C ARG C 308 -4.47 39.44 -28.28
N PHE C 309 -5.62 38.94 -28.75
CA PHE C 309 -6.22 39.41 -30.02
C PHE C 309 -7.70 39.35 -29.82
N GLU C 310 -8.40 40.09 -30.67
CA GLU C 310 -9.87 40.06 -30.77
C GLU C 310 -10.21 39.44 -32.10
N ILE C 311 -10.88 38.29 -32.09
CA ILE C 311 -11.28 37.64 -33.37
C ILE C 311 -12.76 37.97 -33.70
N LYS C 312 -13.02 38.40 -34.92
CA LYS C 312 -14.37 38.69 -35.38
C LYS C 312 -14.94 37.51 -36.26
N ALA C 313 -16.22 37.21 -36.07
CA ALA C 313 -16.90 36.16 -36.81
C ALA C 313 -18.37 36.52 -36.90
N ASP C 314 -19.09 35.92 -37.83
CA ASP C 314 -20.56 36.01 -37.78
C ASP C 314 -21.17 35.11 -36.70
N VAL C 315 -20.56 33.97 -36.52
CA VAL C 315 -21.10 32.89 -35.63
C VAL C 315 -20.03 32.46 -34.72
N TYR C 316 -20.37 32.32 -33.43
CA TYR C 316 -19.42 31.91 -32.39
C TYR C 316 -19.94 30.59 -31.83
N VAL C 317 -19.11 29.53 -31.83
CA VAL C 317 -19.51 28.18 -31.34
C VAL C 317 -18.54 27.82 -30.22
N LEU C 318 -19.06 27.49 -29.04
CA LEU C 318 -18.18 27.09 -27.96
C LEU C 318 -18.31 25.59 -27.72
N THR C 319 -17.23 24.87 -28.03
CA THR C 319 -17.15 23.42 -27.84
C THR C 319 -15.86 23.11 -27.10
N ALA C 320 -15.72 23.65 -25.90
CA ALA C 320 -14.49 23.49 -25.15
C ALA C 320 -14.62 22.48 -24.03
N GLY C 321 -15.74 21.75 -24.00
CA GLY C 321 -16.01 20.82 -22.95
C GLY C 321 -16.99 21.35 -21.91
N ALA C 322 -17.62 20.44 -21.19
CA ALA C 322 -18.67 20.79 -20.28
C ALA C 322 -18.18 21.77 -19.23
N VAL C 323 -16.93 21.64 -18.80
CA VAL C 323 -16.34 22.55 -17.77
C VAL C 323 -15.93 23.91 -18.39
N HIS C 324 -15.12 23.84 -19.43
CA HIS C 324 -14.55 25.07 -20.01
C HIS C 324 -15.47 25.95 -20.81
N ASN C 325 -16.54 25.35 -21.34
CA ASN C 325 -17.57 26.14 -21.97
C ASN C 325 -18.16 27.02 -20.86
N THR C 326 -18.49 26.40 -19.75
CA THR C 326 -19.07 27.15 -18.66
C THR C 326 -18.13 28.23 -18.22
N GLN C 327 -16.83 27.90 -18.10
CA GLN C 327 -15.83 28.83 -17.61
C GLN C 327 -15.77 30.06 -18.53
N LEU C 328 -15.74 29.80 -19.84
CA LEU C 328 -15.57 30.89 -20.81
C LEU C 328 -16.82 31.79 -20.72
N LEU C 329 -17.98 31.18 -20.57
CA LEU C 329 -19.22 31.97 -20.49
C LEU C 329 -19.26 32.83 -19.22
N VAL C 330 -19.01 32.21 -18.08
CA VAL C 330 -18.95 32.98 -16.84
C VAL C 330 -17.87 34.10 -16.94
N ASN C 331 -16.75 33.79 -17.58
CA ASN C 331 -15.72 34.83 -17.78
C ASN C 331 -16.21 35.96 -18.74
N SER C 332 -17.36 35.71 -19.40
CA SER C 332 -17.86 36.63 -20.41
C SER C 332 -19.09 37.36 -19.89
N GLY C 333 -19.41 37.24 -18.61
CA GLY C 333 -20.58 37.91 -18.01
C GLY C 333 -21.93 37.17 -18.04
N PHE C 334 -21.91 35.91 -18.46
CA PHE C 334 -23.07 35.06 -18.32
C PHE C 334 -23.08 34.43 -16.95
N GLY C 335 -24.26 34.11 -16.47
CA GLY C 335 -24.41 33.51 -15.19
C GLY C 335 -23.78 34.39 -14.14
N GLN C 336 -23.17 33.77 -13.14
CA GLN C 336 -22.68 34.51 -11.96
C GLN C 336 -21.28 34.07 -11.61
N LEU C 337 -20.32 34.97 -11.64
CA LEU C 337 -18.96 34.68 -11.18
C LEU C 337 -18.94 34.61 -9.64
N GLY C 338 -18.13 33.71 -9.08
CA GLY C 338 -17.94 33.65 -7.64
C GLY C 338 -18.85 32.67 -6.97
N ARG C 339 -18.70 32.54 -5.67
CA ARG C 339 -19.47 31.57 -4.96
C ARG C 339 -20.94 31.96 -5.11
N PRO C 340 -21.83 30.98 -5.32
CA PRO C 340 -23.26 31.25 -5.57
C PRO C 340 -23.91 32.18 -4.54
N ASN C 341 -24.63 33.19 -5.01
CA ASN C 341 -25.39 34.06 -4.12
C ASN C 341 -26.79 34.28 -4.68
N PRO C 342 -27.82 33.60 -4.11
CA PRO C 342 -29.19 33.81 -4.57
C PRO C 342 -29.66 35.28 -4.42
N ALA C 343 -28.99 36.01 -3.52
CA ALA C 343 -29.25 37.43 -3.32
C ALA C 343 -28.99 38.32 -4.56
N ASN C 344 -28.00 37.99 -5.39
CA ASN C 344 -27.71 38.81 -6.57
C ASN C 344 -27.91 37.97 -7.79
N PRO C 345 -29.16 37.60 -8.09
CA PRO C 345 -29.39 36.71 -9.24
C PRO C 345 -28.70 37.27 -10.51
N PRO C 346 -28.23 36.40 -11.39
CA PRO C 346 -27.41 37.04 -12.44
C PRO C 346 -28.24 37.60 -13.57
N GLU C 347 -27.65 38.53 -14.27
CA GLU C 347 -28.35 39.20 -15.32
C GLU C 347 -28.71 38.18 -16.43
N LEU C 348 -27.77 37.33 -16.77
CA LEU C 348 -27.90 36.47 -17.96
C LEU C 348 -27.77 35.00 -17.58
N LEU C 349 -28.59 34.14 -18.19
CA LEU C 349 -28.48 32.66 -18.14
C LEU C 349 -28.34 32.24 -16.69
N PRO C 350 -29.36 32.54 -15.88
CA PRO C 350 -29.25 32.21 -14.45
C PRO C 350 -29.17 30.72 -14.13
N SER C 351 -29.42 29.84 -15.09
CA SER C 351 -29.31 28.39 -14.85
C SER C 351 -27.94 27.87 -15.25
N LEU C 352 -27.08 28.76 -15.82
CA LEU C 352 -25.73 28.38 -16.21
C LEU C 352 -24.96 27.82 -15.01
N GLY C 353 -24.37 26.67 -15.21
CA GLY C 353 -23.65 26.04 -14.10
C GLY C 353 -24.46 25.36 -13.03
N SER C 354 -25.76 25.38 -13.16
CA SER C 354 -26.61 24.67 -12.23
C SER C 354 -27.21 23.41 -12.87
N TYR C 355 -27.75 22.51 -12.03
CA TYR C 355 -28.41 21.27 -12.51
C TYR C 355 -27.36 20.37 -13.12
N ILE C 356 -26.10 20.53 -12.72
CA ILE C 356 -25.06 19.67 -13.30
C ILE C 356 -25.32 18.18 -12.93
N THR C 357 -25.06 17.30 -13.88
CA THR C 357 -25.18 15.87 -13.66
C THR C 357 -23.83 15.19 -13.91
N GLU C 358 -23.50 14.22 -13.09
CA GLU C 358 -22.41 13.31 -13.35
C GLU C 358 -22.96 11.95 -12.90
N GLN C 359 -22.57 10.93 -13.66
CA GLN C 359 -23.07 9.55 -13.42
C GLN C 359 -22.36 8.90 -12.25
N SER C 360 -23.05 8.05 -11.52
CA SER C 360 -22.35 7.15 -10.62
C SER C 360 -21.74 6.06 -11.48
N LEU C 361 -20.57 5.54 -11.06
CA LEU C 361 -19.83 4.50 -11.77
C LEU C 361 -19.41 3.45 -10.77
N VAL C 362 -19.85 2.20 -10.99
CA VAL C 362 -19.33 1.10 -10.21
C VAL C 362 -18.47 0.28 -11.15
N PHE C 363 -17.45 -0.34 -10.59
CA PHE C 363 -16.44 -1.06 -11.42
C PHE C 363 -16.00 -2.29 -10.63
N CYS C 364 -15.73 -3.38 -11.36
CA CYS C 364 -14.94 -4.45 -10.87
C CYS C 364 -14.36 -5.22 -12.02
N GLN C 365 -13.48 -6.17 -11.71
CA GLN C 365 -13.02 -7.11 -12.74
C GLN C 365 -13.34 -8.47 -12.22
N THR C 366 -13.57 -9.45 -13.12
CA THR C 366 -13.80 -10.81 -12.70
C THR C 366 -12.72 -11.67 -13.39
N VAL C 367 -12.53 -12.82 -12.79
CA VAL C 367 -11.72 -13.89 -13.37
C VAL C 367 -12.63 -14.98 -13.85
N MET C 368 -12.46 -15.31 -15.13
CA MET C 368 -13.42 -16.21 -15.81
C MET C 368 -13.61 -17.50 -15.09
N SER C 369 -14.85 -17.97 -15.02
CA SER C 369 -15.13 -19.20 -14.28
C SER C 369 -14.45 -20.40 -14.96
N THR C 370 -14.12 -21.39 -14.17
CA THR C 370 -13.67 -22.67 -14.68
C THR C 370 -14.70 -23.25 -15.68
N GLU C 371 -16.00 -23.12 -15.40
CA GLU C 371 -17.00 -23.70 -16.36
C GLU C 371 -16.91 -23.04 -17.69
N LEU C 372 -16.79 -21.73 -17.65
CA LEU C 372 -16.82 -21.01 -18.94
C LEU C 372 -15.55 -21.36 -19.69
N ILE C 373 -14.41 -21.37 -18.98
CA ILE C 373 -13.13 -21.72 -19.69
C ILE C 373 -13.18 -23.12 -20.29
N ASP C 374 -13.69 -24.12 -19.56
CA ASP C 374 -13.82 -25.43 -20.15
C ASP C 374 -14.79 -25.44 -21.37
N SER C 375 -15.84 -24.64 -21.28
CA SER C 375 -16.85 -24.57 -22.37
C SER C 375 -16.21 -24.06 -23.64
N VAL C 376 -15.14 -23.26 -23.51
CA VAL C 376 -14.42 -22.83 -24.74
C VAL C 376 -13.97 -24.04 -25.58
N LYS C 377 -13.64 -25.16 -24.93
CA LYS C 377 -13.14 -26.31 -25.71
C LYS C 377 -14.15 -27.44 -25.70
N SER C 378 -15.44 -27.10 -25.49
CA SER C 378 -16.47 -28.10 -25.35
C SER C 378 -16.53 -28.98 -26.61
N ASP C 379 -16.28 -28.39 -27.77
CA ASP C 379 -16.42 -29.08 -29.04
C ASP C 379 -15.23 -29.91 -29.39
N MET C 380 -14.17 -29.88 -28.56
CA MET C 380 -12.95 -30.61 -28.94
C MET C 380 -12.89 -32.05 -28.48
N THR C 381 -12.27 -32.87 -29.30
CA THR C 381 -11.76 -34.17 -28.85
C THR C 381 -10.27 -34.07 -28.62
N ILE C 382 -9.84 -34.43 -27.41
CA ILE C 382 -8.46 -34.22 -26.96
C ILE C 382 -7.81 -35.57 -26.67
N ARG C 383 -6.65 -35.82 -27.26
CA ARG C 383 -5.97 -37.09 -27.06
C ARG C 383 -4.47 -36.89 -26.84
N GLY C 384 -3.91 -37.64 -25.89
CA GLY C 384 -2.49 -37.58 -25.54
C GLY C 384 -2.28 -36.72 -24.30
N THR C 385 -1.04 -36.56 -23.90
CA THR C 385 -0.69 -35.50 -22.96
C THR C 385 -0.07 -34.38 -23.82
N PRO C 386 -0.31 -33.11 -23.46
CA PRO C 386 0.34 -32.01 -24.20
C PRO C 386 1.84 -32.15 -24.14
N GLY C 387 2.54 -31.68 -25.15
CA GLY C 387 3.99 -31.89 -25.21
C GLY C 387 4.36 -33.15 -25.98
N GLU C 388 3.67 -34.27 -25.74
CA GLU C 388 3.84 -35.49 -26.55
C GLU C 388 3.71 -35.22 -28.07
N LEU C 389 4.27 -36.11 -28.89
CA LEU C 389 3.92 -36.15 -30.31
C LEU C 389 2.55 -36.83 -30.54
N THR C 390 2.11 -37.67 -29.58
CA THR C 390 0.73 -38.21 -29.55
C THR C 390 -0.41 -37.18 -29.29
N TYR C 391 -0.08 -35.95 -28.88
CA TYR C 391 -1.15 -34.99 -28.51
C TYR C 391 -1.95 -34.60 -29.74
N SER C 392 -3.27 -34.75 -29.65
CA SER C 392 -4.20 -34.38 -30.74
C SER C 392 -5.41 -33.61 -30.22
N VAL C 393 -5.72 -32.48 -30.86
CA VAL C 393 -6.95 -31.77 -30.56
C VAL C 393 -7.65 -31.58 -31.85
N THR C 394 -8.85 -32.12 -31.90
CA THR C 394 -9.63 -32.07 -33.11
C THR C 394 -11.11 -31.82 -32.76
N TYR C 395 -11.82 -31.30 -33.76
CA TYR C 395 -13.26 -31.14 -33.73
C TYR C 395 -13.82 -31.49 -35.14
N THR C 396 -15.14 -31.75 -35.17
CA THR C 396 -15.90 -31.99 -36.39
C THR C 396 -16.61 -30.75 -36.83
N PRO C 397 -16.24 -30.19 -37.99
CA PRO C 397 -16.93 -29.00 -38.54
C PRO C 397 -18.46 -29.14 -38.65
N GLY C 398 -19.20 -28.14 -38.18
CA GLY C 398 -20.63 -28.09 -38.43
C GLY C 398 -21.51 -29.14 -37.75
N ALA C 399 -20.94 -29.94 -36.84
CA ALA C 399 -21.66 -31.02 -36.15
C ALA C 399 -22.86 -30.43 -35.40
N SER C 400 -24.00 -31.15 -35.37
CA SER C 400 -25.23 -30.65 -34.73
C SER C 400 -25.06 -30.42 -33.24
N THR C 401 -24.11 -31.13 -32.64
CA THR C 401 -23.85 -31.11 -31.18
C THR C 401 -22.71 -30.09 -30.84
N ASN C 402 -22.12 -29.39 -31.83
CA ASN C 402 -21.13 -28.37 -31.49
C ASN C 402 -21.86 -27.24 -30.79
N LYS C 403 -21.23 -26.65 -29.75
CA LYS C 403 -21.77 -25.47 -29.10
C LYS C 403 -21.26 -24.19 -29.74
N HIS C 404 -20.23 -24.27 -30.55
CA HIS C 404 -19.61 -23.06 -31.09
C HIS C 404 -19.42 -23.14 -32.58
N PRO C 405 -19.27 -21.97 -33.25
CA PRO C 405 -19.06 -22.01 -34.71
C PRO C 405 -17.72 -22.62 -35.09
N ASP C 406 -17.57 -23.01 -36.36
CA ASP C 406 -16.31 -23.61 -36.77
C ASP C 406 -15.16 -22.63 -36.58
N TRP C 407 -15.38 -21.33 -36.82
CA TRP C 407 -14.26 -20.39 -36.77
C TRP C 407 -13.70 -20.36 -35.33
N TRP C 408 -14.58 -20.57 -34.38
CA TRP C 408 -14.20 -20.54 -32.96
C TRP C 408 -13.38 -21.77 -32.76
N ASN C 409 -13.92 -22.90 -33.19
CA ASN C 409 -13.26 -24.14 -32.96
C ASN C 409 -11.90 -24.21 -33.62
N GLU C 410 -11.76 -23.56 -34.76
CA GLU C 410 -10.51 -23.60 -35.47
C GLU C 410 -9.42 -22.84 -34.69
N LYS C 411 -9.75 -21.68 -34.18
CA LYS C 411 -8.82 -20.93 -33.36
C LYS C 411 -8.39 -21.68 -32.09
N VAL C 412 -9.36 -22.26 -31.41
CA VAL C 412 -9.07 -23.05 -30.20
C VAL C 412 -8.18 -24.23 -30.52
N LYS C 413 -8.51 -24.93 -31.59
CA LYS C 413 -7.74 -26.08 -32.02
C LYS C 413 -6.34 -25.67 -32.23
N ASN C 414 -6.11 -24.63 -33.01
CA ASN C 414 -4.75 -24.20 -33.34
C ASN C 414 -4.01 -23.64 -32.14
N HIS C 415 -4.71 -22.89 -31.33
CA HIS C 415 -4.06 -22.41 -30.15
C HIS C 415 -3.55 -23.58 -29.31
N MET C 416 -4.41 -24.56 -29.07
CA MET C 416 -4.08 -25.67 -28.20
C MET C 416 -2.98 -26.55 -28.78
N MET C 417 -2.99 -26.73 -30.11
CA MET C 417 -1.98 -27.58 -30.77
C MET C 417 -0.62 -26.89 -30.91
N GLN C 418 -0.63 -25.58 -31.12
CA GLN C 418 0.60 -24.82 -31.24
C GLN C 418 1.14 -24.32 -29.90
N HIS C 419 0.33 -24.33 -28.84
CA HIS C 419 0.84 -23.86 -27.56
C HIS C 419 0.53 -24.83 -26.47
N GLN C 420 1.22 -25.96 -26.54
CA GLN C 420 0.88 -27.11 -25.72
C GLN C 420 1.34 -26.91 -24.28
N GLU C 421 2.29 -26.04 -24.07
CA GLU C 421 2.70 -25.61 -22.74
C GLU C 421 1.69 -24.67 -22.05
N ASP C 422 0.66 -24.22 -22.77
CA ASP C 422 -0.23 -23.19 -22.25
C ASP C 422 -1.51 -23.86 -21.79
N PRO C 423 -1.99 -23.47 -20.61
CA PRO C 423 -3.06 -24.20 -19.99
C PRO C 423 -4.45 -23.75 -20.38
N LEU C 424 -4.59 -22.67 -21.16
CA LEU C 424 -5.88 -22.17 -21.48
C LEU C 424 -6.18 -22.34 -23.00
N PRO C 425 -7.46 -22.39 -23.32
CA PRO C 425 -7.86 -22.68 -24.70
C PRO C 425 -8.11 -21.44 -25.54
N ILE C 426 -7.97 -20.28 -24.93
CA ILE C 426 -8.20 -19.00 -25.59
C ILE C 426 -6.93 -18.56 -26.29
N PRO C 427 -7.00 -18.25 -27.59
CA PRO C 427 -5.78 -17.77 -28.25
C PRO C 427 -5.26 -16.49 -27.64
N PHE C 428 -3.95 -16.33 -27.76
CA PHE C 428 -3.23 -15.18 -27.29
C PHE C 428 -3.66 -13.85 -27.90
N GLU C 429 -4.02 -13.80 -29.15
CA GLU C 429 -4.38 -12.45 -29.61
C GLU C 429 -5.90 -12.34 -29.74
N ASP C 430 -6.67 -13.17 -29.03
CA ASP C 430 -8.12 -13.08 -29.10
C ASP C 430 -8.52 -11.66 -28.71
N PRO C 431 -9.31 -10.98 -29.55
CA PRO C 431 -9.75 -9.65 -29.11
C PRO C 431 -10.62 -9.63 -27.84
N GLU C 432 -10.61 -8.51 -27.14
CA GLU C 432 -11.32 -8.44 -25.88
C GLU C 432 -12.86 -8.44 -26.09
N PRO C 433 -13.59 -8.75 -25.03
CA PRO C 433 -15.03 -8.65 -25.09
C PRO C 433 -15.45 -7.20 -25.14
N GLN C 434 -16.65 -6.97 -25.70
CA GLN C 434 -17.20 -5.65 -25.82
C GLN C 434 -18.73 -5.75 -25.70
N VAL C 435 -19.20 -6.13 -24.53
CA VAL C 435 -20.59 -6.47 -24.36
C VAL C 435 -21.33 -5.39 -23.57
N THR C 436 -22.61 -5.23 -23.90
CA THR C 436 -23.52 -4.38 -23.11
C THR C 436 -24.94 -4.90 -23.07
N THR C 437 -25.62 -4.65 -21.95
CA THR C 437 -27.05 -4.59 -21.95
C THR C 437 -27.46 -3.15 -21.69
N LEU C 438 -28.00 -2.52 -22.72
CA LEU C 438 -28.31 -1.10 -22.66
C LEU C 438 -29.39 -0.82 -21.61
N PHE C 439 -29.32 0.41 -21.11
CA PHE C 439 -30.28 0.98 -20.18
C PHE C 439 -31.74 0.64 -20.48
N GLN C 440 -32.49 0.19 -19.48
CA GLN C 440 -33.97 0.06 -19.60
C GLN C 440 -34.64 0.43 -18.29
N PRO C 441 -35.97 0.68 -18.32
CA PRO C 441 -36.64 1.08 -17.07
C PRO C 441 -36.42 0.10 -15.94
N SER C 442 -36.31 -1.19 -16.24
CA SER C 442 -36.13 -2.20 -15.18
C SER C 442 -34.67 -2.47 -14.81
N HIS C 443 -33.73 -1.92 -15.59
CA HIS C 443 -32.33 -1.85 -15.15
C HIS C 443 -31.73 -0.51 -15.62
N PRO C 444 -32.03 0.58 -14.91
CA PRO C 444 -31.77 1.93 -15.43
C PRO C 444 -30.31 2.39 -15.22
N TRP C 445 -29.42 1.73 -15.91
CA TRP C 445 -28.03 2.06 -15.92
C TRP C 445 -27.49 1.48 -17.17
N HIS C 446 -26.48 2.13 -17.71
CA HIS C 446 -25.74 1.58 -18.85
C HIS C 446 -24.72 0.60 -18.29
N THR C 447 -24.40 -0.41 -19.08
CA THR C 447 -23.47 -1.45 -18.67
C THR C 447 -22.42 -1.68 -19.76
N GLN C 448 -21.19 -1.99 -19.34
CA GLN C 448 -20.07 -2.38 -20.25
C GLN C 448 -19.33 -3.49 -19.57
N ILE C 449 -19.21 -4.60 -20.31
CA ILE C 449 -18.66 -5.83 -19.90
C ILE C 449 -17.56 -6.09 -20.93
N HIS C 450 -16.34 -5.73 -20.58
CA HIS C 450 -15.40 -5.40 -21.63
C HIS C 450 -14.00 -5.39 -21.13
N ARG C 451 -13.07 -4.91 -21.92
CA ARG C 451 -11.77 -4.59 -21.41
C ARG C 451 -11.42 -3.31 -22.06
N ASP C 452 -11.03 -2.31 -21.33
CA ASP C 452 -10.48 -1.18 -22.11
C ASP C 452 -9.55 -0.41 -21.20
N ALA C 453 -8.88 0.60 -21.75
CA ALA C 453 -7.85 1.34 -21.06
C ALA C 453 -8.54 2.57 -20.54
N PHE C 454 -8.53 2.75 -19.21
CA PHE C 454 -9.09 4.00 -18.61
C PHE C 454 -8.03 4.60 -17.67
N SER C 455 -8.35 5.63 -16.92
CA SER C 455 -7.30 6.25 -16.07
C SER C 455 -6.88 5.39 -14.83
N TYR C 456 -7.71 4.41 -14.52
CA TYR C 456 -7.64 3.58 -13.35
C TYR C 456 -7.45 2.16 -13.88
N GLY C 457 -7.05 1.24 -13.04
CA GLY C 457 -6.70 -0.10 -13.51
C GLY C 457 -5.28 -0.67 -13.27
N ALA C 458 -4.71 -0.48 -12.07
CA ALA C 458 -3.29 -0.66 -11.79
C ALA C 458 -2.81 -2.08 -12.01
N VAL C 459 -1.82 -2.22 -12.86
CA VAL C 459 -1.71 -3.44 -13.61
C VAL C 459 -1.44 -4.62 -12.72
N GLN C 460 -1.92 -5.78 -13.07
CA GLN C 460 -1.51 -6.96 -12.33
C GLN C 460 -1.00 -8.02 -13.29
N GLN C 461 -0.11 -8.85 -12.83
CA GLN C 461 0.39 -9.86 -13.70
C GLN C 461 0.18 -11.24 -13.21
N SER C 462 -0.30 -11.42 -12.02
CA SER C 462 -0.40 -12.80 -11.53
C SER C 462 -1.45 -13.61 -12.26
N ILE C 463 -2.53 -12.97 -12.69
CA ILE C 463 -3.68 -13.68 -13.27
C ILE C 463 -3.62 -13.41 -14.78
N ASP C 464 -3.76 -14.47 -15.54
CA ASP C 464 -3.68 -14.37 -17.01
C ASP C 464 -4.69 -13.42 -17.55
N SER C 465 -4.27 -12.45 -18.36
CA SER C 465 -5.23 -11.45 -18.79
C SER C 465 -6.44 -12.01 -19.62
N ARG C 466 -6.24 -13.11 -20.32
CA ARG C 466 -7.32 -13.71 -21.06
C ARG C 466 -8.56 -14.05 -20.19
N LEU C 467 -8.37 -14.14 -18.86
CA LEU C 467 -9.43 -14.52 -17.96
C LEU C 467 -10.23 -13.33 -17.45
N ILE C 468 -9.67 -12.12 -17.68
CA ILE C 468 -10.09 -10.90 -16.94
C ILE C 468 -11.14 -10.19 -17.77
N VAL C 469 -12.24 -9.80 -17.13
CA VAL C 469 -13.25 -9.03 -17.78
C VAL C 469 -13.57 -7.86 -16.85
N ASP C 470 -13.68 -6.67 -17.42
CA ASP C 470 -14.09 -5.45 -16.67
C ASP C 470 -15.61 -5.30 -16.70
N TRP C 471 -16.16 -4.77 -15.60
CA TRP C 471 -17.59 -4.49 -15.46
C TRP C 471 -17.64 -3.07 -15.05
N ARG C 472 -18.37 -2.27 -15.82
CA ARG C 472 -18.62 -0.88 -15.56
C ARG C 472 -20.08 -0.63 -15.78
N PHE C 473 -20.78 -0.24 -14.71
CA PHE C 473 -22.15 0.12 -14.76
C PHE C 473 -22.27 1.59 -14.41
N PHE C 474 -23.08 2.30 -15.21
CA PHE C 474 -23.14 3.77 -15.17
C PHE C 474 -24.57 4.20 -14.78
N GLY C 475 -24.72 4.94 -13.69
CA GLY C 475 -26.02 5.40 -13.27
C GLY C 475 -26.40 6.73 -13.86
N ARG C 476 -27.71 7.02 -13.80
CA ARG C 476 -28.23 8.34 -14.23
C ARG C 476 -28.51 9.23 -13.03
N THR C 477 -28.15 10.50 -13.16
CA THR C 477 -28.21 11.39 -12.03
C THR C 477 -29.29 12.45 -12.30
N GLU C 478 -30.28 12.56 -11.38
CA GLU C 478 -31.34 13.55 -11.53
C GLU C 478 -30.70 14.95 -11.52
N PRO C 479 -31.11 15.80 -12.46
CA PRO C 479 -30.60 17.19 -12.47
C PRO C 479 -31.24 18.00 -11.34
N LYS C 480 -30.41 18.55 -10.45
CA LYS C 480 -30.84 19.37 -9.33
C LYS C 480 -30.16 20.71 -9.32
N GLU C 481 -30.93 21.73 -9.03
CA GLU C 481 -30.47 23.08 -9.10
C GLU C 481 -29.28 23.29 -8.21
N GLU C 482 -29.33 22.64 -7.04
CA GLU C 482 -28.28 22.82 -6.05
C GLU C 482 -26.93 22.16 -6.47
N ASN C 483 -26.93 21.28 -7.45
CA ASN C 483 -25.66 20.72 -7.93
C ASN C 483 -25.08 21.66 -8.94
N LYS C 484 -23.90 22.20 -8.63
CA LYS C 484 -23.36 23.36 -9.36
C LYS C 484 -21.88 23.22 -9.72
N LEU C 485 -21.51 23.82 -10.84
CA LEU C 485 -20.11 24.11 -11.22
C LEU C 485 -20.06 25.61 -11.18
N TRP C 486 -19.22 26.20 -10.35
CA TRP C 486 -19.08 27.68 -10.40
C TRP C 486 -17.63 28.01 -10.44
N PHE C 487 -17.33 29.30 -10.57
CA PHE C 487 -15.98 29.76 -10.81
C PHE C 487 -15.59 30.84 -9.85
N SER C 488 -14.39 30.70 -9.30
CA SER C 488 -13.95 31.61 -8.25
C SER C 488 -13.73 32.99 -8.83
N ASP C 489 -14.02 34.00 -8.01
CA ASP C 489 -13.74 35.40 -8.37
C ASP C 489 -12.38 35.88 -7.81
N LYS C 490 -11.61 34.95 -7.28
CA LYS C 490 -10.29 35.28 -6.75
C LYS C 490 -9.21 34.28 -7.22
N ILE C 491 -9.50 33.01 -7.12
CA ILE C 491 -8.53 31.99 -7.41
C ILE C 491 -8.57 31.79 -8.93
N THR C 492 -7.39 31.61 -9.55
CA THR C 492 -7.34 31.36 -10.99
C THR C 492 -6.57 30.09 -11.27
N ASP C 493 -6.85 29.48 -12.42
CA ASP C 493 -6.26 28.21 -12.77
C ASP C 493 -4.96 28.43 -13.53
N ALA C 494 -4.49 27.39 -14.20
CA ALA C 494 -3.15 27.42 -14.73
C ALA C 494 -3.07 28.30 -15.96
N TYR C 495 -4.22 28.68 -16.53
CA TYR C 495 -4.22 29.61 -17.68
C TYR C 495 -4.88 30.92 -17.32
N ASN C 496 -4.83 31.23 -16.03
CA ASN C 496 -5.27 32.52 -15.57
C ASN C 496 -6.75 32.78 -15.76
N MET C 497 -7.53 31.72 -15.75
CA MET C 497 -8.97 31.89 -15.86
C MET C 497 -9.56 31.50 -14.47
N PRO C 498 -10.81 31.91 -14.20
CA PRO C 498 -11.45 31.66 -12.94
C PRO C 498 -11.47 30.16 -12.62
N GLN C 499 -11.12 29.84 -11.41
CA GLN C 499 -10.90 28.47 -11.01
C GLN C 499 -12.24 27.76 -10.86
N PRO C 500 -12.42 26.64 -11.54
CA PRO C 500 -13.66 25.91 -11.36
C PRO C 500 -13.75 25.28 -9.96
N THR C 501 -14.98 25.26 -9.46
CA THR C 501 -15.30 24.68 -8.16
C THR C 501 -16.63 23.92 -8.32
N PHE C 502 -16.70 22.75 -7.71
CA PHE C 502 -17.90 21.95 -7.75
C PHE C 502 -18.58 22.04 -6.41
N ASP C 503 -19.92 22.00 -6.45
CA ASP C 503 -20.71 21.80 -5.28
C ASP C 503 -21.68 20.75 -5.68
N PHE C 504 -21.38 19.50 -5.32
CA PHE C 504 -22.07 18.35 -5.86
C PHE C 504 -22.19 17.25 -4.85
N ARG C 505 -23.41 16.67 -4.77
CA ARG C 505 -23.66 15.35 -4.20
C ARG C 505 -24.65 14.61 -5.09
N PHE C 506 -24.59 13.29 -5.14
CA PHE C 506 -25.63 12.53 -5.79
C PHE C 506 -26.92 12.76 -5.08
N PRO C 507 -27.98 13.13 -5.79
CA PRO C 507 -29.28 13.43 -5.19
C PRO C 507 -29.82 12.24 -4.42
N ALA C 508 -30.36 12.49 -3.25
CA ALA C 508 -31.00 11.42 -2.50
C ALA C 508 -32.26 11.07 -3.34
N GLY C 509 -32.90 10.00 -3.00
CA GLY C 509 -34.06 9.62 -3.72
C GLY C 509 -33.57 8.73 -4.83
N ARG C 510 -34.17 8.90 -6.00
CA ARG C 510 -34.09 7.92 -7.07
C ARG C 510 -32.61 7.72 -7.45
N THR C 511 -31.87 8.81 -7.61
CA THR C 511 -30.51 8.68 -8.06
C THR C 511 -29.66 7.81 -7.15
N SER C 512 -29.85 7.97 -5.84
CA SER C 512 -29.08 7.15 -4.91
C SER C 512 -29.55 5.73 -4.86
N LYS C 513 -30.85 5.53 -4.76
CA LYS C 513 -31.42 4.16 -4.72
C LYS C 513 -30.99 3.37 -5.96
N GLU C 514 -31.06 4.01 -7.12
CA GLU C 514 -30.65 3.32 -8.35
C GLU C 514 -29.15 3.02 -8.28
N ALA C 515 -28.33 3.96 -7.79
CA ALA C 515 -26.89 3.74 -7.85
C ALA C 515 -26.51 2.49 -7.01
N GLU C 516 -27.12 2.41 -5.86
CA GLU C 516 -26.88 1.21 -5.03
C GLU C 516 -27.50 -0.06 -5.64
N ASP C 517 -28.71 0.00 -6.20
CA ASP C 517 -29.25 -1.16 -6.87
C ASP C 517 -28.38 -1.55 -8.06
N MET C 518 -27.77 -0.57 -8.71
CA MET C 518 -26.86 -0.81 -9.86
C MET C 518 -25.61 -1.54 -9.37
N MET C 519 -25.08 -1.11 -8.24
CA MET C 519 -24.05 -1.89 -7.61
C MET C 519 -24.48 -3.35 -7.42
N THR C 520 -25.57 -3.55 -6.75
CA THR C 520 -26.04 -4.97 -6.52
C THR C 520 -26.19 -5.75 -7.85
N ASP C 521 -26.75 -5.09 -8.86
CA ASP C 521 -26.87 -5.70 -10.16
C ASP C 521 -25.53 -6.11 -10.80
N MET C 522 -24.48 -5.29 -10.65
CA MET C 522 -23.17 -5.68 -11.11
C MET C 522 -22.65 -6.88 -10.36
N CYS C 523 -22.76 -6.86 -9.03
CA CYS C 523 -22.37 -8.06 -8.29
C CYS C 523 -23.10 -9.33 -8.74
N VAL C 524 -24.40 -9.22 -9.00
CA VAL C 524 -25.25 -10.35 -9.37
C VAL C 524 -24.89 -10.83 -10.79
N MET C 525 -24.70 -9.86 -11.68
CA MET C 525 -24.52 -10.25 -13.07
C MET C 525 -23.10 -10.80 -13.24
N SER C 526 -22.12 -10.11 -12.67
CA SER C 526 -20.71 -10.46 -12.83
C SER C 526 -20.43 -11.89 -12.36
N ALA C 527 -21.18 -12.32 -11.34
CA ALA C 527 -20.99 -13.66 -10.76
C ALA C 527 -21.35 -14.75 -11.74
N LYS C 528 -22.13 -14.43 -12.75
CA LYS C 528 -22.47 -15.42 -13.77
C LYS C 528 -21.31 -15.76 -14.67
N ILE C 529 -20.37 -14.81 -14.78
CA ILE C 529 -19.18 -14.97 -15.57
C ILE C 529 -18.00 -15.42 -14.76
N GLY C 530 -17.83 -14.91 -13.51
CA GLY C 530 -16.68 -15.29 -12.73
C GLY C 530 -16.74 -14.59 -11.40
N GLY C 531 -15.90 -14.99 -10.46
CA GLY C 531 -15.75 -14.21 -9.23
C GLY C 531 -14.85 -13.02 -9.44
N PHE C 532 -14.85 -12.10 -8.45
CA PHE C 532 -14.07 -10.89 -8.53
C PHE C 532 -12.58 -11.22 -8.52
N LEU C 533 -11.86 -10.43 -9.29
CA LEU C 533 -10.43 -10.43 -9.24
C LEU C 533 -9.94 -9.67 -8.03
N PRO C 534 -9.07 -10.30 -7.23
CA PRO C 534 -8.65 -9.63 -6.01
C PRO C 534 -7.90 -8.37 -6.41
N GLY C 535 -8.13 -7.30 -5.69
CA GLY C 535 -7.60 -5.99 -6.15
C GLY C 535 -8.48 -5.19 -7.10
N SER C 536 -9.52 -5.80 -7.68
CA SER C 536 -10.51 -5.08 -8.51
C SER C 536 -11.93 -5.48 -8.03
N LEU C 537 -12.11 -5.30 -6.74
CA LEU C 537 -13.34 -5.73 -6.07
C LEU C 537 -14.40 -4.65 -6.37
N PRO C 538 -15.69 -4.99 -6.27
CA PRO C 538 -16.72 -4.00 -6.58
C PRO C 538 -16.74 -2.74 -5.76
N GLN C 539 -16.77 -1.62 -6.45
CA GLN C 539 -16.56 -0.35 -5.82
C GLN C 539 -17.18 0.78 -6.62
N PHE C 540 -17.63 1.82 -5.94
CA PHE C 540 -17.94 3.07 -6.58
C PHE C 540 -16.63 3.79 -6.91
N MET C 541 -16.55 4.37 -8.09
CA MET C 541 -15.36 5.08 -8.43
C MET C 541 -15.48 6.55 -7.98
N GLU C 542 -14.35 7.22 -7.89
CA GLU C 542 -14.32 8.60 -7.40
C GLU C 542 -15.27 9.47 -8.25
N PRO C 543 -16.01 10.40 -7.62
CA PRO C 543 -17.04 11.11 -8.38
C PRO C 543 -16.39 11.90 -9.53
N GLY C 544 -16.86 11.61 -10.73
CA GLY C 544 -16.38 12.37 -11.87
C GLY C 544 -15.27 11.70 -12.64
N LEU C 545 -14.74 10.59 -12.10
CA LEU C 545 -13.68 9.88 -12.83
C LEU C 545 -14.21 9.39 -14.18
N VAL C 546 -15.52 9.11 -14.20
CA VAL C 546 -16.21 8.58 -15.31
C VAL C 546 -16.22 9.60 -16.46
N LEU C 547 -16.10 10.89 -16.19
CA LEU C 547 -15.98 11.96 -17.26
C LEU C 547 -17.20 12.03 -18.20
N HIS C 548 -18.38 11.97 -17.59
CA HIS C 548 -19.67 12.05 -18.27
C HIS C 548 -20.49 13.21 -17.76
N LEU C 549 -19.81 14.28 -17.36
CA LEU C 549 -20.50 15.47 -16.82
C LEU C 549 -21.44 16.10 -17.87
N GLY C 550 -22.61 16.52 -17.41
CA GLY C 550 -23.66 17.10 -18.30
C GLY C 550 -24.38 18.24 -17.59
N GLY C 551 -25.20 18.98 -18.33
CA GLY C 551 -26.08 19.91 -17.72
C GLY C 551 -25.49 21.23 -17.26
N THR C 552 -24.20 21.47 -17.51
CA THR C 552 -23.57 22.72 -17.10
C THR C 552 -24.01 23.99 -17.89
N HIS C 553 -24.53 23.76 -19.11
CA HIS C 553 -25.10 24.83 -19.95
C HIS C 553 -26.28 24.26 -20.65
N ARG C 554 -27.26 23.84 -19.85
CA ARG C 554 -28.27 22.90 -20.41
C ARG C 554 -29.28 23.45 -21.46
N MET C 555 -29.72 22.51 -22.30
CA MET C 555 -30.70 22.73 -23.30
C MET C 555 -32.12 22.63 -22.76
N GLY C 556 -32.99 23.49 -23.23
CA GLY C 556 -34.46 23.24 -23.15
C GLY C 556 -35.26 24.10 -24.09
N PHE C 557 -36.59 23.98 -24.07
CA PHE C 557 -37.44 24.82 -24.95
C PHE C 557 -37.58 26.24 -24.47
N ASP C 558 -37.69 26.42 -23.15
CA ASP C 558 -37.95 27.75 -22.58
C ASP C 558 -36.95 28.03 -21.49
N GLU C 559 -36.22 29.14 -21.66
CA GLU C 559 -35.18 29.46 -20.73
C GLU C 559 -35.62 29.40 -19.26
N LYS C 560 -36.79 29.96 -18.94
CA LYS C 560 -37.31 29.96 -17.59
C LYS C 560 -38.03 28.68 -17.18
N GLU C 561 -39.04 28.23 -17.93
CA GLU C 561 -39.81 27.04 -17.50
C GLU C 561 -38.93 25.80 -17.44
N ASP C 562 -37.94 25.73 -18.33
CA ASP C 562 -37.09 24.54 -18.39
C ASP C 562 -35.70 24.73 -17.72
N ASN C 563 -35.47 25.89 -17.07
CA ASN C 563 -34.25 26.21 -16.36
C ASN C 563 -33.03 25.87 -17.20
N CYS C 564 -32.83 26.61 -18.29
CA CYS C 564 -31.84 26.19 -19.21
C CYS C 564 -31.13 27.37 -19.83
N CYS C 565 -30.19 27.06 -20.70
CA CYS C 565 -29.24 28.07 -21.23
C CYS C 565 -29.24 28.14 -22.75
N VAL C 566 -29.54 27.03 -23.40
CA VAL C 566 -29.61 26.98 -24.87
C VAL C 566 -30.94 26.35 -25.27
N ASN C 567 -31.40 26.70 -26.45
CA ASN C 567 -32.64 26.14 -26.95
C ASN C 567 -32.24 24.95 -27.79
N THR C 568 -33.19 24.38 -28.54
CA THR C 568 -32.95 23.08 -29.18
C THR C 568 -32.11 23.18 -30.44
N ASP C 569 -31.75 24.41 -30.79
CA ASP C 569 -30.74 24.68 -31.79
C ASP C 569 -29.36 24.92 -31.18
N SER C 570 -29.27 24.70 -29.88
CA SER C 570 -28.04 24.96 -29.14
C SER C 570 -27.62 26.44 -29.15
N ARG C 571 -28.59 27.33 -29.37
CA ARG C 571 -28.30 28.73 -29.41
C ARG C 571 -28.57 29.31 -28.01
N VAL C 572 -27.69 30.18 -27.54
CA VAL C 572 -27.83 30.82 -26.24
C VAL C 572 -29.03 31.79 -26.26
N PHE C 573 -29.99 31.56 -25.36
CA PHE C 573 -31.21 32.32 -25.34
C PHE C 573 -30.80 33.79 -25.40
N GLY C 574 -31.49 34.51 -26.29
CA GLY C 574 -31.32 35.98 -26.42
C GLY C 574 -30.21 36.45 -27.35
N PHE C 575 -29.37 35.52 -27.77
CA PHE C 575 -28.15 35.81 -28.50
C PHE C 575 -28.27 35.20 -29.87
N LYS C 576 -28.20 36.06 -30.88
CA LYS C 576 -28.48 35.65 -32.27
C LYS C 576 -27.46 34.66 -32.79
N ASN C 577 -26.22 34.78 -32.33
CA ASN C 577 -25.09 34.16 -32.99
C ASN C 577 -24.15 33.43 -32.08
N LEU C 578 -24.63 32.91 -30.93
CA LEU C 578 -23.77 32.22 -30.03
C LEU C 578 -24.36 30.85 -29.78
N PHE C 579 -23.55 29.81 -30.04
CA PHE C 579 -24.01 28.42 -29.86
C PHE C 579 -23.04 27.64 -29.00
N LEU C 580 -23.58 26.67 -28.29
CA LEU C 580 -22.78 25.79 -27.45
C LEU C 580 -23.01 24.35 -27.90
N GLY C 581 -21.91 23.60 -27.96
CA GLY C 581 -21.91 22.19 -28.30
C GLY C 581 -21.27 21.42 -27.13
N GLY C 582 -21.80 20.25 -26.86
CA GLY C 582 -21.13 19.37 -25.91
C GLY C 582 -22.10 18.76 -24.95
N CYS C 583 -21.57 17.87 -24.11
CA CYS C 583 -22.38 17.17 -23.14
C CYS C 583 -23.01 18.14 -22.15
N GLY C 584 -22.41 19.33 -22.02
CA GLY C 584 -22.99 20.39 -21.21
C GLY C 584 -24.41 20.75 -21.59
N ASN C 585 -24.79 20.47 -22.84
CA ASN C 585 -26.13 20.79 -23.32
C ASN C 585 -27.14 19.78 -22.79
N ILE C 586 -26.67 18.63 -22.38
CA ILE C 586 -27.64 17.56 -22.12
C ILE C 586 -28.31 17.82 -20.78
N PRO C 587 -29.63 17.99 -20.76
CA PRO C 587 -30.33 18.43 -19.57
C PRO C 587 -30.98 17.30 -18.76
N THR C 588 -30.92 16.08 -19.26
CA THR C 588 -31.62 14.95 -18.61
C THR C 588 -30.70 14.14 -17.70
N ALA C 589 -31.29 13.17 -16.99
CA ALA C 589 -30.54 12.15 -16.24
C ALA C 589 -30.25 11.03 -17.24
N TYR C 590 -28.99 10.82 -17.56
CA TYR C 590 -28.62 9.74 -18.47
C TYR C 590 -27.53 8.85 -17.91
N GLY C 591 -27.60 7.57 -18.25
CA GLY C 591 -26.60 6.54 -17.90
C GLY C 591 -25.63 6.24 -19.07
N ALA C 592 -26.14 6.25 -20.30
CA ALA C 592 -25.34 5.85 -21.49
C ALA C 592 -24.23 6.90 -21.69
N ASN C 593 -23.21 6.57 -22.47
CA ASN C 593 -22.06 7.47 -22.67
C ASN C 593 -22.60 8.58 -23.60
N PRO C 594 -22.30 9.85 -23.29
CA PRO C 594 -23.06 10.95 -23.83
C PRO C 594 -22.62 11.52 -25.14
N THR C 595 -21.43 11.17 -25.58
CA THR C 595 -20.82 11.96 -26.63
C THR C 595 -21.64 11.86 -27.97
N LEU C 596 -22.19 10.68 -28.28
CA LEU C 596 -23.01 10.55 -29.54
C LEU C 596 -24.26 11.46 -29.47
N THR C 597 -24.86 11.56 -28.26
CA THR C 597 -26.03 12.40 -28.04
C THR C 597 -25.62 13.90 -28.23
N ALA C 598 -24.46 14.28 -27.71
CA ALA C 598 -23.96 15.65 -27.92
C ALA C 598 -23.66 15.95 -29.37
N MET C 599 -23.04 14.99 -30.06
CA MET C 599 -22.84 15.19 -31.52
C MET C 599 -24.16 15.40 -32.24
N SER C 600 -25.16 14.59 -31.91
CA SER C 600 -26.47 14.68 -32.56
C SER C 600 -27.02 16.08 -32.41
N LEU C 601 -26.99 16.55 -31.21
CA LEU C 601 -27.43 17.92 -30.94
C LEU C 601 -26.60 18.94 -31.72
N ALA C 602 -25.30 18.72 -31.81
CA ALA C 602 -24.46 19.65 -32.60
C ALA C 602 -24.87 19.62 -34.06
N ILE C 603 -25.29 18.46 -34.57
CA ILE C 603 -25.73 18.41 -36.00
C ILE C 603 -26.98 19.28 -36.19
N LYS C 604 -27.92 19.19 -35.25
CA LYS C 604 -29.13 19.95 -35.30
C LYS C 604 -28.81 21.44 -35.25
N SER C 605 -27.89 21.82 -34.38
CA SER C 605 -27.47 23.22 -34.26
C SER C 605 -26.88 23.73 -35.61
N CYS C 606 -26.04 22.93 -36.24
CA CYS C 606 -25.51 23.31 -37.60
C CYS C 606 -26.59 23.51 -38.66
N GLU C 607 -27.64 22.71 -38.60
CA GLU C 607 -28.79 22.88 -39.52
C GLU C 607 -29.36 24.25 -39.37
N TYR C 608 -29.48 24.68 -38.12
CA TYR C 608 -29.92 26.07 -37.84
C TYR C 608 -28.97 27.11 -38.37
N ILE C 609 -27.69 26.90 -38.08
CA ILE C 609 -26.66 27.85 -38.55
C ILE C 609 -26.75 27.90 -40.09
N LYS C 610 -26.89 26.77 -40.74
CA LYS C 610 -26.95 26.79 -42.23
C LYS C 610 -28.19 27.47 -42.81
N GLN C 611 -29.29 27.44 -42.06
CA GLN C 611 -30.52 28.08 -42.44
C GLN C 611 -30.44 29.56 -42.10
N ASN C 612 -29.62 29.98 -41.14
CA ASN C 612 -29.67 31.36 -40.68
C ASN C 612 -28.46 32.25 -40.95
N PHE C 613 -27.36 31.73 -41.46
CA PHE C 613 -26.16 32.53 -41.75
C PHE C 613 -25.67 32.16 -43.14
N THR C 614 -24.97 33.06 -43.81
CA THR C 614 -24.57 32.85 -45.17
C THR C 614 -23.04 32.92 -45.28
N PRO C 615 -22.42 31.95 -45.96
CA PRO C 615 -20.98 32.00 -46.08
C PRO C 615 -20.58 33.27 -46.76
N SER C 616 -19.38 33.75 -46.50
CA SER C 616 -18.82 34.90 -47.25
C SER C 616 -18.37 34.41 -48.59
N PRO C 617 -18.31 35.32 -49.60
CA PRO C 617 -17.77 34.92 -50.89
C PRO C 617 -16.37 34.37 -50.70
N PHE C 618 -16.01 33.39 -51.53
CA PHE C 618 -14.71 32.73 -51.39
C PHE C 618 -13.46 33.61 -51.49
N LYS D 46 16.27 0.86 -53.38
CA LYS D 46 17.75 0.79 -53.17
C LYS D 46 18.31 2.13 -52.73
N TYR D 47 18.96 2.14 -51.55
CA TYR D 47 19.55 3.38 -50.97
C TYR D 47 21.08 3.36 -50.79
N ASP D 48 21.68 4.54 -50.69
CA ASP D 48 23.09 4.60 -50.34
C ASP D 48 23.29 4.08 -48.89
N VAL D 49 22.44 4.53 -47.97
CA VAL D 49 22.57 4.19 -46.55
C VAL D 49 21.17 3.86 -46.01
N VAL D 50 21.04 2.75 -45.27
CA VAL D 50 19.83 2.51 -44.47
C VAL D 50 20.18 2.48 -42.98
N ILE D 51 19.34 3.17 -42.20
CA ILE D 51 19.58 3.40 -40.76
C ILE D 51 18.41 2.78 -40.02
N VAL D 52 18.68 1.87 -39.07
CA VAL D 52 17.62 1.23 -38.28
C VAL D 52 17.53 2.00 -36.98
N GLY D 53 16.42 2.71 -36.78
CA GLY D 53 16.19 3.52 -35.56
C GLY D 53 16.30 5.03 -35.79
N SER D 54 15.38 5.76 -35.16
CA SER D 54 15.26 7.17 -35.32
C SER D 54 15.44 7.89 -33.99
N GLY D 55 16.11 7.23 -33.06
CA GLY D 55 16.68 7.93 -31.93
C GLY D 55 17.68 9.02 -32.28
N PRO D 56 18.27 9.66 -31.25
CA PRO D 56 19.17 10.76 -31.44
C PRO D 56 20.49 10.29 -32.08
N ILE D 57 20.85 9.02 -31.85
CA ILE D 57 22.04 8.42 -32.48
C ILE D 57 21.82 8.05 -33.96
N GLY D 58 20.74 7.31 -34.30
CA GLY D 58 20.42 7.10 -35.73
C GLY D 58 20.27 8.43 -36.45
N CYS D 59 19.75 9.42 -35.73
CA CYS D 59 19.62 10.80 -36.23
C CYS D 59 20.94 11.55 -36.41
N THR D 60 21.97 11.16 -35.67
CA THR D 60 23.32 11.68 -35.91
C THR D 60 23.82 11.15 -37.25
N TYR D 61 23.59 9.88 -37.52
CA TYR D 61 24.07 9.32 -38.81
C TYR D 61 23.33 9.99 -39.93
N ALA D 62 22.02 10.14 -39.73
CA ALA D 62 21.16 10.81 -40.69
C ALA D 62 21.67 12.24 -40.95
N ARG D 63 21.85 13.02 -39.90
CA ARG D 63 22.27 14.41 -40.12
C ARG D 63 23.55 14.50 -40.97
N GLU D 64 24.56 13.76 -40.55
CA GLU D 64 25.87 13.74 -41.19
C GLU D 64 25.74 13.36 -42.67
N LEU D 65 25.12 12.20 -42.89
CA LEU D 65 25.09 11.52 -44.19
C LEU D 65 24.06 12.08 -45.18
N VAL D 66 22.91 12.55 -44.71
CA VAL D 66 22.01 13.31 -45.59
C VAL D 66 22.67 14.60 -45.97
N GLY D 67 23.32 15.19 -44.98
CA GLY D 67 24.07 16.44 -45.16
C GLY D 67 25.15 16.28 -46.21
N ALA D 68 25.96 15.24 -46.11
CA ALA D 68 27.03 15.01 -47.12
C ALA D 68 26.50 14.38 -48.39
N GLY D 69 25.20 14.51 -48.69
CA GLY D 69 24.68 14.19 -50.04
C GLY D 69 24.25 12.76 -50.26
N TYR D 70 24.34 11.90 -49.24
CA TYR D 70 23.96 10.52 -49.47
C TYR D 70 22.45 10.44 -49.58
N LYS D 71 22.00 9.37 -50.24
CA LYS D 71 20.57 9.00 -50.32
C LYS D 71 20.24 8.02 -49.20
N VAL D 72 19.65 8.55 -48.13
CA VAL D 72 19.47 7.77 -46.90
C VAL D 72 18.01 7.33 -46.72
N ALA D 73 17.80 6.06 -46.35
CA ALA D 73 16.52 5.65 -45.76
C ALA D 73 16.75 5.44 -44.27
N MET D 74 15.75 5.82 -43.47
CA MET D 74 15.74 5.49 -42.04
C MET D 74 14.42 4.82 -41.74
N PHE D 75 14.45 3.71 -40.98
CA PHE D 75 13.26 2.92 -40.60
C PHE D 75 13.07 2.88 -39.09
N ASP D 76 11.83 2.95 -38.59
CA ASP D 76 11.58 2.82 -37.16
C ASP D 76 10.41 1.89 -36.93
N ILE D 77 10.57 1.01 -35.96
CA ILE D 77 9.53 0.06 -35.66
C ILE D 77 8.35 0.88 -35.10
N GLY D 78 8.63 2.07 -34.53
CA GLY D 78 7.65 2.92 -33.87
C GLY D 78 7.07 3.94 -34.82
N GLU D 79 6.22 4.81 -34.28
CA GLU D 79 5.46 5.73 -35.11
C GLU D 79 5.61 7.17 -34.74
N ILE D 80 5.17 8.02 -35.63
CA ILE D 80 5.19 9.43 -35.37
C ILE D 80 4.00 9.81 -34.50
N ASP D 81 4.25 10.37 -33.34
CA ASP D 81 3.19 10.75 -32.41
C ASP D 81 3.68 11.83 -31.45
N SER D 82 4.31 12.91 -31.94
CA SER D 82 5.07 13.89 -31.14
C SER D 82 4.82 15.29 -31.67
N GLY D 83 3.66 15.53 -32.25
CA GLY D 83 3.37 16.79 -32.90
C GLY D 83 3.96 16.85 -34.32
N LEU D 84 4.07 18.07 -34.82
CA LEU D 84 4.48 18.29 -36.21
C LEU D 84 5.97 18.18 -36.30
N LYS D 85 6.66 18.40 -35.21
CA LYS D 85 8.12 18.27 -35.25
C LYS D 85 8.39 16.82 -34.97
N ILE D 86 8.72 16.10 -36.06
CA ILE D 86 8.89 14.67 -35.99
C ILE D 86 10.02 14.31 -35.01
N GLY D 87 9.72 13.40 -34.08
CA GLY D 87 10.71 12.97 -33.14
C GLY D 87 11.11 14.04 -32.13
N ALA D 88 10.21 14.99 -31.82
CA ALA D 88 10.54 16.12 -30.97
C ALA D 88 10.32 15.68 -29.50
N HIS D 89 10.82 16.46 -28.57
CA HIS D 89 10.59 16.12 -27.14
C HIS D 89 9.11 16.30 -26.75
N LYS D 90 8.46 15.27 -26.17
CA LYS D 90 7.03 15.37 -25.80
C LYS D 90 6.68 16.33 -24.68
N LYS D 91 7.69 16.73 -23.91
CA LYS D 91 7.58 17.68 -22.82
C LYS D 91 7.46 19.13 -23.27
N ASN D 92 7.64 19.39 -24.57
CA ASN D 92 7.64 20.78 -25.05
C ASN D 92 6.24 21.21 -25.42
N THR D 93 5.26 20.88 -24.58
CA THR D 93 3.95 21.42 -24.77
C THR D 93 3.76 22.42 -23.61
N VAL D 94 2.94 23.44 -23.87
CA VAL D 94 2.62 24.43 -22.80
C VAL D 94 1.97 23.69 -21.64
N GLU D 95 1.14 22.72 -22.01
CA GLU D 95 0.42 21.92 -21.04
C GLU D 95 1.38 21.13 -20.18
N TYR D 96 2.39 20.52 -20.75
CA TYR D 96 3.27 19.74 -19.86
C TYR D 96 4.17 20.60 -19.02
N GLN D 97 4.53 21.79 -19.49
CA GLN D 97 5.45 22.59 -18.68
C GLN D 97 4.70 23.35 -17.61
N LYS D 98 3.38 23.41 -17.74
CA LYS D 98 2.54 23.88 -16.66
C LYS D 98 2.20 22.77 -15.68
N ASN D 99 2.51 21.52 -16.03
CA ASN D 99 2.10 20.34 -15.25
C ASN D 99 3.18 19.26 -15.33
N ILE D 100 4.42 19.60 -15.02
CA ILE D 100 5.53 18.71 -15.24
C ILE D 100 5.37 17.33 -14.59
N ASP D 101 4.66 17.27 -13.47
CA ASP D 101 4.47 15.99 -12.74
C ASP D 101 3.67 15.00 -13.57
N LYS D 102 2.85 15.51 -14.49
CA LYS D 102 2.03 14.67 -15.35
C LYS D 102 2.87 14.01 -16.42
N PHE D 103 4.07 14.52 -16.67
CA PHE D 103 4.92 13.93 -17.74
C PHE D 103 5.48 12.57 -17.35
N VAL D 104 5.65 12.29 -16.05
CA VAL D 104 6.02 10.95 -15.61
C VAL D 104 5.15 9.91 -16.34
N ASN D 105 3.85 10.21 -16.49
CA ASN D 105 2.91 9.25 -17.06
C ASN D 105 3.23 9.05 -18.53
N VAL D 106 3.68 10.10 -19.21
CA VAL D 106 4.03 9.96 -20.62
C VAL D 106 5.23 9.01 -20.70
N ILE D 107 6.22 9.22 -19.82
CA ILE D 107 7.39 8.33 -19.83
C ILE D 107 7.00 6.84 -19.58
N GLN D 108 6.22 6.59 -18.54
CA GLN D 108 5.78 5.22 -18.20
C GLN D 108 4.99 4.59 -19.33
N GLY D 109 4.19 5.41 -20.02
CA GLY D 109 3.42 4.93 -21.15
C GLY D 109 4.24 4.34 -22.29
N GLN D 110 5.47 4.80 -22.48
CA GLN D 110 6.25 4.35 -23.63
C GLN D 110 7.51 3.57 -23.24
N LEU D 111 7.66 3.22 -21.98
CA LEU D 111 8.75 2.36 -21.56
C LEU D 111 8.23 0.93 -21.41
N MET D 112 8.64 0.04 -22.30
CA MET D 112 8.16 -1.35 -22.33
C MET D 112 9.25 -2.26 -21.76
N SER D 113 8.95 -2.99 -20.69
CA SER D 113 9.96 -3.84 -20.03
C SER D 113 10.68 -4.80 -20.95
N VAL D 114 12.01 -4.95 -20.79
CA VAL D 114 12.80 -5.79 -21.69
C VAL D 114 12.61 -7.27 -21.36
N SER D 115 12.79 -7.68 -20.10
CA SER D 115 12.60 -9.07 -19.71
C SER D 115 11.92 -9.05 -18.37
N VAL D 116 10.71 -9.64 -18.34
CA VAL D 116 9.87 -9.78 -17.16
C VAL D 116 9.85 -11.27 -16.81
N PRO D 117 10.44 -11.62 -15.67
CA PRO D 117 10.47 -13.01 -15.32
C PRO D 117 9.05 -13.52 -15.04
N VAL D 118 8.90 -14.83 -14.99
CA VAL D 118 7.61 -15.45 -14.76
C VAL D 118 7.17 -15.09 -13.32
N ASN D 119 5.90 -14.68 -13.19
CA ASN D 119 5.37 -14.20 -11.94
C ASN D 119 5.04 -15.38 -11.00
N THR D 120 5.41 -15.25 -9.74
CA THR D 120 5.15 -16.34 -8.77
C THR D 120 4.44 -15.78 -7.51
N LEU D 121 3.73 -14.69 -7.69
CA LEU D 121 2.91 -14.12 -6.68
C LEU D 121 1.74 -15.06 -6.48
N VAL D 122 1.37 -15.23 -5.22
CA VAL D 122 0.33 -16.17 -4.84
C VAL D 122 -1.00 -15.40 -4.66
N VAL D 123 -1.95 -15.62 -5.55
CA VAL D 123 -3.30 -15.09 -5.39
C VAL D 123 -4.21 -16.27 -4.98
N ASP D 124 -4.48 -16.37 -3.68
CA ASP D 124 -5.25 -17.50 -3.17
C ASP D 124 -6.62 -17.08 -2.64
N THR D 125 -7.06 -15.89 -3.07
CA THR D 125 -8.40 -15.38 -2.75
C THR D 125 -9.35 -15.25 -3.94
N LEU D 126 -9.11 -16.05 -4.96
CA LEU D 126 -10.01 -16.09 -6.12
C LEU D 126 -11.25 -16.82 -5.60
N SER D 127 -12.40 -16.53 -6.14
CA SER D 127 -13.59 -17.36 -5.90
C SER D 127 -13.36 -18.78 -6.22
N PRO D 128 -14.01 -19.71 -5.47
CA PRO D 128 -13.82 -21.12 -5.92
C PRO D 128 -14.29 -21.41 -7.37
N THR D 129 -15.18 -20.59 -7.89
CA THR D 129 -15.73 -20.81 -9.24
C THR D 129 -14.78 -20.26 -10.35
N SER D 130 -13.84 -19.43 -10.01
CA SER D 130 -12.96 -18.83 -11.01
C SER D 130 -11.91 -19.83 -11.45
N TRP D 131 -11.53 -19.77 -12.72
CA TRP D 131 -10.38 -20.59 -13.19
C TRP D 131 -9.11 -20.25 -12.48
N GLN D 132 -8.46 -21.27 -11.96
CA GLN D 132 -7.30 -21.06 -11.06
C GLN D 132 -6.12 -21.85 -11.55
N ALA D 133 -4.95 -21.22 -11.57
CA ALA D 133 -3.70 -21.88 -12.02
C ALA D 133 -3.29 -23.04 -11.11
N SER D 134 -2.73 -24.07 -11.74
CA SER D 134 -2.00 -25.13 -11.01
C SER D 134 -0.50 -24.89 -10.91
N THR D 135 0.01 -23.98 -11.75
CA THR D 135 1.44 -23.72 -11.82
C THR D 135 1.62 -22.24 -12.14
N PHE D 136 2.81 -21.73 -11.92
CA PHE D 136 3.14 -20.40 -12.32
C PHE D 136 3.57 -20.48 -13.81
N PHE D 137 2.60 -20.68 -14.68
CA PHE D 137 2.88 -20.92 -16.12
C PHE D 137 3.24 -19.58 -16.76
N VAL D 138 3.64 -19.58 -18.03
CA VAL D 138 4.08 -18.34 -18.73
C VAL D 138 2.88 -17.52 -19.09
N ARG D 139 2.74 -16.34 -18.48
CA ARG D 139 1.55 -15.50 -18.65
C ARG D 139 1.95 -14.14 -19.13
N ASN D 140 1.04 -13.45 -19.81
CA ASN D 140 1.12 -12.01 -20.04
C ASN D 140 2.50 -11.59 -20.59
N GLY D 141 3.07 -12.37 -21.50
CA GLY D 141 4.37 -11.96 -22.09
C GLY D 141 5.62 -12.14 -21.24
N SER D 142 5.56 -12.95 -20.18
CA SER D 142 6.70 -13.10 -19.29
C SER D 142 7.73 -14.00 -19.98
N ASN D 143 8.95 -13.91 -19.53
CA ASN D 143 10.11 -14.59 -20.10
C ASN D 143 10.61 -15.73 -19.21
N PRO D 144 10.27 -16.94 -19.57
CA PRO D 144 10.64 -18.04 -18.68
C PRO D 144 12.12 -18.37 -18.70
N GLU D 145 12.91 -17.73 -19.57
CA GLU D 145 14.35 -17.88 -19.54
C GLU D 145 14.96 -17.06 -18.40
N GLN D 146 14.25 -16.03 -17.91
CA GLN D 146 14.88 -15.02 -17.05
C GLN D 146 14.95 -15.48 -15.61
N ASP D 147 16.15 -15.53 -15.05
CA ASP D 147 16.32 -15.69 -13.64
C ASP D 147 16.02 -14.30 -13.04
N PRO D 148 14.95 -14.23 -12.22
CA PRO D 148 14.52 -12.93 -11.69
C PRO D 148 15.59 -12.29 -10.82
N LEU D 149 16.52 -13.11 -10.33
CA LEU D 149 17.56 -12.60 -9.41
C LEU D 149 18.82 -12.19 -10.15
N ARG D 150 18.86 -12.37 -11.45
CA ARG D 150 20.03 -11.95 -12.21
C ARG D 150 19.58 -11.14 -13.39
N ASN D 151 18.66 -10.19 -13.11
CA ASN D 151 17.99 -9.40 -14.13
C ASN D 151 18.37 -7.92 -14.08
N LEU D 152 17.99 -7.21 -15.14
CA LEU D 152 17.82 -5.77 -15.12
C LEU D 152 16.31 -5.51 -15.29
N SER D 153 15.57 -5.72 -14.20
CA SER D 153 14.13 -5.67 -14.24
C SER D 153 13.63 -4.30 -14.67
N GLY D 154 14.41 -3.26 -14.41
CA GLY D 154 13.99 -1.91 -14.78
C GLY D 154 14.31 -1.54 -16.21
N GLN D 155 15.12 -2.35 -16.91
CA GLN D 155 15.42 -2.05 -18.29
C GLN D 155 14.14 -2.06 -19.09
N ALA D 156 14.05 -1.10 -20.01
CA ALA D 156 12.87 -0.91 -20.83
C ALA D 156 13.27 -0.26 -22.11
N VAL D 157 12.44 -0.47 -23.12
CA VAL D 157 12.66 0.17 -24.39
C VAL D 157 11.46 0.95 -24.84
N THR D 158 11.78 1.91 -25.72
CA THR D 158 10.80 2.84 -26.29
C THR D 158 10.75 2.65 -27.79
N ARG D 159 9.55 2.36 -28.32
CA ARG D 159 9.38 2.20 -29.75
C ARG D 159 8.48 3.30 -30.29
N VAL D 160 9.11 4.46 -30.50
CA VAL D 160 8.43 5.64 -31.07
C VAL D 160 9.44 6.40 -31.90
N VAL D 161 8.98 7.13 -32.93
CA VAL D 161 9.92 7.95 -33.73
C VAL D 161 10.60 8.96 -32.77
N GLY D 162 11.94 8.95 -32.75
CA GLY D 162 12.75 9.79 -31.84
C GLY D 162 13.23 8.99 -30.62
N GLY D 163 12.72 7.77 -30.51
CA GLY D 163 13.18 6.81 -29.54
C GLY D 163 13.04 7.42 -28.17
N MET D 164 13.96 7.10 -27.28
CA MET D 164 13.90 7.66 -25.91
C MET D 164 14.06 9.17 -25.83
N SER D 165 14.54 9.84 -26.90
CA SER D 165 14.75 11.28 -26.83
C SER D 165 13.46 12.11 -26.87
N THR D 166 12.34 11.42 -27.00
CA THR D 166 11.06 12.03 -26.96
C THR D 166 10.67 12.27 -25.47
N ALA D 167 11.40 11.60 -24.56
CA ALA D 167 11.06 11.66 -23.12
C ALA D 167 12.23 12.01 -22.23
N TRP D 168 13.46 11.94 -22.73
CA TRP D 168 14.63 11.99 -21.86
C TRP D 168 14.79 13.29 -21.07
N THR D 169 15.70 13.31 -20.10
CA THR D 169 15.89 14.50 -19.29
C THR D 169 17.08 15.34 -19.78
N CYS D 170 17.63 15.01 -20.96
CA CYS D 170 18.56 15.91 -21.63
C CYS D 170 19.94 16.21 -20.95
N ALA D 171 20.33 15.39 -20.00
CA ALA D 171 21.61 15.61 -19.37
C ALA D 171 22.69 15.11 -20.29
N THR D 172 23.57 16.01 -20.75
CA THR D 172 24.66 15.63 -21.65
C THR D 172 26.04 16.03 -21.14
N PRO D 173 26.55 15.34 -20.11
CA PRO D 173 27.91 15.64 -19.75
C PRO D 173 28.90 14.85 -20.59
N ARG D 174 30.14 15.34 -20.60
CA ARG D 174 31.26 14.64 -21.16
C ARG D 174 31.83 13.69 -20.17
N PHE D 175 32.35 12.57 -20.64
CA PHE D 175 33.17 11.73 -19.76
C PHE D 175 34.63 12.27 -19.65
N ASP D 176 35.19 12.33 -18.44
CA ASP D 176 36.66 12.46 -18.24
C ASP D 176 37.33 11.17 -18.72
N ARG D 177 38.66 11.19 -18.71
CA ARG D 177 39.49 10.10 -19.20
C ARG D 177 39.16 8.80 -18.51
N GLU D 178 39.01 8.85 -17.19
CA GLU D 178 38.81 7.64 -16.43
C GLU D 178 37.54 6.88 -16.86
N GLN D 179 36.57 7.55 -17.46
CA GLN D 179 35.31 6.86 -17.79
C GLN D 179 35.24 6.52 -19.28
N ARG D 180 36.26 6.89 -20.05
CA ARG D 180 36.06 7.04 -21.50
C ARG D 180 36.94 6.08 -22.25
N PRO D 181 36.43 5.44 -23.34
CA PRO D 181 37.29 4.53 -24.12
C PRO D 181 38.40 5.27 -24.87
N LEU D 182 39.51 4.59 -25.17
CA LEU D 182 40.56 5.20 -25.99
C LEU D 182 40.08 5.19 -27.43
N LEU D 183 40.25 6.35 -28.08
CA LEU D 183 40.20 6.48 -29.54
C LEU D 183 41.61 6.69 -30.16
N VAL D 184 42.63 7.00 -29.33
CA VAL D 184 44.03 7.03 -29.82
C VAL D 184 44.98 6.30 -28.85
N LYS D 185 45.63 5.26 -29.39
CA LYS D 185 46.61 4.45 -28.64
C LYS D 185 47.82 5.26 -28.22
N ASP D 186 48.20 5.13 -26.96
CA ASP D 186 49.49 5.64 -26.49
C ASP D 186 49.79 7.05 -26.96
N ASP D 187 48.84 7.94 -26.74
CA ASP D 187 49.03 9.38 -26.96
C ASP D 187 47.86 10.14 -26.32
N ALA D 188 48.02 10.42 -25.03
CA ALA D 188 46.97 11.04 -24.22
C ALA D 188 46.46 12.35 -24.81
N ASP D 189 47.36 13.27 -25.11
CA ASP D 189 47.02 14.54 -25.75
C ASP D 189 46.26 14.39 -27.07
N ALA D 190 46.61 13.41 -27.92
CA ALA D 190 45.85 13.20 -29.20
C ALA D 190 44.45 12.62 -28.93
N ASP D 191 44.39 11.63 -28.04
CA ASP D 191 43.12 11.06 -27.55
C ASP D 191 42.18 12.19 -27.11
N ASP D 192 42.71 13.09 -26.28
CA ASP D 192 41.95 14.21 -25.72
C ASP D 192 41.49 15.23 -26.76
N ALA D 193 42.35 15.54 -27.71
CA ALA D 193 41.99 16.48 -28.75
C ALA D 193 40.87 15.95 -29.59
N GLU D 194 40.95 14.66 -29.92
CA GLU D 194 39.93 13.99 -30.72
C GLU D 194 38.56 13.96 -29.98
N TRP D 195 38.60 13.61 -28.71
CA TRP D 195 37.38 13.60 -27.89
C TRP D 195 36.78 14.97 -27.77
N ASP D 196 37.65 15.97 -27.55
CA ASP D 196 37.19 17.36 -27.45
C ASP D 196 36.52 17.77 -28.76
N ARG D 197 37.14 17.38 -29.86
CA ARG D 197 36.61 17.69 -31.18
C ARG D 197 35.21 17.07 -31.38
N LEU D 198 35.06 15.79 -31.04
CA LEU D 198 33.81 15.09 -31.29
C LEU D 198 32.75 15.59 -30.31
N TYR D 199 33.16 15.80 -29.06
CA TYR D 199 32.21 16.26 -28.04
C TYR D 199 31.71 17.69 -28.36
N THR D 200 32.60 18.57 -28.79
CA THR D 200 32.17 19.95 -29.14
C THR D 200 31.09 19.91 -30.21
N LYS D 201 31.28 19.02 -31.19
CA LYS D 201 30.32 18.83 -32.26
C LYS D 201 29.02 18.19 -31.72
N ALA D 202 29.17 17.12 -30.96
CA ALA D 202 27.98 16.46 -30.39
C ALA D 202 27.14 17.53 -29.65
N GLU D 203 27.81 18.43 -28.94
CA GLU D 203 27.12 19.44 -28.16
C GLU D 203 26.39 20.46 -29.00
N SER D 204 26.96 20.85 -30.14
CA SER D 204 26.21 21.71 -31.05
C SER D 204 24.99 20.94 -31.59
N TYR D 205 25.14 19.67 -31.94
CA TYR D 205 24.03 18.90 -32.46
C TYR D 205 22.86 18.86 -31.47
N PHE D 206 23.18 18.57 -30.21
CA PHE D 206 22.16 18.51 -29.14
C PHE D 206 21.77 19.88 -28.59
N GLN D 207 22.51 20.92 -28.97
CA GLN D 207 22.38 22.27 -28.37
C GLN D 207 22.54 22.26 -26.84
N THR D 208 23.52 21.51 -26.35
CA THR D 208 23.92 21.45 -24.95
C THR D 208 24.33 22.86 -24.45
N GLY D 209 23.84 23.31 -23.30
CA GLY D 209 24.29 24.58 -22.69
C GLY D 209 24.36 24.38 -21.17
N THR D 210 24.97 25.31 -20.46
CA THR D 210 25.09 25.25 -19.03
C THR D 210 24.57 26.55 -18.40
N ASP D 211 23.73 27.27 -19.14
CA ASP D 211 23.23 28.56 -18.68
C ASP D 211 21.70 28.70 -18.63
N GLN D 212 20.97 27.66 -18.99
CA GLN D 212 19.53 27.80 -19.05
C GLN D 212 18.83 27.98 -17.66
N PHE D 213 19.54 27.69 -16.57
CA PHE D 213 18.96 27.81 -15.23
C PHE D 213 19.65 28.84 -14.36
N LYS D 214 20.48 29.65 -15.00
CA LYS D 214 21.31 30.58 -14.27
C LYS D 214 20.48 31.53 -13.43
N GLU D 215 19.26 31.84 -13.82
CA GLU D 215 18.41 32.69 -12.99
C GLU D 215 17.30 31.95 -12.21
N SER D 216 17.53 30.68 -11.85
CA SER D 216 16.62 29.97 -10.93
C SER D 216 17.06 30.27 -9.51
N ILE D 217 16.13 30.74 -8.67
CA ILE D 217 16.44 30.94 -7.27
C ILE D 217 16.81 29.62 -6.63
N ARG D 218 16.01 28.58 -6.86
CA ARG D 218 16.29 27.27 -6.27
C ARG D 218 17.62 26.67 -6.76
N HIS D 219 17.90 26.82 -8.05
CA HIS D 219 19.15 26.33 -8.58
C HIS D 219 20.30 26.91 -7.84
N ASN D 220 20.30 28.25 -7.75
CA ASN D 220 21.39 28.93 -7.14
C ASN D 220 21.43 28.72 -5.65
N LEU D 221 20.26 28.62 -5.02
CA LEU D 221 20.22 28.35 -3.59
C LEU D 221 21.01 27.08 -3.30
N VAL D 222 20.75 26.03 -4.06
CA VAL D 222 21.39 24.73 -3.83
C VAL D 222 22.86 24.80 -4.29
N LEU D 223 23.12 25.33 -5.48
CA LEU D 223 24.49 25.40 -6.04
C LEU D 223 25.44 26.10 -5.06
N ASN D 224 25.05 27.29 -4.61
CA ASN D 224 25.87 28.10 -3.69
C ASN D 224 26.12 27.37 -2.38
N LYS D 225 25.10 26.69 -1.88
CA LYS D 225 25.30 25.98 -0.61
C LYS D 225 26.30 24.85 -0.81
N LEU D 226 26.11 24.05 -1.86
CA LEU D 226 27.02 22.95 -2.08
C LEU D 226 28.43 23.45 -2.42
N THR D 227 28.52 24.51 -3.23
CA THR D 227 29.81 25.14 -3.51
C THR D 227 30.54 25.46 -2.20
N GLU D 228 29.88 26.21 -1.33
CA GLU D 228 30.46 26.60 -0.05
C GLU D 228 30.81 25.37 0.78
N GLU D 229 29.87 24.43 0.90
CA GLU D 229 30.07 23.27 1.77
C GLU D 229 31.28 22.45 1.37
N TYR D 230 31.53 22.35 0.07
CA TYR D 230 32.62 21.52 -0.46
C TYR D 230 33.80 22.35 -0.99
N LYS D 231 33.95 23.55 -0.45
CA LYS D 231 34.93 24.50 -0.98
C LYS D 231 36.32 23.88 -0.85
N GLY D 232 37.06 23.85 -1.94
CA GLY D 232 38.37 23.25 -1.95
C GLY D 232 38.35 21.74 -2.08
N GLN D 233 37.17 21.12 -2.18
CA GLN D 233 37.11 19.67 -2.28
C GLN D 233 36.39 19.20 -3.52
N ARG D 234 35.23 19.80 -3.85
CA ARG D 234 34.54 19.42 -5.07
C ARG D 234 33.95 20.64 -5.72
N ASP D 235 33.90 20.61 -7.07
CA ASP D 235 33.26 21.65 -7.85
C ASP D 235 31.84 21.27 -8.25
N PHE D 236 30.95 22.26 -8.12
CA PHE D 236 29.59 22.11 -8.59
C PHE D 236 29.32 23.05 -9.77
N GLN D 237 28.45 22.65 -10.65
CA GLN D 237 28.03 23.51 -11.73
C GLN D 237 26.65 23.08 -12.16
N GLN D 238 26.11 23.80 -13.15
CA GLN D 238 24.87 23.33 -13.78
C GLN D 238 25.10 22.08 -14.56
N ILE D 239 24.08 21.22 -14.54
CA ILE D 239 24.07 20.03 -15.32
C ILE D 239 24.13 20.52 -16.77
N PRO D 240 25.06 19.99 -17.59
CA PRO D 240 24.95 20.40 -18.99
C PRO D 240 23.71 19.76 -19.60
N LEU D 241 22.88 20.58 -20.22
CA LEU D 241 21.54 20.19 -20.66
C LEU D 241 21.36 20.50 -22.12
N ALA D 242 20.78 19.53 -22.85
CA ALA D 242 20.49 19.65 -24.31
C ALA D 242 19.09 20.30 -24.33
N ALA D 243 19.08 21.64 -24.38
CA ALA D 243 17.88 22.48 -24.12
C ALA D 243 18.20 23.91 -24.46
N THR D 244 17.18 24.61 -24.97
CA THR D 244 17.21 26.07 -25.13
C THR D 244 15.99 26.70 -24.44
N ARG D 245 16.26 27.61 -23.50
CA ARG D 245 15.20 28.35 -22.84
C ARG D 245 14.54 29.27 -23.83
N ARG D 246 13.22 29.21 -23.98
CA ARG D 246 12.51 30.21 -24.79
C ARG D 246 11.96 31.37 -23.96
N SER D 247 11.65 31.12 -22.70
CA SER D 247 11.03 32.16 -21.87
C SER D 247 11.32 31.82 -20.41
N PRO D 248 11.00 32.74 -19.49
CA PRO D 248 11.11 32.39 -18.09
C PRO D 248 10.36 31.12 -17.69
N THR D 249 9.42 30.64 -18.51
CA THR D 249 8.64 29.47 -18.07
C THR D 249 8.57 28.35 -19.09
N PHE D 250 9.35 28.47 -20.16
CA PHE D 250 9.39 27.43 -21.19
C PHE D 250 10.81 27.12 -21.67
N VAL D 251 11.14 25.84 -21.60
CA VAL D 251 12.42 25.30 -22.05
C VAL D 251 12.18 24.33 -23.18
N GLU D 252 12.66 24.68 -24.37
CA GLU D 252 12.56 23.76 -25.47
C GLU D 252 13.60 22.68 -25.28
N TRP D 253 13.20 21.55 -24.69
CA TRP D 253 14.12 20.44 -24.50
C TRP D 253 14.49 19.90 -25.85
N SER D 254 15.73 19.46 -25.97
CA SER D 254 16.23 18.89 -27.23
C SER D 254 15.88 17.41 -27.33
N SER D 255 16.03 16.90 -28.54
CA SER D 255 15.55 15.57 -28.87
C SER D 255 16.21 15.12 -30.18
N ALA D 256 15.79 13.96 -30.64
CA ALA D 256 16.21 13.51 -31.96
C ALA D 256 15.98 14.61 -33.02
N ASN D 257 14.86 15.32 -32.87
CA ASN D 257 14.41 16.29 -33.86
C ASN D 257 15.36 17.49 -33.97
N THR D 258 15.91 17.92 -32.82
CA THR D 258 16.96 18.92 -32.76
C THR D 258 18.20 18.51 -33.53
N VAL D 259 18.57 17.24 -33.47
CA VAL D 259 19.77 16.73 -34.19
C VAL D 259 19.52 16.66 -35.68
N PHE D 260 18.35 16.12 -36.03
CA PHE D 260 17.88 16.04 -37.44
C PHE D 260 16.34 16.07 -37.51
N ASP D 261 15.73 16.88 -38.39
CA ASP D 261 14.30 17.13 -38.25
C ASP D 261 13.40 16.01 -38.78
N LEU D 262 14.01 14.98 -39.36
CA LEU D 262 13.27 13.77 -39.80
C LEU D 262 12.22 13.97 -40.93
N GLN D 263 12.26 15.16 -41.55
CA GLN D 263 11.41 15.46 -42.72
C GLN D 263 11.88 14.80 -44.00
N ASN D 264 10.95 14.29 -44.80
CA ASN D 264 11.34 13.63 -46.03
C ASN D 264 12.05 14.65 -46.90
N ARG D 265 13.17 14.24 -47.47
CA ARG D 265 13.89 15.09 -48.41
C ARG D 265 14.06 14.37 -49.73
N PRO D 266 14.16 15.12 -50.85
CA PRO D 266 14.29 16.57 -50.96
C PRO D 266 13.02 17.32 -50.59
N ASN D 267 13.24 18.53 -50.09
CA ASN D 267 12.15 19.45 -49.75
C ASN D 267 12.65 20.88 -49.96
N THR D 268 11.74 21.84 -49.90
CA THR D 268 12.07 23.23 -50.20
C THR D 268 13.36 23.67 -49.53
N ASP D 269 13.52 23.34 -48.25
CA ASP D 269 14.66 23.83 -47.45
C ASP D 269 15.93 23.03 -47.68
N ALA D 270 15.80 21.85 -48.27
CA ALA D 270 16.93 21.00 -48.59
C ALA D 270 16.60 20.32 -49.92
N PRO D 271 16.67 21.10 -51.02
CA PRO D 271 16.33 20.55 -52.35
C PRO D 271 17.24 19.42 -52.90
N GLU D 272 18.49 19.36 -52.44
CA GLU D 272 19.48 18.47 -53.05
C GLU D 272 19.81 17.35 -52.07
N GLU D 273 19.00 17.22 -51.03
CA GLU D 273 19.17 16.17 -50.05
C GLU D 273 18.12 15.09 -50.28
N ARG D 274 18.45 13.86 -49.94
CA ARG D 274 17.52 12.75 -50.10
C ARG D 274 17.43 11.93 -48.82
N PHE D 275 16.21 11.76 -48.33
CA PHE D 275 15.99 11.12 -47.05
C PHE D 275 14.55 10.70 -46.91
N ASN D 276 14.33 9.41 -46.66
CA ASN D 276 13.01 8.88 -46.34
C ASN D 276 12.96 8.20 -44.93
N LEU D 277 11.96 8.58 -44.17
CA LEU D 277 11.69 7.98 -42.86
C LEU D 277 10.55 7.01 -43.07
N PHE D 278 10.69 5.78 -42.61
CA PHE D 278 9.62 4.79 -42.73
C PHE D 278 9.22 4.30 -41.34
N PRO D 279 8.21 4.97 -40.73
CA PRO D 279 7.86 4.48 -39.40
C PRO D 279 7.05 3.18 -39.51
N ALA D 280 6.78 2.56 -38.37
CA ALA D 280 6.02 1.32 -38.35
C ALA D 280 6.66 0.20 -39.21
N VAL D 281 7.99 0.16 -39.28
CA VAL D 281 8.73 -0.92 -40.01
C VAL D 281 9.65 -1.61 -39.02
N ALA D 282 9.29 -2.84 -38.60
CA ALA D 282 10.17 -3.72 -37.78
C ALA D 282 11.30 -4.29 -38.67
N CYS D 283 12.55 -3.88 -38.38
CA CYS D 283 13.74 -4.42 -39.08
C CYS D 283 14.17 -5.70 -38.35
N GLU D 284 14.44 -6.77 -39.11
CA GLU D 284 14.58 -8.12 -38.55
C GLU D 284 15.93 -8.84 -38.65
N ARG D 285 16.61 -8.68 -39.80
CA ARG D 285 17.90 -9.35 -40.09
C ARG D 285 18.70 -8.47 -41.04
N VAL D 286 20.02 -8.47 -40.89
CA VAL D 286 20.93 -8.06 -41.97
C VAL D 286 21.48 -9.37 -42.54
N VAL D 287 21.48 -9.52 -43.85
CA VAL D 287 21.90 -10.77 -44.47
C VAL D 287 23.40 -10.65 -44.76
N ARG D 288 24.19 -11.58 -44.23
CA ARG D 288 25.63 -11.61 -44.47
C ARG D 288 25.84 -12.30 -45.82
N ASN D 289 26.89 -11.92 -46.54
CA ASN D 289 27.36 -12.70 -47.67
C ASN D 289 27.91 -14.07 -47.24
N ALA D 290 28.14 -14.89 -48.27
CA ALA D 290 28.88 -16.16 -48.18
C ALA D 290 30.24 -16.05 -47.44
N LEU D 291 31.04 -15.02 -47.78
CA LEU D 291 32.32 -14.76 -47.07
C LEU D 291 32.27 -14.16 -45.63
N ASN D 292 31.10 -13.67 -45.20
CA ASN D 292 31.01 -12.88 -43.94
C ASN D 292 32.00 -11.72 -43.99
N SER D 293 32.02 -11.03 -45.13
CA SER D 293 32.85 -9.85 -45.35
C SER D 293 32.04 -8.64 -45.77
N GLU D 294 30.69 -8.84 -45.84
CA GLU D 294 29.76 -7.76 -46.19
C GLU D 294 28.28 -8.12 -45.95
N ILE D 295 27.44 -7.09 -45.74
CA ILE D 295 25.98 -7.25 -45.63
C ILE D 295 25.31 -6.98 -46.98
N GLU D 296 24.35 -7.85 -47.33
CA GLU D 296 23.79 -7.89 -48.71
C GLU D 296 22.42 -7.24 -48.79
N SER D 297 21.69 -7.30 -47.67
CA SER D 297 20.41 -6.61 -47.59
C SER D 297 19.98 -6.46 -46.11
N LEU D 298 18.88 -5.73 -45.93
CA LEU D 298 18.18 -5.55 -44.65
C LEU D 298 16.75 -6.10 -44.83
N HIS D 299 16.39 -7.13 -44.04
CA HIS D 299 15.04 -7.71 -44.06
C HIS D 299 14.15 -7.01 -43.08
N ILE D 300 13.07 -6.42 -43.61
CA ILE D 300 12.18 -5.55 -42.82
C ILE D 300 10.76 -6.15 -42.86
N HIS D 301 9.94 -5.77 -41.88
CA HIS D 301 8.53 -6.16 -41.81
C HIS D 301 7.73 -4.90 -41.66
N ASP D 302 7.01 -4.53 -42.72
CA ASP D 302 6.16 -3.33 -42.71
C ASP D 302 4.91 -3.62 -41.86
N LEU D 303 4.79 -2.95 -40.72
CA LEU D 303 3.75 -3.33 -39.79
C LEU D 303 2.34 -2.95 -40.24
N ILE D 304 2.16 -1.88 -41.01
CA ILE D 304 0.80 -1.48 -41.44
C ILE D 304 0.19 -2.48 -42.46
N SER D 305 0.88 -2.71 -43.58
CA SER D 305 0.49 -3.73 -44.59
C SER D 305 0.74 -5.18 -44.17
N GLY D 306 1.73 -5.40 -43.30
CA GLY D 306 2.09 -6.73 -42.86
C GLY D 306 3.12 -7.42 -43.74
N ASP D 307 3.53 -6.77 -44.81
CA ASP D 307 4.44 -7.36 -45.80
C ASP D 307 5.89 -7.24 -45.35
N ARG D 308 6.70 -8.16 -45.90
CA ARG D 308 8.12 -8.21 -45.66
C ARG D 308 8.89 -7.90 -46.94
N PHE D 309 10.02 -7.25 -46.79
CA PHE D 309 10.83 -6.82 -47.95
C PHE D 309 12.29 -7.01 -47.63
N GLU D 310 13.07 -7.20 -48.69
CA GLU D 310 14.52 -7.13 -48.65
C GLU D 310 14.93 -5.73 -49.11
N ILE D 311 15.54 -4.93 -48.26
CA ILE D 311 16.01 -3.62 -48.70
C ILE D 311 17.49 -3.67 -48.90
N LYS D 312 17.92 -3.02 -49.97
CA LYS D 312 19.29 -3.03 -50.42
C LYS D 312 19.97 -1.66 -50.18
N ALA D 313 21.21 -1.70 -49.70
CA ALA D 313 21.95 -0.46 -49.44
C ALA D 313 23.44 -0.72 -49.54
N ASP D 314 24.23 0.33 -49.77
CA ASP D 314 25.69 0.24 -49.70
C ASP D 314 26.15 0.14 -48.23
N VAL D 315 25.51 0.95 -47.38
CA VAL D 315 25.88 1.08 -45.96
C VAL D 315 24.68 0.75 -45.08
N TYR D 316 24.93 -0.04 -44.05
CA TYR D 316 23.92 -0.42 -43.09
C TYR D 316 24.36 0.06 -41.69
N VAL D 317 23.57 0.97 -41.10
CA VAL D 317 23.80 1.49 -39.75
C VAL D 317 22.73 0.95 -38.80
N LEU D 318 23.11 0.36 -37.68
CA LEU D 318 22.13 -0.14 -36.73
C LEU D 318 22.19 0.74 -35.50
N THR D 319 21.17 1.60 -35.36
CA THR D 319 20.98 2.45 -34.16
C THR D 319 19.60 2.20 -33.48
N ALA D 320 19.39 0.95 -33.08
CA ALA D 320 18.08 0.48 -32.58
C ALA D 320 18.08 0.48 -31.04
N GLY D 321 19.17 0.99 -30.44
CA GLY D 321 19.38 0.99 -29.00
C GLY D 321 20.23 -0.18 -28.53
N ALA D 322 20.70 -0.10 -27.29
CA ALA D 322 21.68 -1.08 -26.84
C ALA D 322 21.08 -2.48 -26.84
N VAL D 323 19.77 -2.62 -26.60
CA VAL D 323 19.16 -3.95 -26.60
C VAL D 323 18.81 -4.46 -28.01
N HIS D 324 18.15 -3.63 -28.82
CA HIS D 324 17.60 -4.13 -30.06
C HIS D 324 18.59 -4.16 -31.16
N ASN D 325 19.66 -3.38 -31.06
CA ASN D 325 20.85 -3.62 -31.96
C ASN D 325 21.35 -5.04 -31.78
N THR D 326 21.54 -5.42 -30.52
CA THR D 326 22.08 -6.73 -30.20
C THR D 326 21.11 -7.83 -30.69
N GLN D 327 19.82 -7.66 -30.41
CA GLN D 327 18.83 -8.59 -30.87
C GLN D 327 18.96 -8.82 -32.41
N LEU D 328 19.01 -7.70 -33.14
CA LEU D 328 18.95 -7.76 -34.60
C LEU D 328 20.18 -8.51 -35.11
N LEU D 329 21.32 -8.19 -34.56
CA LEU D 329 22.52 -8.89 -34.95
C LEU D 329 22.43 -10.37 -34.55
N VAL D 330 21.94 -10.65 -33.33
CA VAL D 330 21.85 -12.04 -32.92
C VAL D 330 20.91 -12.73 -33.92
N ASN D 331 19.87 -12.01 -34.36
CA ASN D 331 18.92 -12.57 -35.31
C ASN D 331 19.48 -12.70 -36.73
N SER D 332 20.67 -12.15 -36.95
CA SER D 332 21.29 -12.14 -38.25
C SER D 332 22.48 -13.12 -38.26
N GLY D 333 22.67 -13.86 -37.15
CA GLY D 333 23.74 -14.84 -37.04
C GLY D 333 25.11 -14.35 -36.57
N PHE D 334 25.16 -13.19 -35.95
CA PHE D 334 26.30 -12.79 -35.16
C PHE D 334 26.08 -13.26 -33.71
N GLY D 335 27.19 -13.44 -33.02
CA GLY D 335 27.19 -13.96 -31.69
C GLY D 335 26.54 -15.32 -31.68
N GLN D 336 25.78 -15.58 -30.62
CA GLN D 336 25.25 -16.90 -30.33
C GLN D 336 23.81 -16.72 -29.86
N LEU D 337 22.92 -17.49 -30.47
CA LEU D 337 21.53 -17.48 -30.16
C LEU D 337 21.30 -18.45 -29.03
N GLY D 338 20.35 -18.14 -28.17
CA GLY D 338 20.01 -19.06 -27.12
C GLY D 338 20.88 -18.84 -25.91
N ARG D 339 20.68 -19.73 -24.93
CA ARG D 339 21.33 -19.66 -23.65
C ARG D 339 22.81 -19.85 -23.96
N PRO D 340 23.65 -18.93 -23.48
CA PRO D 340 24.99 -18.96 -24.02
C PRO D 340 25.68 -20.26 -23.66
N ASN D 341 26.40 -20.81 -24.62
CA ASN D 341 27.05 -22.10 -24.50
C ASN D 341 28.48 -21.91 -25.00
N PRO D 342 29.45 -21.99 -24.09
CA PRO D 342 30.84 -21.90 -24.51
C PRO D 342 31.31 -23.18 -25.23
N ALA D 343 30.58 -24.29 -25.04
CA ALA D 343 30.79 -25.53 -25.80
C ALA D 343 30.62 -25.35 -27.30
N ASN D 344 29.98 -24.25 -27.73
CA ASN D 344 29.97 -23.86 -29.14
C ASN D 344 30.39 -22.41 -29.27
N PRO D 345 31.71 -22.16 -29.42
CA PRO D 345 32.06 -20.76 -29.56
C PRO D 345 31.33 -20.13 -30.75
N PRO D 346 30.89 -18.88 -30.63
CA PRO D 346 30.24 -18.20 -31.75
C PRO D 346 31.14 -18.02 -32.99
N GLU D 347 30.50 -18.11 -34.16
CA GLU D 347 31.21 -17.99 -35.43
C GLU D 347 31.68 -16.54 -35.67
N LEU D 348 30.83 -15.57 -35.38
CA LEU D 348 31.18 -14.16 -35.53
C LEU D 348 30.89 -13.41 -34.23
N LEU D 349 31.59 -12.28 -34.04
CA LEU D 349 31.46 -11.42 -32.85
C LEU D 349 31.21 -12.21 -31.58
N PRO D 350 32.25 -12.88 -31.08
CA PRO D 350 32.11 -13.71 -29.88
C PRO D 350 31.80 -12.91 -28.60
N SER D 351 32.04 -11.61 -28.65
CA SER D 351 31.91 -10.72 -27.47
C SER D 351 30.52 -10.07 -27.39
N LEU D 352 29.73 -10.21 -28.45
CA LEU D 352 28.46 -9.56 -28.61
C LEU D 352 27.54 -10.00 -27.48
N GLY D 353 26.91 -9.05 -26.81
CA GLY D 353 26.02 -9.43 -25.73
C GLY D 353 26.78 -9.73 -24.46
N SER D 354 28.11 -9.64 -24.50
CA SER D 354 28.91 -9.82 -23.27
C SER D 354 29.50 -8.50 -22.76
N TYR D 355 29.94 -8.47 -21.51
CA TYR D 355 30.59 -7.28 -20.93
C TYR D 355 29.63 -6.12 -20.76
N ILE D 356 28.35 -6.43 -20.59
CA ILE D 356 27.34 -5.41 -20.53
C ILE D 356 27.46 -4.70 -19.21
N THR D 357 27.25 -3.39 -19.24
CA THR D 357 27.34 -2.56 -18.06
C THR D 357 25.99 -1.81 -17.86
N GLU D 358 25.54 -1.76 -16.62
CA GLU D 358 24.46 -0.83 -16.31
C GLU D 358 24.85 -0.22 -14.96
N GLN D 359 24.47 1.04 -14.78
CA GLN D 359 24.91 1.81 -13.67
C GLN D 359 24.07 1.53 -12.47
N SER D 360 24.70 1.45 -11.31
CA SER D 360 23.96 1.57 -10.07
C SER D 360 23.32 2.99 -9.97
N LEU D 361 22.10 3.07 -9.42
CA LEU D 361 21.48 4.33 -9.20
C LEU D 361 20.88 4.38 -7.80
N VAL D 362 21.27 5.39 -7.06
CA VAL D 362 20.61 5.74 -5.80
C VAL D 362 19.81 7.03 -6.01
N PHE D 363 18.69 7.12 -5.27
CA PHE D 363 17.75 8.21 -5.37
C PHE D 363 17.13 8.52 -4.01
N CYS D 364 16.96 9.79 -3.75
CA CYS D 364 16.10 10.26 -2.65
C CYS D 364 15.62 11.64 -3.04
N GLN D 365 14.65 12.16 -2.27
CA GLN D 365 14.30 13.56 -2.41
C GLN D 365 14.47 14.18 -1.04
N THR D 366 14.73 15.47 -1.05
CA THR D 366 14.82 16.19 0.22
C THR D 366 13.84 17.35 0.27
N VAL D 367 13.55 17.75 1.51
CA VAL D 367 12.71 18.91 1.79
C VAL D 367 13.61 19.98 2.35
N MET D 368 13.60 21.11 1.67
CA MET D 368 14.59 22.18 1.89
C MET D 368 14.63 22.58 3.39
N SER D 369 15.85 22.77 3.94
CA SER D 369 16.03 23.21 5.32
C SER D 369 15.40 24.55 5.58
N THR D 370 15.00 24.72 6.83
CA THR D 370 14.47 25.97 7.28
C THR D 370 15.47 27.03 7.07
N GLU D 371 16.74 26.73 7.39
CA GLU D 371 17.84 27.68 7.24
C GLU D 371 17.90 28.19 5.79
N LEU D 372 17.95 27.26 4.83
CA LEU D 372 18.04 27.64 3.41
C LEU D 372 16.85 28.46 2.99
N ILE D 373 15.66 27.97 3.30
CA ILE D 373 14.46 28.76 3.00
C ILE D 373 14.52 30.16 3.54
N ASP D 374 14.84 30.33 4.82
CA ASP D 374 15.00 31.69 5.37
C ASP D 374 16.11 32.52 4.66
N SER D 375 17.13 31.85 4.13
CA SER D 375 18.20 32.62 3.45
C SER D 375 17.68 33.25 2.15
N VAL D 376 16.59 32.71 1.63
CA VAL D 376 16.09 33.17 0.36
C VAL D 376 15.72 34.64 0.50
N LYS D 377 15.29 35.02 1.71
CA LYS D 377 14.81 36.34 1.92
C LYS D 377 15.72 37.13 2.86
N SER D 378 16.99 36.74 2.90
CA SER D 378 17.93 37.32 3.89
C SER D 378 18.05 38.81 3.71
N ASP D 379 17.85 39.27 2.47
CA ASP D 379 18.08 40.68 2.07
C ASP D 379 16.85 41.57 2.24
N MET D 380 15.71 40.96 2.58
CA MET D 380 14.45 41.70 2.57
C MET D 380 14.21 42.38 3.90
N THR D 381 13.62 43.57 3.89
CA THR D 381 13.02 44.12 5.11
C THR D 381 11.52 44.02 5.00
N ILE D 382 10.89 43.48 6.01
CA ILE D 382 9.49 43.17 5.97
C ILE D 382 8.80 44.07 6.97
N ARG D 383 7.84 44.83 6.46
CA ARG D 383 7.20 45.90 7.21
C ARG D 383 5.77 45.36 7.30
N GLY D 384 5.23 45.29 8.49
CA GLY D 384 3.85 44.90 8.63
C GLY D 384 3.69 43.41 8.55
N THR D 385 2.43 43.00 8.44
CA THR D 385 2.09 41.62 8.48
C THR D 385 1.27 41.32 7.21
N PRO D 386 1.53 40.16 6.60
CA PRO D 386 0.88 39.81 5.36
C PRO D 386 -0.58 40.18 5.35
N GLY D 387 -1.02 40.68 4.19
CA GLY D 387 -2.43 40.94 3.94
C GLY D 387 -2.83 42.29 4.46
N GLU D 388 -1.95 42.93 5.26
CA GLU D 388 -2.24 44.30 5.75
C GLU D 388 -1.93 45.32 4.66
N LEU D 389 -2.67 46.42 4.71
CA LEU D 389 -2.53 47.60 3.86
C LEU D 389 -1.08 47.99 3.78
N THR D 390 -0.46 47.94 4.94
CA THR D 390 0.88 48.43 5.08
C THR D 390 1.91 47.31 4.97
N TYR D 391 1.52 46.08 4.65
CA TYR D 391 2.55 45.06 4.38
C TYR D 391 3.44 45.51 3.29
N SER D 392 4.74 45.40 3.50
CA SER D 392 5.70 45.85 2.55
C SER D 392 6.97 45.08 2.71
N VAL D 393 7.44 44.58 1.57
CA VAL D 393 8.67 43.82 1.53
C VAL D 393 9.54 44.66 0.64
N THR D 394 10.75 44.96 1.10
CA THR D 394 11.68 45.79 0.33
C THR D 394 13.08 45.24 0.48
N TYR D 395 13.94 45.57 -0.48
CA TYR D 395 15.39 45.41 -0.33
C TYR D 395 16.07 46.63 -0.93
N THR D 396 17.38 46.72 -0.76
CA THR D 396 18.21 47.83 -1.36
C THR D 396 19.00 47.21 -2.51
N PRO D 397 18.63 47.53 -3.75
CA PRO D 397 19.46 47.02 -4.86
C PRO D 397 20.89 47.52 -4.74
N GLY D 398 21.86 46.74 -5.22
CA GLY D 398 23.25 47.14 -5.20
C GLY D 398 23.98 46.91 -3.87
N ALA D 399 23.24 46.87 -2.75
CA ALA D 399 23.84 47.00 -1.41
C ALA D 399 24.84 45.87 -1.13
N SER D 400 26.08 46.25 -0.81
CA SER D 400 27.18 45.29 -0.74
C SER D 400 27.02 44.30 0.41
N THR D 401 26.13 44.59 1.37
CA THR D 401 25.80 43.61 2.40
C THR D 401 24.66 42.68 1.97
N ASN D 402 24.12 42.85 0.76
CA ASN D 402 23.19 41.85 0.25
C ASN D 402 23.92 40.54 -0.03
N LYS D 403 23.29 39.44 0.37
CA LYS D 403 23.80 38.09 0.05
C LYS D 403 23.42 37.61 -1.31
N HIS D 404 22.40 38.20 -1.92
CA HIS D 404 21.94 37.68 -3.19
C HIS D 404 21.93 38.75 -4.22
N PRO D 405 21.99 38.37 -5.49
CA PRO D 405 21.92 39.42 -6.50
C PRO D 405 20.58 40.16 -6.62
N ASP D 406 20.65 41.33 -7.23
CA ASP D 406 19.44 42.10 -7.58
C ASP D 406 18.27 41.32 -8.22
N TRP D 407 18.56 40.43 -9.16
CA TRP D 407 17.48 39.77 -9.91
C TRP D 407 16.74 38.81 -8.99
N TRP D 408 17.48 38.26 -8.07
CA TRP D 408 16.93 37.31 -7.11
C TRP D 408 16.05 38.04 -6.13
N ASN D 409 16.56 39.13 -5.57
CA ASN D 409 15.79 39.91 -4.67
C ASN D 409 14.52 40.47 -5.28
N GLU D 410 14.59 40.87 -6.54
CA GLU D 410 13.40 41.42 -7.19
C GLU D 410 12.29 40.36 -7.17
N LYS D 411 12.66 39.16 -7.54
CA LYS D 411 11.66 38.10 -7.68
C LYS D 411 11.08 37.70 -6.32
N VAL D 412 11.95 37.68 -5.32
CA VAL D 412 11.50 37.34 -3.95
C VAL D 412 10.49 38.40 -3.53
N LYS D 413 10.85 39.66 -3.76
CA LYS D 413 10.01 40.79 -3.38
C LYS D 413 8.66 40.70 -4.03
N ASN D 414 8.69 40.49 -5.34
CA ASN D 414 7.47 40.48 -6.09
C ASN D 414 6.57 39.35 -5.64
N HIS D 415 7.15 38.18 -5.49
CA HIS D 415 6.41 37.01 -5.00
C HIS D 415 5.79 37.23 -3.64
N MET D 416 6.59 37.68 -2.69
CA MET D 416 6.06 38.01 -1.36
C MET D 416 4.99 39.11 -1.35
N MET D 417 5.10 40.09 -2.25
CA MET D 417 4.14 41.18 -2.27
C MET D 417 2.85 40.77 -2.99
N GLN D 418 2.99 39.96 -4.03
CA GLN D 418 1.85 39.54 -4.84
C GLN D 418 1.08 38.37 -4.26
N HIS D 419 1.70 37.60 -3.36
CA HIS D 419 1.09 36.40 -2.78
C HIS D 419 1.31 36.40 -1.30
N GLN D 420 0.58 37.27 -0.61
CA GLN D 420 0.86 37.52 0.80
C GLN D 420 0.26 36.42 1.68
N GLU D 421 -0.49 35.52 1.08
CA GLU D 421 -1.06 34.37 1.77
C GLU D 421 -0.11 33.14 1.69
N ASP D 422 0.96 33.28 0.92
CA ASP D 422 1.89 32.20 0.71
C ASP D 422 3.01 32.31 1.69
N PRO D 423 3.30 31.21 2.39
CA PRO D 423 4.32 31.30 3.43
C PRO D 423 5.79 31.15 2.95
N LEU D 424 6.04 30.94 1.66
CA LEU D 424 7.39 30.65 1.20
C LEU D 424 7.85 31.85 0.38
N PRO D 425 9.18 32.07 0.29
CA PRO D 425 9.73 33.21 -0.45
C PRO D 425 10.12 32.92 -1.87
N ILE D 426 10.02 31.66 -2.28
CA ILE D 426 10.30 31.19 -3.65
C ILE D 426 9.11 31.43 -4.56
N PRO D 427 9.31 32.13 -5.67
CA PRO D 427 8.31 32.34 -6.67
C PRO D 427 7.73 31.06 -7.21
N PHE D 428 6.44 31.10 -7.49
CA PHE D 428 5.73 29.97 -8.02
C PHE D 428 6.29 29.51 -9.35
N GLU D 429 6.72 30.41 -10.21
CA GLU D 429 7.24 29.87 -11.49
C GLU D 429 8.77 29.67 -11.45
N ASP D 430 9.39 29.61 -10.29
CA ASP D 430 10.85 29.53 -10.27
C ASP D 430 11.29 28.23 -10.93
N PRO D 431 12.22 28.32 -11.90
CA PRO D 431 12.63 27.02 -12.49
C PRO D 431 13.41 26.17 -11.50
N GLU D 432 13.50 24.90 -11.86
CA GLU D 432 14.02 23.94 -10.93
C GLU D 432 15.58 23.99 -10.91
N PRO D 433 16.16 23.48 -9.82
CA PRO D 433 17.56 23.30 -9.68
C PRO D 433 18.07 22.26 -10.68
N GLN D 434 19.30 22.46 -11.12
CA GLN D 434 19.89 21.58 -12.11
C GLN D 434 21.38 21.48 -11.79
N VAL D 435 21.70 20.94 -10.63
CA VAL D 435 23.06 20.97 -10.14
C VAL D 435 23.71 19.61 -10.28
N THR D 436 25.00 19.64 -10.55
CA THR D 436 25.90 18.50 -10.56
C THR D 436 27.27 18.84 -9.99
N THR D 437 27.87 17.87 -9.28
CA THR D 437 29.31 17.73 -9.19
C THR D 437 29.64 16.46 -10.01
N LEU D 438 30.39 16.67 -11.09
CA LEU D 438 30.77 15.58 -11.97
C LEU D 438 31.73 14.53 -11.32
N PHE D 439 31.67 13.33 -11.88
CA PHE D 439 32.59 12.23 -11.60
C PHE D 439 34.06 12.63 -11.39
N GLN D 440 34.65 12.25 -10.25
CA GLN D 440 36.08 12.41 -10.00
C GLN D 440 36.60 11.16 -9.26
N PRO D 441 37.94 10.94 -9.30
CA PRO D 441 38.56 9.81 -8.60
C PRO D 441 38.14 9.74 -7.16
N SER D 442 38.01 10.88 -6.50
CA SER D 442 37.66 10.84 -5.09
C SER D 442 36.14 10.73 -4.88
N HIS D 443 35.35 10.70 -5.96
CA HIS D 443 33.86 10.51 -5.85
C HIS D 443 33.44 10.07 -7.23
N PRO D 444 33.74 8.78 -7.54
CA PRO D 444 33.57 8.12 -8.84
C PRO D 444 32.10 7.70 -9.11
N TRP D 445 31.27 8.72 -9.08
CA TRP D 445 29.90 8.62 -9.52
C TRP D 445 29.48 9.91 -10.13
N HIS D 446 28.47 9.85 -10.99
CA HIS D 446 27.83 11.07 -11.46
C HIS D 446 26.81 11.48 -10.44
N THR D 447 26.64 12.77 -10.29
CA THR D 447 25.60 13.27 -9.45
C THR D 447 24.68 14.27 -10.19
N GLN D 448 23.38 14.15 -9.88
CA GLN D 448 22.40 15.19 -10.23
C GLN D 448 21.59 15.58 -9.00
N ILE D 449 21.41 16.89 -8.85
CA ILE D 449 20.64 17.47 -7.71
C ILE D 449 19.74 18.47 -8.36
N HIS D 450 18.49 18.06 -8.58
CA HIS D 450 17.69 18.65 -9.60
C HIS D 450 16.25 18.29 -9.35
N ARG D 451 15.39 18.64 -10.30
CA ARG D 451 14.06 18.09 -10.38
C ARG D 451 13.84 17.71 -11.83
N ASP D 452 13.38 16.52 -12.09
CA ASP D 452 12.95 16.26 -13.42
C ASP D 452 11.95 15.08 -13.37
N ALA D 453 11.44 14.76 -14.53
CA ALA D 453 10.38 13.83 -14.68
C ALA D 453 11.03 12.53 -15.20
N PHE D 454 10.91 11.47 -14.41
CA PHE D 454 11.38 10.14 -14.82
C PHE D 454 10.23 9.18 -14.57
N SER D 455 10.46 7.88 -14.77
CA SER D 455 9.37 6.93 -14.66
C SER D 455 8.97 6.60 -13.22
N TYR D 456 9.75 7.06 -12.26
CA TYR D 456 9.48 6.83 -10.85
C TYR D 456 9.33 8.16 -10.16
N GLY D 457 9.64 8.22 -8.90
CA GLY D 457 9.39 9.46 -8.23
C GLY D 457 7.91 9.70 -8.36
N ALA D 458 7.14 8.71 -7.88
CA ALA D 458 5.71 8.85 -7.80
C ALA D 458 5.62 10.11 -7.01
N VAL D 459 4.60 10.91 -7.31
CA VAL D 459 4.55 12.26 -6.77
C VAL D 459 3.47 12.52 -5.74
N GLN D 460 3.73 13.50 -4.91
CA GLN D 460 2.98 13.71 -3.71
C GLN D 460 2.55 15.15 -3.66
N GLN D 461 1.53 15.43 -2.88
CA GLN D 461 0.94 16.75 -2.86
C GLN D 461 0.94 17.42 -1.49
N SER D 462 1.33 16.72 -0.44
CA SER D 462 1.26 17.34 0.87
C SER D 462 2.48 18.26 1.15
N ILE D 463 3.65 18.02 0.51
CA ILE D 463 4.80 18.92 0.73
C ILE D 463 4.90 19.88 -0.48
N ASP D 464 5.09 21.16 -0.22
CA ASP D 464 5.09 22.12 -1.31
C ASP D 464 6.18 21.77 -2.30
N SER D 465 5.88 21.70 -3.59
CA SER D 465 6.93 21.27 -4.55
C SER D 465 8.18 22.14 -4.54
N ARG D 466 8.04 23.40 -4.15
CA ARG D 466 9.20 24.33 -4.18
C ARG D 466 10.24 23.88 -3.20
N LEU D 467 9.82 23.04 -2.26
CA LEU D 467 10.74 22.65 -1.20
C LEU D 467 11.56 21.42 -1.60
N ILE D 468 11.12 20.72 -2.65
CA ILE D 468 11.65 19.39 -2.99
C ILE D 468 12.77 19.38 -3.99
N VAL D 469 13.82 18.65 -3.66
CA VAL D 469 14.98 18.45 -4.52
C VAL D 469 15.20 17.00 -4.65
N ASP D 470 15.44 16.57 -5.91
CA ASP D 470 15.82 15.17 -6.23
C ASP D 470 17.34 15.00 -6.18
N TRP D 471 17.76 13.86 -5.66
CA TRP D 471 19.16 13.41 -5.62
C TRP D 471 19.24 12.13 -6.36
N ARG D 472 19.98 12.15 -7.47
CA ARG D 472 20.30 10.96 -8.21
C ARG D 472 21.80 10.84 -8.35
N PHE D 473 22.38 9.73 -7.84
CA PHE D 473 23.81 9.47 -7.97
C PHE D 473 23.86 8.17 -8.77
N PHE D 474 24.79 8.15 -9.72
CA PHE D 474 24.93 7.11 -10.77
C PHE D 474 26.33 6.52 -10.69
N GLY D 475 26.37 5.22 -10.44
CA GLY D 475 27.61 4.48 -10.34
C GLY D 475 28.13 3.98 -11.69
N ARG D 476 29.43 3.77 -11.76
CA ARG D 476 30.08 3.05 -12.89
C ARG D 476 30.20 1.55 -12.57
N THR D 477 29.98 0.75 -13.61
CA THR D 477 30.01 -0.71 -13.48
C THR D 477 31.12 -1.34 -14.33
N GLU D 478 32.03 -2.08 -13.66
CA GLU D 478 33.18 -2.78 -14.34
C GLU D 478 32.60 -3.69 -15.41
N PRO D 479 33.01 -3.55 -16.68
CA PRO D 479 32.54 -4.56 -17.63
C PRO D 479 33.12 -5.97 -17.33
N LYS D 480 32.27 -6.98 -17.26
CA LYS D 480 32.67 -8.35 -16.93
C LYS D 480 32.06 -9.31 -17.96
N GLU D 481 32.87 -10.27 -18.41
CA GLU D 481 32.40 -11.23 -19.41
C GLU D 481 31.08 -11.90 -19.06
N GLU D 482 30.88 -12.19 -17.78
CA GLU D 482 29.81 -13.07 -17.38
C GLU D 482 28.49 -12.31 -17.37
N ASN D 483 28.56 -10.98 -17.42
CA ASN D 483 27.35 -10.12 -17.51
C ASN D 483 26.88 -10.00 -18.93
N LYS D 484 25.69 -10.53 -19.19
CA LYS D 484 25.27 -10.76 -20.55
C LYS D 484 23.83 -10.36 -20.78
N LEU D 485 23.61 -9.95 -22.03
CA LEU D 485 22.35 -9.89 -22.68
C LEU D 485 22.39 -10.96 -23.75
N TRP D 486 21.50 -11.95 -23.62
CA TRP D 486 21.33 -12.94 -24.70
C TRP D 486 19.89 -13.12 -25.10
N PHE D 487 19.65 -13.89 -26.14
CA PHE D 487 18.32 -14.00 -26.74
C PHE D 487 17.87 -15.46 -26.87
N SER D 488 16.64 -15.73 -26.43
CA SER D 488 16.13 -17.08 -26.39
C SER D 488 16.09 -17.63 -27.80
N ASP D 489 16.40 -18.92 -27.97
CA ASP D 489 16.14 -19.58 -29.24
C ASP D 489 14.71 -20.07 -29.35
N LYS D 490 13.88 -19.84 -28.34
CA LYS D 490 12.52 -20.42 -28.35
C LYS D 490 11.45 -19.37 -28.08
N ILE D 491 11.70 -18.52 -27.10
CA ILE D 491 10.74 -17.49 -26.71
C ILE D 491 10.96 -16.27 -27.60
N THR D 492 9.87 -15.65 -28.03
CA THR D 492 9.94 -14.45 -28.86
C THR D 492 9.07 -13.33 -28.22
N ASP D 493 9.42 -12.07 -28.54
CA ASP D 493 8.82 -10.92 -27.93
C ASP D 493 7.57 -10.56 -28.73
N ALA D 494 7.01 -9.38 -28.46
CA ALA D 494 5.76 -8.97 -29.09
C ALA D 494 5.94 -8.74 -30.59
N TYR D 495 7.16 -8.63 -31.07
CA TYR D 495 7.37 -8.50 -32.52
C TYR D 495 7.96 -9.78 -33.15
N ASN D 496 7.81 -10.92 -32.47
CA ASN D 496 8.25 -12.22 -33.00
C ASN D 496 9.73 -12.25 -33.28
N MET D 497 10.46 -11.56 -32.42
CA MET D 497 11.90 -11.56 -32.46
C MET D 497 12.41 -12.23 -31.19
N PRO D 498 13.63 -12.75 -31.23
CA PRO D 498 14.06 -13.57 -30.09
C PRO D 498 13.99 -12.84 -28.73
N GLN D 499 13.41 -13.47 -27.72
CA GLN D 499 13.26 -12.79 -26.43
C GLN D 499 14.59 -12.43 -25.77
N PRO D 500 14.80 -11.11 -25.51
CA PRO D 500 15.95 -10.71 -24.70
C PRO D 500 15.89 -11.25 -23.29
N THR D 501 17.05 -11.68 -22.77
CA THR D 501 17.19 -12.20 -21.42
C THR D 501 18.47 -11.61 -20.89
N PHE D 502 18.47 -11.24 -19.62
CA PHE D 502 19.64 -10.71 -18.96
C PHE D 502 20.19 -11.77 -18.00
N ASP D 503 21.51 -11.79 -17.89
CA ASP D 503 22.24 -12.50 -16.83
C ASP D 503 23.26 -11.49 -16.23
N PHE D 504 22.82 -10.78 -15.19
CA PHE D 504 23.53 -9.63 -14.72
C PHE D 504 23.55 -9.57 -13.17
N ARG D 505 24.72 -9.36 -12.58
CA ARG D 505 24.82 -8.89 -11.20
C ARG D 505 25.80 -7.74 -11.23
N PHE D 506 25.70 -6.83 -10.29
CA PHE D 506 26.72 -5.80 -10.18
C PHE D 506 28.00 -6.50 -9.68
N PRO D 507 29.13 -6.29 -10.37
CA PRO D 507 30.27 -7.08 -9.96
C PRO D 507 30.73 -6.78 -8.55
N ALA D 508 31.23 -7.82 -7.89
CA ALA D 508 31.81 -7.63 -6.59
C ALA D 508 33.09 -6.83 -6.83
N GLY D 509 33.65 -6.35 -5.76
CA GLY D 509 34.89 -5.62 -5.86
C GLY D 509 34.47 -4.19 -6.03
N ARG D 510 35.10 -3.49 -6.96
CA ARG D 510 35.06 -2.02 -7.01
C ARG D 510 33.68 -1.51 -7.24
N THR D 511 32.99 -2.08 -8.23
CA THR D 511 31.64 -1.64 -8.52
C THR D 511 30.76 -1.58 -7.25
N SER D 512 30.83 -2.63 -6.46
CA SER D 512 29.94 -2.80 -5.33
C SER D 512 30.36 -1.92 -4.21
N LYS D 513 31.66 -1.84 -3.95
CA LYS D 513 32.15 -0.95 -2.90
C LYS D 513 31.75 0.50 -3.23
N GLU D 514 31.98 0.86 -4.48
CA GLU D 514 31.70 2.21 -4.97
C GLU D 514 30.20 2.46 -4.89
N ALA D 515 29.37 1.47 -5.24
CA ALA D 515 27.90 1.64 -5.16
C ALA D 515 27.47 2.02 -3.75
N GLU D 516 27.98 1.30 -2.77
CA GLU D 516 27.56 1.55 -1.40
C GLU D 516 28.14 2.86 -0.91
N ASP D 517 29.41 3.12 -1.19
CA ASP D 517 29.98 4.44 -0.89
C ASP D 517 29.19 5.63 -1.47
N MET D 518 28.69 5.40 -2.68
CA MET D 518 27.89 6.37 -3.35
C MET D 518 26.60 6.69 -2.58
N MET D 519 25.96 5.62 -2.05
CA MET D 519 24.79 5.74 -1.29
C MET D 519 25.08 6.66 -0.09
N THR D 520 26.17 6.37 0.59
CA THR D 520 26.57 7.11 1.80
C THR D 520 26.84 8.59 1.45
N ASP D 521 27.57 8.78 0.35
CA ASP D 521 27.80 10.15 -0.17
C ASP D 521 26.48 10.90 -0.42
N MET D 522 25.47 10.25 -0.99
CA MET D 522 24.21 10.88 -1.19
C MET D 522 23.57 11.28 0.17
N CYS D 523 23.58 10.37 1.14
CA CYS D 523 23.04 10.67 2.46
C CYS D 523 23.74 11.85 3.12
N VAL D 524 25.07 11.87 3.03
CA VAL D 524 25.86 12.96 3.64
C VAL D 524 25.62 14.26 2.91
N MET D 525 25.58 14.23 1.57
CA MET D 525 25.54 15.51 0.85
C MET D 525 24.15 16.09 0.96
N SER D 526 23.11 15.23 0.87
CA SER D 526 21.77 15.71 0.75
C SER D 526 21.39 16.43 2.03
N ALA D 527 21.94 15.95 3.14
CA ALA D 527 21.64 16.47 4.47
C ALA D 527 22.03 17.94 4.63
N LYS D 528 22.97 18.40 3.83
CA LYS D 528 23.36 19.82 3.84
C LYS D 528 22.28 20.71 3.27
N ILE D 529 21.42 20.12 2.43
CA ILE D 529 20.31 20.83 1.85
C ILE D 529 18.98 20.68 2.67
N GLY D 530 18.71 19.47 3.10
CA GLY D 530 17.41 19.24 3.75
C GLY D 530 17.34 17.80 4.20
N GLY D 531 16.37 17.46 5.09
CA GLY D 531 16.11 16.05 5.39
C GLY D 531 15.40 15.39 4.23
N PHE D 532 15.41 14.08 4.23
CA PHE D 532 14.70 13.27 3.23
C PHE D 532 13.20 13.55 3.31
N LEU D 533 12.56 13.48 2.17
CA LEU D 533 11.15 13.53 2.03
C LEU D 533 10.61 12.13 2.35
N PRO D 534 9.70 12.04 3.34
CA PRO D 534 9.02 10.71 3.57
C PRO D 534 8.42 10.19 2.28
N GLY D 535 8.62 8.91 1.99
CA GLY D 535 8.13 8.34 0.75
C GLY D 535 9.15 8.43 -0.38
N SER D 536 10.23 9.20 -0.17
CA SER D 536 11.39 9.19 -1.07
C SER D 536 12.73 9.07 -0.35
N LEU D 537 12.82 8.02 0.44
CA LEU D 537 13.95 7.88 1.29
C LEU D 537 15.07 7.26 0.41
N PRO D 538 16.32 7.29 0.89
CA PRO D 538 17.45 6.87 0.06
C PRO D 538 17.37 5.42 -0.29
N GLN D 539 17.52 5.11 -1.58
CA GLN D 539 17.37 3.79 -1.99
C GLN D 539 18.11 3.53 -3.30
N PHE D 540 18.47 2.27 -3.50
CA PHE D 540 18.92 1.77 -4.83
C PHE D 540 17.68 1.55 -5.64
N MET D 541 17.72 2.04 -6.88
CA MET D 541 16.62 1.84 -7.78
C MET D 541 16.73 0.48 -8.48
N GLU D 542 15.61 -0.02 -8.95
CA GLU D 542 15.55 -1.29 -9.67
C GLU D 542 16.60 -1.32 -10.75
N PRO D 543 17.39 -2.39 -10.81
CA PRO D 543 18.45 -2.45 -11.79
C PRO D 543 17.96 -2.19 -13.20
N GLY D 544 18.58 -1.22 -13.86
CA GLY D 544 18.21 -0.84 -15.24
C GLY D 544 17.19 0.22 -15.45
N LEU D 545 16.50 0.60 -14.36
CA LEU D 545 15.55 1.68 -14.47
C LEU D 545 16.23 2.97 -14.94
N VAL D 546 17.51 3.08 -14.63
CA VAL D 546 18.34 4.19 -14.98
C VAL D 546 18.52 4.26 -16.53
N LEU D 547 18.36 3.13 -17.22
CA LEU D 547 18.40 3.10 -18.71
C LEU D 547 19.73 3.74 -19.27
N HIS D 548 20.85 3.31 -18.72
CA HIS D 548 22.18 3.76 -19.18
C HIS D 548 23.00 2.58 -19.60
N LEU D 549 22.30 1.55 -20.06
CA LEU D 549 22.93 0.29 -20.52
C LEU D 549 23.96 0.54 -21.58
N GLY D 550 25.11 -0.08 -21.41
CA GLY D 550 26.22 0.02 -22.35
C GLY D 550 26.94 -1.30 -22.62
N GLY D 551 27.82 -1.29 -23.64
CA GLY D 551 28.75 -2.42 -23.84
C GLY D 551 28.16 -3.68 -24.44
N THR D 552 26.95 -3.61 -24.96
CA THR D 552 26.29 -4.80 -25.50
C THR D 552 26.85 -5.18 -26.88
N HIS D 553 27.52 -4.23 -27.53
CA HIS D 553 28.14 -4.47 -28.81
C HIS D 553 29.38 -3.56 -28.88
N ARG D 554 30.31 -3.84 -27.97
CA ARG D 554 31.23 -2.83 -27.47
C ARG D 554 32.34 -2.50 -28.45
N MET D 555 32.83 -1.27 -28.36
CA MET D 555 33.97 -0.84 -29.18
C MET D 555 35.31 -1.25 -28.59
N GLY D 556 36.28 -1.58 -29.47
CA GLY D 556 37.74 -1.53 -29.15
C GLY D 556 38.64 -1.47 -30.38
N PHE D 557 39.94 -1.30 -30.17
CA PHE D 557 40.92 -1.35 -31.29
C PHE D 557 41.00 -2.72 -31.97
N ASP D 558 41.04 -3.77 -31.13
CA ASP D 558 41.26 -5.13 -31.61
C ASP D 558 40.21 -6.10 -31.07
N GLU D 559 39.58 -6.84 -31.97
CA GLU D 559 38.44 -7.68 -31.65
C GLU D 559 38.74 -8.68 -30.52
N LYS D 560 39.85 -9.40 -30.68
CA LYS D 560 40.21 -10.44 -29.71
C LYS D 560 40.78 -9.87 -28.42
N GLU D 561 41.76 -8.97 -28.55
CA GLU D 561 42.51 -8.51 -27.36
C GLU D 561 41.64 -7.68 -26.43
N ASP D 562 40.75 -6.90 -27.05
CA ASP D 562 39.86 -5.98 -26.32
C ASP D 562 38.45 -6.55 -26.12
N ASN D 563 38.23 -7.81 -26.52
CA ASN D 563 36.93 -8.50 -26.41
C ASN D 563 35.77 -7.63 -26.90
N CYS D 564 35.72 -7.44 -28.21
CA CYS D 564 34.85 -6.44 -28.75
C CYS D 564 34.32 -6.73 -30.13
N CYS D 565 33.35 -5.91 -30.52
CA CYS D 565 32.45 -6.08 -31.64
C CYS D 565 32.58 -5.01 -32.76
N VAL D 566 32.90 -3.77 -32.39
CA VAL D 566 33.10 -2.72 -33.41
C VAL D 566 34.44 -2.09 -33.14
N ASN D 567 35.05 -1.56 -34.20
CA ASN D 567 36.30 -0.80 -34.08
C ASN D 567 36.01 0.69 -33.78
N THR D 568 37.01 1.56 -33.86
CA THR D 568 36.86 2.95 -33.45
C THR D 568 36.10 3.84 -34.47
N ASP D 569 35.83 3.27 -35.65
CA ASP D 569 34.87 3.81 -36.61
C ASP D 569 33.50 3.16 -36.43
N SER D 570 33.34 2.41 -35.35
CA SER D 570 32.06 1.73 -35.09
C SER D 570 31.69 0.72 -36.20
N ARG D 571 32.69 0.25 -36.98
CA ARG D 571 32.43 -0.72 -38.04
C ARG D 571 32.55 -2.09 -37.42
N VAL D 572 31.62 -2.99 -37.74
CA VAL D 572 31.70 -4.38 -37.24
C VAL D 572 32.87 -5.17 -37.87
N PHE D 573 33.70 -5.75 -37.01
CA PHE D 573 34.87 -6.45 -37.46
C PHE D 573 34.55 -7.50 -38.55
N GLY D 574 35.39 -7.52 -39.59
CA GLY D 574 35.17 -8.42 -40.73
C GLY D 574 34.15 -7.94 -41.74
N PHE D 575 33.39 -6.88 -41.45
CA PHE D 575 32.40 -6.44 -42.44
C PHE D 575 32.67 -5.03 -42.89
N LYS D 576 32.84 -4.86 -44.19
CA LYS D 576 33.13 -3.57 -44.80
C LYS D 576 32.03 -2.51 -44.59
N ASN D 577 30.78 -2.93 -44.56
CA ASN D 577 29.66 -2.00 -44.73
C ASN D 577 28.58 -2.06 -43.66
N LEU D 578 28.90 -2.59 -42.47
CA LEU D 578 27.95 -2.65 -41.31
C LEU D 578 28.49 -1.84 -40.16
N PHE D 579 27.70 -0.87 -39.65
CA PHE D 579 28.14 0.00 -38.56
C PHE D 579 27.13 0.03 -37.44
N LEU D 580 27.62 0.00 -36.19
CA LEU D 580 26.76 0.08 -35.02
C LEU D 580 26.88 1.44 -34.31
N GLY D 581 25.71 2.01 -33.95
CA GLY D 581 25.65 3.28 -33.23
C GLY D 581 24.86 3.14 -31.93
N GLY D 582 25.36 3.76 -30.86
CA GLY D 582 24.63 3.80 -29.56
C GLY D 582 25.48 3.47 -28.36
N CYS D 583 24.85 3.51 -27.17
CA CYS D 583 25.57 3.27 -25.95
C CYS D 583 26.04 1.82 -25.87
N GLY D 584 25.45 0.94 -26.65
CA GLY D 584 26.00 -0.40 -26.81
C GLY D 584 27.51 -0.42 -27.12
N ASN D 585 27.98 0.55 -27.89
CA ASN D 585 29.40 0.70 -28.21
C ASN D 585 30.28 0.96 -27.01
N ILE D 586 29.75 1.68 -26.01
CA ILE D 586 30.61 2.14 -24.96
C ILE D 586 31.19 0.97 -24.16
N PRO D 587 32.52 0.86 -24.12
CA PRO D 587 33.10 -0.34 -23.55
C PRO D 587 33.56 -0.23 -22.10
N THR D 588 33.48 0.97 -21.55
CA THR D 588 34.13 1.28 -20.29
C THR D 588 33.11 1.31 -19.15
N ALA D 589 33.58 1.35 -17.92
CA ALA D 589 32.79 1.64 -16.70
C ALA D 589 32.53 3.17 -16.59
N TYR D 590 31.29 3.62 -16.79
CA TYR D 590 31.01 5.08 -16.75
C TYR D 590 29.83 5.35 -15.88
N GLY D 591 29.87 6.50 -15.23
CA GLY D 591 28.81 6.93 -14.34
C GLY D 591 27.92 8.00 -14.89
N ALA D 592 28.48 8.86 -15.75
CA ALA D 592 27.77 9.97 -16.38
C ALA D 592 26.80 9.51 -17.47
N ASN D 593 25.90 10.38 -17.90
CA ASN D 593 24.82 10.01 -18.78
C ASN D 593 25.44 9.77 -20.16
N PRO D 594 25.14 8.61 -20.78
CA PRO D 594 26.06 8.20 -21.88
C PRO D 594 25.78 8.72 -23.27
N THR D 595 24.65 9.36 -23.48
CA THR D 595 24.18 9.60 -24.85
C THR D 595 25.11 10.58 -25.64
N LEU D 596 25.67 11.57 -24.97
CA LEU D 596 26.51 12.53 -25.68
C LEU D 596 27.81 11.83 -26.19
N THR D 597 28.36 10.95 -25.33
CA THR D 597 29.48 10.12 -25.70
C THR D 597 29.12 9.17 -26.89
N ALA D 598 27.96 8.53 -26.84
CA ALA D 598 27.53 7.61 -27.92
C ALA D 598 27.46 8.30 -29.27
N MET D 599 26.97 9.53 -29.18
CA MET D 599 26.82 10.42 -30.33
C MET D 599 28.19 10.92 -30.84
N SER D 600 29.11 11.13 -29.91
CA SER D 600 30.46 11.53 -30.33
C SER D 600 31.10 10.43 -31.14
N LEU D 601 30.89 9.18 -30.74
CA LEU D 601 31.35 8.02 -31.48
C LEU D 601 30.67 7.95 -32.87
N ALA D 602 29.35 8.14 -32.90
CA ALA D 602 28.60 8.10 -34.16
C ALA D 602 29.13 9.10 -35.20
N ILE D 603 29.49 10.30 -34.75
CA ILE D 603 30.14 11.35 -35.62
C ILE D 603 31.46 10.82 -36.26
N LYS D 604 32.31 10.24 -35.42
CA LYS D 604 33.54 9.59 -35.89
C LYS D 604 33.25 8.55 -36.97
N SER D 605 32.25 7.71 -36.68
CA SER D 605 31.79 6.69 -37.60
C SER D 605 31.32 7.24 -38.95
N CYS D 606 30.62 8.37 -38.93
CA CYS D 606 30.19 8.99 -40.17
C CYS D 606 31.38 9.51 -40.96
N GLU D 607 32.39 10.01 -40.25
CA GLU D 607 33.62 10.49 -40.97
C GLU D 607 34.21 9.36 -41.82
N TYR D 608 34.27 8.15 -41.23
CA TYR D 608 34.76 6.96 -41.91
C TYR D 608 33.89 6.57 -43.10
N ILE D 609 32.59 6.52 -42.88
CA ILE D 609 31.63 6.22 -43.95
C ILE D 609 31.83 7.17 -45.15
N LYS D 610 31.98 8.46 -44.84
CA LYS D 610 32.08 9.48 -45.84
C LYS D 610 33.28 9.33 -46.76
N GLN D 611 34.37 8.80 -46.22
CA GLN D 611 35.60 8.62 -46.97
C GLN D 611 35.65 7.31 -47.74
N ASN D 612 34.91 6.32 -47.28
CA ASN D 612 34.95 5.00 -47.87
C ASN D 612 33.75 4.63 -48.71
N PHE D 613 32.78 5.53 -48.81
CA PHE D 613 31.62 5.26 -49.66
C PHE D 613 31.23 6.51 -50.38
N THR D 614 30.74 6.32 -51.59
CA THR D 614 30.42 7.44 -52.39
C THR D 614 28.90 7.53 -52.42
N PRO D 615 28.38 8.75 -52.30
CA PRO D 615 26.95 9.03 -52.65
C PRO D 615 26.62 8.78 -54.16
N SER D 616 25.39 8.38 -54.48
CA SER D 616 24.94 8.29 -55.88
C SER D 616 24.56 9.70 -56.39
N PRO D 617 24.49 9.88 -57.73
CA PRO D 617 24.32 11.25 -58.24
C PRO D 617 23.15 12.07 -57.60
PA FAD E . -7.61 -25.38 20.62
O1A FAD E . -6.82 -25.09 19.36
O2A FAD E . -8.46 -24.26 21.17
O5B FAD E . -6.75 -25.90 21.85
C5B FAD E . -5.75 -26.89 21.60
C4B FAD E . -4.57 -26.73 22.48
O4B FAD E . -3.68 -27.81 22.47
C3B FAD E . -3.85 -25.42 22.66
O3B FAD E . -4.10 -24.77 23.85
C2B FAD E . -2.44 -25.82 22.47
O2B FAD E . -1.33 -25.09 22.93
C1B FAD E . -2.40 -27.31 22.59
N9A FAD E . -1.43 -28.16 21.97
C8A FAD E . -1.29 -28.12 20.63
N7A FAD E . -0.39 -29.11 20.35
C5A FAD E . 0.02 -29.68 21.54
C6A FAD E . 0.93 -30.67 21.85
N6A FAD E . 1.64 -31.34 20.96
N1A FAD E . 1.14 -30.93 23.13
C2A FAD E . 0.45 -30.32 24.16
N3A FAD E . -0.48 -29.38 23.90
C4A FAD E . -0.63 -29.03 22.58
N1 FAD E . -15.10 -21.23 16.77
C2 FAD E . -16.39 -21.23 17.14
O2 FAD E . -17.06 -22.24 17.00
N3 FAD E . -16.95 -20.03 17.02
C4 FAD E . -16.48 -18.75 16.86
O4 FAD E . -17.03 -17.66 17.03
C4X FAD E . -15.02 -18.83 16.65
N5 FAD E . -14.32 -17.70 16.49
C5X FAD E . -12.94 -17.76 16.42
C6 FAD E . -12.18 -16.51 16.29
C7 FAD E . -10.80 -16.57 16.44
C7M FAD E . -10.02 -15.27 16.32
C8 FAD E . -10.17 -17.79 16.56
C8M FAD E . -8.66 -17.81 16.79
C9 FAD E . -10.90 -18.98 16.59
C9A FAD E . -12.28 -18.97 16.44
N10 FAD E . -13.02 -20.16 16.58
C10 FAD E . -14.39 -20.09 16.56
C1' FAD E . -12.35 -21.47 16.57
C2' FAD E . -12.28 -22.04 18.01
O2' FAD E . -11.46 -21.18 18.84
C3' FAD E . -11.72 -23.45 17.93
O3' FAD E . -12.61 -24.30 17.19
C4' FAD E . -11.59 -24.09 19.35
O4' FAD E . -10.75 -23.32 20.20
C5' FAD E . -11.04 -25.51 19.19
O5' FAD E . -10.92 -26.07 20.49
P FAD E . -9.91 -27.26 20.79
O1P FAD E . -9.86 -27.38 22.28
O2P FAD E . -10.18 -28.45 19.90
O3P FAD E . -8.54 -26.60 20.19
O16 12P F . 8.15 -29.68 -4.15
C15 12P F . 6.86 -29.27 -3.66
C14 12P F . 6.92 -27.83 -3.16
O13 12P F . 6.69 -27.00 -4.32
C12 12P F . 6.99 -25.66 -4.10
C11 12P F . 6.95 -24.96 -5.43
O10 12P F . 5.59 -24.70 -5.81
C9 12P F . 5.53 -23.99 -7.07
C8 12P F . 4.18 -24.25 -7.76
O7 12P F . 3.96 -25.67 -7.73
C6 12P F . 2.72 -26.06 -8.34
C5 12P F . 2.70 -27.57 -8.56
O4 12P F . 3.72 -27.97 -9.49
C3 12P F . 3.46 -29.22 -10.16
C2 12P F . 4.51 -29.51 -11.25
O1 12P F . 4.16 -28.97 -12.55
O1 MES G . 15.06 -11.50 -3.60
C2 MES G . 16.52 -11.58 -3.71
C3 MES G . 17.00 -12.96 -3.21
N4 MES G . 16.49 -13.29 -1.83
C5 MES G . 15.01 -13.02 -1.70
C6 MES G . 14.67 -11.63 -2.23
C7 MES G . 16.76 -14.72 -1.50
C8 MES G . 16.82 -14.95 0.03
S MES G . 17.90 -13.95 0.87
O1S MES G . 19.30 -14.12 0.36
O2S MES G . 17.97 -14.28 2.31
O3S MES G . 17.55 -12.54 0.65
PA FAD H . 4.19 2.71 33.02
O1A FAD H . 3.58 3.42 31.84
O2A FAD H . 5.06 1.49 32.73
O5B FAD H . 3.15 2.14 34.04
C5B FAD H . 2.30 3.01 34.77
C4B FAD H . 0.94 2.41 34.98
O4B FAD H . -0.01 3.16 35.64
C3B FAD H . 0.23 1.40 34.10
O3B FAD H . 0.35 0.08 34.43
C2B FAD H . -1.20 1.85 34.08
O2B FAD H . -2.23 0.99 33.72
C1B FAD H . -1.34 2.80 35.22
N9A FAD H . -2.25 3.90 35.29
C8A FAD H . -2.26 4.83 34.32
N7A FAD H . -3.20 5.74 34.67
C5A FAD H . -3.76 5.29 35.84
C6A FAD H . -4.76 5.83 36.68
N6A FAD H . -5.34 6.97 36.40
N1A FAD H . -5.16 5.09 37.75
C2A FAD H . -4.55 3.93 38.07
N3A FAD H . -3.57 3.43 37.29
C4A FAD H . -3.16 4.11 36.24
N1 FAD H . 12.29 2.28 28.39
C2 FAD H . 13.61 2.18 28.61
O2 FAD H . 14.09 2.68 29.64
N3 FAD H . 14.20 1.18 27.91
C4 FAD H . 13.79 0.41 26.88
O4 FAD H . 14.41 -0.50 26.27
C4X FAD H . 12.40 0.76 26.49
N5 FAD H . 11.73 -0.03 25.67
C5X FAD H . 10.43 0.26 25.33
C6 FAD H . 9.79 -0.51 24.32
C7 FAD H . 8.38 -0.56 24.23
C7M FAD H . 7.71 -1.39 23.12
C8 FAD H . 7.60 0.18 25.15
C8M FAD H . 6.07 0.26 25.09
C9 FAD H . 8.26 0.96 26.12
C9A FAD H . 9.66 0.94 26.27
N10 FAD H . 10.30 1.79 27.17
C10 FAD H . 11.69 1.64 27.33
C1' FAD H . 9.58 2.75 28.09
C2' FAD H . 9.35 2.14 29.47
O2' FAD H . 8.50 1.01 29.31
C3' FAD H . 8.75 3.20 30.40
O3' FAD H . 9.69 4.29 30.51
C4' FAD H . 8.45 2.62 31.78
O4' FAD H . 7.61 1.50 31.74
C5' FAD H . 7.72 3.67 32.62
O5' FAD H . 7.51 3.13 33.91
P FAD H . 6.35 3.79 34.82
O1P FAD H . 6.20 2.83 35.97
O2P FAD H . 6.67 5.25 35.06
O3P FAD H . 5.01 3.77 33.95
O16 12P I . -9.14 24.59 17.17
C15 12P I . -7.83 24.11 16.90
C14 12P I . -7.85 22.61 16.75
O13 12P I . -7.00 22.20 15.63
C12 12P I . -7.47 21.39 14.57
C11 12P I . -7.11 21.85 13.13
O10 12P I . -5.71 21.87 12.86
C9 12P I . -5.46 22.08 11.48
C8 12P I . -4.06 22.61 11.33
O7 12P I . -4.03 23.76 12.19
C6 12P I . -2.75 24.41 12.04
C5 12P I . -2.61 25.59 12.98
O4 12P I . -3.57 26.58 12.64
C3 12P I . -3.48 27.75 13.45
C2 12P I . -4.55 28.76 13.04
O1 12P I . -4.31 29.27 11.70
PA FAD J . -13.42 17.67 -25.47
O1A FAD J . -13.20 18.00 -24.04
O2A FAD J . -13.04 16.37 -26.11
O5B FAD J . -12.61 18.80 -26.28
C5B FAD J . -12.74 20.12 -25.91
C4B FAD J . -11.48 20.89 -26.26
O4B FAD J . -11.50 22.29 -26.11
C3B FAD J . -10.08 20.42 -26.14
O3B FAD J . -9.34 19.79 -27.11
C2B FAD J . -9.38 21.54 -25.40
O2B FAD J . -8.00 21.65 -25.31
C1B FAD J . -10.27 22.70 -25.60
N9A FAD J . -10.37 23.85 -24.76
C8A FAD J . -10.74 23.80 -23.47
N7A FAD J . -10.75 25.11 -23.04
C5A FAD J . -10.37 25.92 -24.07
C6A FAD J . -10.19 27.28 -24.14
N6A FAD J . -10.49 28.13 -23.11
N1A FAD J . -9.81 27.76 -25.34
C2A FAD J . -9.54 26.96 -26.43
N3A FAD J . -9.70 25.61 -26.37
C4A FAD J . -10.14 25.12 -25.21
N1 FAD J . -17.52 9.36 -24.05
C2 FAD J . -18.24 8.60 -24.87
O2 FAD J . -19.40 8.96 -25.10
N3 FAD J . -17.95 7.26 -24.85
C4 FAD J . -16.84 6.67 -24.36
O4 FAD J . -16.38 5.56 -24.64
C4X FAD J . -16.00 7.56 -23.52
N5 FAD J . -14.86 7.15 -22.97
C5X FAD J . -14.02 8.00 -22.38
C6 FAD J . -12.82 7.54 -21.79
C7 FAD J . -11.73 8.41 -21.54
C7M FAD J . -10.46 7.83 -20.96
C8 FAD J . -11.96 9.79 -21.58
C8M FAD J . -10.82 10.76 -21.31
C9 FAD J . -13.22 10.25 -22.05
C9A FAD J . -14.19 9.38 -22.55
N10 FAD J . -15.40 9.82 -23.05
C10 FAD J . -16.26 8.94 -23.68
C1' FAD J . -15.85 11.21 -22.92
C2' FAD J . -15.65 11.94 -24.28
O2' FAD J . -14.27 11.87 -24.52
C3' FAD J . -16.14 13.34 -24.16
O3' FAD J . -17.54 13.37 -23.89
C4' FAD J . -15.92 14.10 -25.53
O4' FAD J . -14.55 14.09 -25.89
C5' FAD J . -16.37 15.52 -25.39
O5' FAD J . -16.21 16.14 -26.69
P FAD J . -16.08 17.75 -26.69
O1P FAD J . -15.60 18.08 -28.06
O2P FAD J . -17.39 18.43 -26.20
O3P FAD J . -14.95 18.06 -25.59
O16 12P K . -14.24 27.48 2.40
C15 12P K . -14.64 26.33 1.68
C14 12P K . -13.42 25.44 1.52
O13 12P K . -13.53 24.40 2.51
C12 12P K . -12.24 23.80 2.76
C11 12P K . -12.30 22.78 3.89
O10 12P K . -13.55 22.09 3.90
C9 12P K . -13.52 20.99 4.80
C8 12P K . -14.90 20.35 4.96
O7 12P K . -15.91 21.32 5.02
C6 12P K . -17.19 20.68 4.95
C5 12P K . -18.30 21.73 4.90
O4 12P K . -18.28 22.47 6.12
C3 12P K . -19.11 23.64 5.99
C2 12P K . -19.14 24.42 7.32
O1 12P K . -19.42 23.55 8.44
O1 MES L . -26.58 -27.67 -35.65
C2 MES L . -25.88 -27.12 -36.78
C3 MES L . -24.42 -26.73 -36.52
N4 MES L . -24.33 -25.79 -35.37
C5 MES L . -25.00 -26.44 -34.18
C6 MES L . -26.45 -26.90 -34.45
C7 MES L . -22.90 -25.44 -35.12
C8 MES L . -22.65 -24.64 -33.83
S MES L . -23.04 -23.00 -33.88
O1S MES L . -22.35 -22.46 -35.07
O2S MES L . -22.49 -22.30 -32.72
O3S MES L . -24.48 -22.81 -33.87
PA FAD M . 16.84 5.03 -28.71
O1A FAD M . 16.39 3.78 -27.95
O2A FAD M . 16.58 6.47 -28.32
O5B FAD M . 16.20 4.93 -30.19
C5B FAD M . 16.36 3.73 -30.92
C4B FAD M . 15.16 3.47 -31.80
O4B FAD M . 15.19 2.46 -32.75
C3B FAD M . 13.73 3.78 -31.44
O3B FAD M . 13.08 4.91 -31.89
C2B FAD M . 13.01 2.49 -31.72
O2B FAD M . 11.64 2.40 -31.86
C1B FAD M . 13.99 1.75 -32.61
N9A FAD M . 13.98 0.35 -32.88
C8A FAD M . 14.23 -0.55 -31.91
N7A FAD M . 14.19 -1.78 -32.50
C5A FAD M . 13.97 -1.59 -33.84
C6A FAD M . 13.90 -2.50 -34.88
N6A FAD M . 14.01 -3.85 -34.73
N1A FAD M . 13.65 -1.95 -36.11
C2A FAD M . 13.50 -0.58 -36.33
N3A FAD M . 13.62 0.31 -35.30
C4A FAD M . 13.83 -0.22 -34.09
N1 FAD M . 20.50 9.77 -21.41
C2 FAD M . 21.27 10.86 -21.45
O2 FAD M . 22.51 10.70 -21.75
N3 FAD M . 20.94 11.76 -20.50
C4 FAD M . 19.75 11.99 -19.90
O4 FAD M . 19.41 13.04 -19.33
C4X FAD M . 18.91 10.76 -19.90
N5 FAD M . 17.66 10.87 -19.51
C5X FAD M . 16.84 9.78 -19.62
C6 FAD M . 15.52 9.86 -19.08
C7 FAD M . 14.47 9.03 -19.50
C7M FAD M . 13.09 9.39 -19.03
C8 FAD M . 14.69 8.14 -20.58
C8M FAD M . 13.65 7.15 -21.06
C9 FAD M . 16.00 8.03 -21.07
C9A FAD M . 17.05 8.86 -20.63
N10 FAD M . 18.33 8.82 -21.17
C10 FAD M . 19.21 9.86 -20.92
C1' FAD M . 18.72 7.77 -22.18
C2' FAD M . 18.74 8.27 -23.59
O2' FAD M . 17.41 8.63 -23.96
C3' FAD M . 19.24 7.17 -24.52
O3' FAD M . 20.53 6.69 -24.13
C4' FAD M . 19.17 7.63 -26.02
O4' FAD M . 17.85 7.98 -26.39
C5' FAD M . 19.64 6.46 -26.92
O5' FAD M . 19.57 6.82 -28.28
P FAD M . 19.61 5.72 -29.44
O1P FAD M . 19.39 6.54 -30.63
O2P FAD M . 20.80 4.80 -29.27
O3P FAD M . 18.37 4.68 -29.07
O16 12P N . 15.63 -21.69 -15.89
C15 12P N . 15.69 -20.27 -16.00
C14 12P N . 14.44 -19.61 -15.43
O13 12P N . 14.40 -19.70 -14.00
C12 12P N . 13.41 -18.90 -13.38
C11 12P N . 13.39 -19.31 -11.91
O10 12P N . 14.22 -18.46 -11.11
C9 12P N . 14.20 -18.81 -9.73
C8 12P N . 15.55 -18.35 -9.19
O7 12P N . 16.61 -19.18 -9.66
C6 12P N . 17.88 -18.80 -9.10
C5 12P N . 19.00 -19.61 -9.77
O4 12P N . 18.83 -21.00 -9.57
#